data_5TDH
#
_entry.id   5TDH
#
_cell.length_a   126.009
_cell.length_b   54.570
_cell.length_c   138.350
_cell.angle_alpha   90.00
_cell.angle_beta   113.10
_cell.angle_gamma   90.00
#
_symmetry.space_group_name_H-M   'P 1 21 1'
#
loop_
_entity.id
_entity.type
_entity.pdbx_description
1 polymer 'Guanine nucleotide-binding protein G(i) subunit alpha-1'
2 polymer 'Guanine nucleotide-binding protein G(I)/G(S)/G(T) subunit beta-1'
3 polymer 'Guanine nucleotide-binding protein G(I)/G(S)/G(O) subunit gamma-2'
4 non-polymer "GUANOSINE-5'-DIPHOSPHATE"
#
loop_
_entity_poly.entity_id
_entity_poly.type
_entity_poly.pdbx_seq_one_letter_code
_entity_poly.pdbx_strand_id
1 'polypeptide(L)'
;MGCTLSAEDKAAVERSKMIDRNLREDGEKAAREVKLLLLGAGESGKSTIVKQMKIIHEAGYSEEECKQYKAVVYSNTIQS
IIAIIRAMGRLKIDFGDAARADDARQLFVLAGAAEEGFMTAELAGVIKRLWKDSGVQACFNRSREYQLNDSAAYYLNDLD
RIAQPNYIPTQQDVLRTRVKTTGIVETHFTFKDLHFKMFDVGAQRSERKKWIHCFEGVTAIIFCVALSDYDLVLAEDEEM
NRMHESMKLFDSICNNKWFTDTSIILFLNKKDLFEEKIKKSPLTICYPEYAGSNTYEEAAAYIQCQFEDLNKRKDTKEIY
THFTCSTDTKNVQFVFDAVTDVIIKNNLKDCGLF
;
A,H
2 'polypeptide(L)'
;SAMSELDQLRQEAEQLKNQIRDARKACADATLSQITNNIDPVGRIQMRTRRTLRGHLAKIYAMHWGTDSRLLVSASQDGK
LIIWDSYTTNKVHAIPLRSSWVMTCAYAPSGNYVACGGLDNICSIYNLKTREGNVRVSRELAGHTGYLSCCRFLDDNQIV
TSSGDTTCALWDIETGQQTTTFTGHTGDVMSLSLAPDTRLFVSGACDASAKLWDVREGMCRQTFTGHESDINAICFFPNG
NAFATGSDDATCRLFDLRADQELMTYSHDNIICGITSVSFSKSGRLLLAGYDDFNCNVWDALKADRAGVLAGHDNRVSCL
GVTDDGMAVATGSWDSFLKIWN
;
B,J
3 'polypeptide(L)' MASNNTASIAQARKLVEQLKMEANIDRIKVSKAAADLMAYCEAHAKEDPLLTPVPASENPFREKKFFC G,K
#
# COMPACT_ATOMS: atom_id res chain seq x y z
N SER A 6 -15.10 -4.20 -31.69
CA SER A 6 -14.28 -4.69 -32.79
C SER A 6 -13.93 -3.57 -33.76
N ALA A 7 -13.63 -2.40 -33.21
CA ALA A 7 -13.29 -1.23 -34.02
C ALA A 7 -12.00 -0.58 -33.55
N GLU A 8 -12.03 -0.05 -32.33
CA GLU A 8 -10.91 0.71 -31.79
C GLU A 8 -9.76 -0.18 -31.34
N ASP A 9 -10.05 -1.46 -31.15
CA ASP A 9 -9.03 -2.41 -30.72
C ASP A 9 -8.21 -2.90 -31.92
N LYS A 10 -8.60 -2.45 -33.10
CA LYS A 10 -7.91 -2.81 -34.34
C LYS A 10 -6.56 -2.09 -34.41
N ALA A 11 -6.46 -0.96 -33.71
CA ALA A 11 -5.22 -0.20 -33.63
C ALA A 11 -4.14 -1.04 -32.98
N ALA A 12 -4.55 -1.89 -32.05
CA ALA A 12 -3.61 -2.78 -31.36
C ALA A 12 -3.16 -3.89 -32.30
N VAL A 13 -4.07 -4.37 -33.14
CA VAL A 13 -3.77 -5.41 -34.11
C VAL A 13 -2.74 -4.91 -35.13
N GLU A 14 -2.85 -3.65 -35.51
CA GLU A 14 -1.93 -3.02 -36.45
C GLU A 14 -0.51 -2.96 -35.90
N ARG A 15 -0.40 -2.73 -34.59
CA ARG A 15 0.91 -2.66 -33.95
C ARG A 15 1.52 -4.06 -33.84
N SER A 16 0.66 -5.06 -33.66
CA SER A 16 1.11 -6.45 -33.61
C SER A 16 1.74 -6.88 -34.94
N LYS A 17 1.16 -6.43 -36.05
CA LYS A 17 1.68 -6.76 -37.37
C LYS A 17 2.98 -6.00 -37.65
N MET A 18 3.11 -4.81 -37.08
CA MET A 18 4.35 -4.05 -37.19
C MET A 18 5.47 -4.82 -36.50
N ILE A 19 5.16 -5.35 -35.32
CA ILE A 19 6.08 -6.17 -34.56
C ILE A 19 6.39 -7.46 -35.31
N ASP A 20 5.35 -8.08 -35.86
CA ASP A 20 5.47 -9.35 -36.56
C ASP A 20 6.42 -9.27 -37.76
N ARG A 21 6.41 -8.14 -38.45
CA ARG A 21 7.28 -7.94 -39.61
C ARG A 21 8.74 -7.77 -39.17
N ASN A 22 8.93 -7.03 -38.07
CA ASN A 22 10.27 -6.78 -37.55
C ASN A 22 10.98 -8.05 -37.11
N LEU A 23 10.22 -9.00 -36.57
CA LEU A 23 10.78 -10.30 -36.20
C LEU A 23 11.23 -11.06 -37.44
N ARG A 24 10.42 -10.98 -38.48
CA ARG A 24 10.74 -11.62 -39.76
C ARG A 24 12.02 -11.05 -40.35
N GLU A 25 12.18 -9.73 -40.25
CA GLU A 25 13.37 -9.06 -40.76
C GLU A 25 14.62 -9.49 -40.00
N ASP A 26 14.52 -9.56 -38.67
CA ASP A 26 15.62 -10.02 -37.85
C ASP A 26 15.94 -11.49 -38.11
N GLY A 27 14.89 -12.28 -38.34
CA GLY A 27 15.06 -13.69 -38.58
C GLY A 27 15.75 -14.04 -39.89
N GLU A 28 15.49 -13.26 -40.92
CA GLU A 28 16.12 -13.46 -42.22
C GLU A 28 17.63 -13.29 -42.13
N LYS A 29 18.06 -12.22 -41.46
CA LYS A 29 19.47 -11.89 -41.35
C LYS A 29 20.20 -12.83 -40.38
N ALA A 30 19.48 -13.34 -39.39
CA ALA A 30 20.08 -14.23 -38.40
C ALA A 30 20.45 -15.59 -39.01
N ALA A 31 19.68 -16.01 -40.00
CA ALA A 31 19.87 -17.31 -40.64
C ALA A 31 21.16 -17.37 -41.47
N ARG A 32 21.64 -16.21 -41.91
CA ARG A 32 22.84 -16.15 -42.74
C ARG A 32 24.11 -16.01 -41.91
N GLU A 33 23.96 -16.04 -40.58
CA GLU A 33 25.11 -15.89 -39.70
C GLU A 33 25.66 -17.24 -39.25
N VAL A 34 26.97 -17.42 -39.43
CA VAL A 34 27.68 -18.59 -38.94
C VAL A 34 27.95 -18.49 -37.44
N LYS A 35 27.61 -19.52 -36.68
CA LYS A 35 27.76 -19.49 -35.24
C LYS A 35 28.92 -20.36 -34.75
N LEU A 36 29.96 -19.71 -34.24
CA LEU A 36 31.13 -20.40 -33.69
C LEU A 36 31.09 -20.45 -32.17
N LEU A 37 31.57 -21.55 -31.60
CA LEU A 37 31.57 -21.73 -30.16
C LEU A 37 32.98 -21.95 -29.61
N LEU A 38 33.47 -20.98 -28.85
CA LEU A 38 34.78 -21.08 -28.19
C LEU A 38 34.66 -21.88 -26.90
N LEU A 39 35.53 -22.88 -26.75
CA LEU A 39 35.56 -23.68 -25.53
C LEU A 39 36.99 -23.86 -25.04
N GLY A 40 37.14 -24.66 -23.99
CA GLY A 40 38.44 -24.89 -23.39
C GLY A 40 38.62 -24.26 -22.03
N ALA A 41 39.68 -24.67 -21.35
CA ALA A 41 39.98 -24.23 -20.00
C ALA A 41 40.37 -22.76 -19.92
N GLY A 42 40.34 -22.20 -18.72
CA GLY A 42 40.76 -20.83 -18.51
C GLY A 42 42.21 -20.65 -18.94
N GLU A 43 42.54 -19.44 -19.38
CA GLU A 43 43.88 -19.07 -19.84
C GLU A 43 44.31 -19.86 -21.07
N SER A 44 43.36 -20.34 -21.86
CA SER A 44 43.73 -21.10 -23.05
C SER A 44 43.85 -20.23 -24.29
N GLY A 45 43.48 -18.97 -24.17
CA GLY A 45 43.61 -18.06 -25.29
C GLY A 45 42.30 -17.69 -25.97
N LYS A 46 41.18 -18.07 -25.38
CA LYS A 46 39.87 -17.78 -25.97
C LYS A 46 39.62 -16.27 -26.10
N SER A 47 39.93 -15.53 -25.05
CA SER A 47 39.78 -14.07 -25.10
C SER A 47 40.74 -13.44 -26.11
N THR A 48 41.94 -14.00 -26.24
CA THR A 48 42.93 -13.49 -27.18
C THR A 48 42.46 -13.61 -28.63
N ILE A 49 41.89 -14.78 -28.96
CA ILE A 49 41.45 -15.06 -30.31
C ILE A 49 40.30 -14.15 -30.75
N VAL A 50 39.34 -13.93 -29.85
CA VAL A 50 38.23 -13.01 -30.10
C VAL A 50 38.75 -11.64 -30.49
N LYS A 51 39.77 -11.17 -29.76
CA LYS A 51 40.41 -9.90 -30.07
C LYS A 51 41.02 -9.92 -31.47
N GLN A 52 41.63 -11.05 -31.82
CA GLN A 52 42.26 -11.20 -33.14
C GLN A 52 41.23 -11.13 -34.26
N MET A 53 40.04 -11.67 -34.01
CA MET A 53 38.95 -11.59 -34.98
C MET A 53 38.57 -10.13 -35.22
N LYS A 54 38.54 -9.35 -34.14
CA LYS A 54 38.28 -7.92 -34.26
C LYS A 54 39.42 -7.21 -34.97
N ILE A 55 40.65 -7.62 -34.66
CA ILE A 55 41.84 -7.04 -35.29
C ILE A 55 41.89 -7.35 -36.78
N ILE A 56 41.79 -8.62 -37.11
CA ILE A 56 41.97 -9.08 -38.49
C ILE A 56 40.80 -8.76 -39.42
N HIS A 57 39.60 -9.16 -39.03
CA HIS A 57 38.46 -9.10 -39.94
C HIS A 57 37.62 -7.85 -39.76
N GLU A 58 38.01 -7.01 -38.82
CA GLU A 58 37.33 -5.73 -38.61
C GLU A 58 38.38 -4.62 -38.45
N ALA A 59 37.91 -3.43 -38.09
CA ALA A 59 38.78 -2.26 -37.96
C ALA A 59 39.98 -2.50 -37.05
N GLY A 60 39.82 -3.38 -36.07
CA GLY A 60 40.88 -3.64 -35.12
C GLY A 60 40.79 -2.71 -33.93
N TYR A 61 41.95 -2.41 -33.34
CA TYR A 61 41.99 -1.51 -32.20
C TYR A 61 42.68 -0.20 -32.54
N SER A 62 41.90 0.87 -32.57
CA SER A 62 42.43 2.20 -32.83
C SER A 62 43.06 2.79 -31.58
N GLU A 63 43.51 4.04 -31.66
CA GLU A 63 44.15 4.71 -30.53
C GLU A 63 43.21 4.79 -29.33
N GLU A 64 41.98 5.23 -29.57
CA GLU A 64 41.00 5.39 -28.51
C GLU A 64 40.61 4.05 -27.87
N GLU A 65 40.55 3.00 -28.68
CA GLU A 65 40.22 1.68 -28.15
C GLU A 65 41.35 1.14 -27.29
N CYS A 66 42.59 1.43 -27.69
CA CYS A 66 43.77 1.00 -26.94
C CYS A 66 43.86 1.74 -25.61
N LYS A 67 43.48 3.01 -25.61
CA LYS A 67 43.56 3.83 -24.42
C LYS A 67 42.64 3.32 -23.31
N GLN A 68 41.55 2.65 -23.70
CA GLN A 68 40.66 2.00 -22.75
C GLN A 68 41.38 0.90 -21.97
N TYR A 69 42.29 0.22 -22.65
CA TYR A 69 43.02 -0.92 -22.07
C TYR A 69 44.25 -0.52 -21.26
N LYS A 70 44.61 0.76 -21.28
CA LYS A 70 45.80 1.24 -20.59
C LYS A 70 45.77 0.90 -19.11
N ALA A 71 44.59 1.02 -18.50
CA ALA A 71 44.42 0.68 -17.10
C ALA A 71 44.67 -0.80 -16.83
N VAL A 72 44.13 -1.65 -17.70
CA VAL A 72 44.25 -3.10 -17.55
C VAL A 72 45.72 -3.55 -17.69
N VAL A 73 46.46 -2.85 -18.54
CA VAL A 73 47.89 -3.14 -18.72
C VAL A 73 48.63 -2.95 -17.40
N TYR A 74 48.34 -1.86 -16.71
CA TYR A 74 48.98 -1.59 -15.43
C TYR A 74 48.58 -2.62 -14.37
N SER A 75 47.31 -2.99 -14.35
CA SER A 75 46.80 -3.98 -13.41
C SER A 75 47.48 -5.33 -13.58
N ASN A 76 47.57 -5.79 -14.82
CA ASN A 76 48.22 -7.06 -15.10
C ASN A 76 49.68 -7.08 -14.71
N THR A 77 50.34 -5.94 -14.86
CA THR A 77 51.76 -5.82 -14.54
C THR A 77 51.99 -5.95 -13.05
N ILE A 78 51.18 -5.23 -12.29
CA ILE A 78 51.25 -5.22 -10.83
C ILE A 78 50.92 -6.58 -10.25
N GLN A 79 49.83 -7.17 -10.74
CA GLN A 79 49.38 -8.48 -10.25
C GLN A 79 50.40 -9.56 -10.54
N SER A 80 51.18 -9.38 -11.60
CA SER A 80 52.24 -10.34 -11.97
C SER A 80 53.42 -10.34 -10.99
N ILE A 81 54.01 -9.17 -10.76
CA ILE A 81 55.18 -9.06 -9.90
C ILE A 81 54.83 -9.42 -8.46
N ILE A 82 53.59 -9.10 -8.07
CA ILE A 82 53.08 -9.43 -6.74
C ILE A 82 53.00 -10.94 -6.54
N ALA A 83 52.55 -11.66 -7.56
CA ALA A 83 52.43 -13.11 -7.51
C ALA A 83 53.78 -13.79 -7.33
N ILE A 84 54.81 -13.21 -7.92
CA ILE A 84 56.16 -13.75 -7.82
C ILE A 84 56.69 -13.57 -6.40
N ILE A 85 56.48 -12.37 -5.85
CA ILE A 85 56.92 -12.04 -4.50
C ILE A 85 56.27 -12.98 -3.48
N ARG A 86 54.98 -13.22 -3.65
CA ARG A 86 54.23 -14.13 -2.78
C ARG A 86 54.81 -15.55 -2.84
N ALA A 87 55.25 -15.97 -4.02
CA ALA A 87 55.81 -17.30 -4.21
C ALA A 87 57.20 -17.44 -3.59
N MET A 88 57.90 -16.31 -3.46
CA MET A 88 59.25 -16.31 -2.87
C MET A 88 59.21 -16.84 -1.44
N GLY A 89 58.13 -16.53 -0.73
CA GLY A 89 57.96 -17.00 0.63
C GLY A 89 57.73 -18.50 0.69
N ARG A 90 56.87 -18.99 -0.18
CA ARG A 90 56.52 -20.40 -0.24
C ARG A 90 57.73 -21.26 -0.61
N LEU A 91 58.56 -20.74 -1.52
CA LEU A 91 59.71 -21.50 -2.02
C LEU A 91 61.00 -21.19 -1.26
N LYS A 92 60.88 -20.39 -0.21
CA LYS A 92 62.03 -20.00 0.63
C LYS A 92 63.13 -19.31 -0.18
N ILE A 93 62.75 -18.39 -1.07
CA ILE A 93 63.73 -17.72 -1.93
C ILE A 93 64.02 -16.31 -1.43
N ASP A 94 65.22 -16.11 -0.91
CA ASP A 94 65.61 -14.81 -0.37
C ASP A 94 65.88 -13.79 -1.48
N PHE A 95 65.74 -12.52 -1.15
CA PHE A 95 66.07 -11.44 -2.07
C PHE A 95 67.57 -11.43 -2.31
N GLY A 96 67.98 -10.95 -3.48
CA GLY A 96 69.40 -10.82 -3.79
C GLY A 96 69.97 -9.69 -2.97
N ASP A 97 69.20 -8.61 -2.88
CA ASP A 97 69.54 -7.48 -2.01
C ASP A 97 68.46 -7.39 -0.92
N ALA A 98 68.89 -7.39 0.34
CA ALA A 98 67.96 -7.37 1.47
C ALA A 98 67.09 -6.11 1.49
N ALA A 99 67.56 -5.06 0.82
CA ALA A 99 66.82 -3.80 0.77
C ALA A 99 65.59 -3.87 -0.12
N ARG A 100 65.48 -4.94 -0.91
CA ARG A 100 64.36 -5.11 -1.82
C ARG A 100 63.09 -5.49 -1.06
N ALA A 101 63.25 -5.92 0.19
CA ALA A 101 62.13 -6.23 1.06
C ALA A 101 61.34 -4.96 1.38
N ASP A 102 62.02 -3.82 1.31
CA ASP A 102 61.36 -2.54 1.49
C ASP A 102 60.49 -2.18 0.29
N ASP A 103 60.99 -2.46 -0.90
CA ASP A 103 60.23 -2.25 -2.12
C ASP A 103 59.05 -3.20 -2.18
N ALA A 104 59.28 -4.45 -1.75
CA ALA A 104 58.23 -5.45 -1.70
C ALA A 104 57.06 -5.00 -0.83
N ARG A 105 57.36 -4.40 0.31
CA ARG A 105 56.31 -3.85 1.18
C ARG A 105 55.63 -2.66 0.54
N GLN A 106 56.44 -1.72 0.05
CA GLN A 106 55.93 -0.52 -0.60
C GLN A 106 55.05 -0.87 -1.79
N LEU A 107 55.39 -1.96 -2.47
CA LEU A 107 54.57 -2.47 -3.57
C LEU A 107 53.16 -2.78 -3.12
N PHE A 108 53.04 -3.62 -2.09
CA PHE A 108 51.74 -4.02 -1.57
C PHE A 108 50.96 -2.82 -1.01
N VAL A 109 51.68 -1.87 -0.43
CA VAL A 109 51.05 -0.65 0.06
C VAL A 109 50.53 0.19 -1.10
N LEU A 110 51.39 0.44 -2.09
CA LEU A 110 51.02 1.24 -3.25
C LEU A 110 50.02 0.49 -4.15
N ALA A 111 50.03 -0.84 -4.06
CA ALA A 111 49.06 -1.63 -4.80
C ALA A 111 47.66 -1.40 -4.21
N GLY A 112 47.63 -0.88 -2.99
CA GLY A 112 46.38 -0.62 -2.29
C GLY A 112 45.79 0.76 -2.56
N ALA A 113 46.59 1.64 -3.17
CA ALA A 113 46.21 3.03 -3.35
C ALA A 113 44.98 3.24 -4.22
N ALA A 114 44.75 2.32 -5.15
CA ALA A 114 43.61 2.42 -6.06
C ALA A 114 43.06 1.05 -6.42
N GLU A 115 41.74 0.96 -6.61
CA GLU A 115 41.15 -0.29 -7.06
C GLU A 115 41.27 -0.41 -8.58
N GLU A 116 41.78 0.64 -9.23
CA GLU A 116 42.08 0.55 -10.65
C GLU A 116 43.59 0.64 -10.83
N GLY A 117 44.09 0.37 -12.04
CA GLY A 117 45.52 0.41 -12.22
C GLY A 117 46.02 1.82 -12.42
N PHE A 118 46.70 2.36 -11.42
CA PHE A 118 47.28 3.68 -11.53
C PHE A 118 48.75 3.41 -11.70
N MET A 119 49.45 4.25 -12.44
CA MET A 119 50.87 4.06 -12.58
C MET A 119 51.59 5.38 -12.41
N THR A 120 52.43 5.46 -11.39
CA THR A 120 53.21 6.64 -11.10
C THR A 120 54.69 6.28 -11.07
N ALA A 121 55.53 7.30 -11.17
CA ALA A 121 56.99 7.12 -11.14
C ALA A 121 57.45 6.30 -9.95
N GLU A 122 56.85 6.56 -8.78
CA GLU A 122 57.21 5.85 -7.55
C GLU A 122 56.99 4.35 -7.64
N LEU A 123 55.81 3.96 -8.10
CA LEU A 123 55.46 2.54 -8.24
C LEU A 123 56.31 1.87 -9.31
N ALA A 124 56.58 2.60 -10.40
CA ALA A 124 57.39 2.07 -11.49
C ALA A 124 58.80 1.72 -11.00
N GLY A 125 59.39 2.63 -10.22
CA GLY A 125 60.71 2.41 -9.67
C GLY A 125 60.76 1.21 -8.76
N VAL A 126 59.69 1.01 -7.98
CA VAL A 126 59.59 -0.13 -7.08
C VAL A 126 59.51 -1.45 -7.84
N ILE A 127 58.60 -1.53 -8.81
CA ILE A 127 58.44 -2.73 -9.62
C ILE A 127 59.71 -3.05 -10.40
N LYS A 128 60.34 -2.02 -10.94
CA LYS A 128 61.57 -2.18 -11.71
C LYS A 128 62.70 -2.76 -10.87
N ARG A 129 62.97 -2.14 -9.73
CA ARG A 129 64.03 -2.61 -8.83
C ARG A 129 63.77 -4.04 -8.34
N LEU A 130 62.51 -4.35 -8.07
CA LEU A 130 62.14 -5.72 -7.72
C LEU A 130 62.44 -6.67 -8.88
N TRP A 131 62.01 -6.29 -10.07
CA TRP A 131 62.14 -7.14 -11.26
C TRP A 131 63.60 -7.41 -11.61
N LYS A 132 64.46 -6.41 -11.39
CA LYS A 132 65.89 -6.56 -11.68
C LYS A 132 66.57 -7.45 -10.65
N ASP A 133 65.96 -7.55 -9.47
CA ASP A 133 66.54 -8.29 -8.37
C ASP A 133 66.72 -9.76 -8.68
N SER A 134 67.89 -10.29 -8.32
CA SER A 134 68.29 -11.65 -8.65
C SER A 134 67.43 -12.70 -7.94
N GLY A 135 66.91 -12.34 -6.77
CA GLY A 135 66.06 -13.23 -6.01
C GLY A 135 64.72 -13.44 -6.70
N VAL A 136 64.18 -12.36 -7.22
CA VAL A 136 62.89 -12.39 -7.89
C VAL A 136 63.02 -13.16 -9.20
N GLN A 137 64.14 -12.96 -9.89
CA GLN A 137 64.41 -13.67 -11.13
C GLN A 137 64.56 -15.16 -10.92
N ALA A 138 65.17 -15.55 -9.80
CA ALA A 138 65.32 -16.95 -9.47
C ALA A 138 63.97 -17.59 -9.16
N CYS A 139 63.05 -16.80 -8.61
CA CYS A 139 61.69 -17.29 -8.34
C CYS A 139 60.89 -17.35 -9.63
N PHE A 140 61.22 -16.46 -10.57
CA PHE A 140 60.56 -16.42 -11.88
C PHE A 140 60.85 -17.69 -12.67
N ASN A 141 62.10 -18.13 -12.62
CA ASN A 141 62.51 -19.31 -13.36
C ASN A 141 61.82 -20.57 -12.81
N ARG A 142 61.31 -20.45 -11.60
CA ARG A 142 60.58 -21.54 -10.93
C ARG A 142 59.07 -21.40 -11.10
N SER A 143 58.64 -20.47 -11.97
CA SER A 143 57.24 -20.16 -12.17
C SER A 143 56.36 -21.36 -12.51
N ARG A 144 56.97 -22.46 -12.95
CA ARG A 144 56.22 -23.68 -13.20
C ARG A 144 55.71 -24.30 -11.90
N GLU A 145 56.16 -23.78 -10.76
CA GLU A 145 55.77 -24.29 -9.45
C GLU A 145 54.63 -23.51 -8.79
N TYR A 146 54.18 -22.43 -9.45
CA TYR A 146 53.06 -21.64 -8.94
C TYR A 146 52.31 -20.94 -10.07
N GLN A 147 51.12 -20.44 -9.78
CA GLN A 147 50.30 -19.78 -10.79
C GLN A 147 50.87 -18.41 -11.18
N LEU A 148 51.14 -18.22 -12.47
CA LEU A 148 51.70 -16.98 -12.98
C LEU A 148 51.26 -16.70 -14.41
N ASN A 149 51.10 -15.42 -14.76
CA ASN A 149 50.71 -15.03 -16.10
C ASN A 149 51.80 -15.32 -17.14
N ASP A 150 51.37 -15.73 -18.33
CA ASP A 150 52.29 -15.94 -19.44
C ASP A 150 52.76 -14.60 -20.00
N SER A 151 51.98 -13.56 -19.76
CA SER A 151 52.31 -12.22 -20.24
C SER A 151 53.14 -11.45 -19.21
N ALA A 152 53.49 -12.13 -18.13
CA ALA A 152 54.19 -11.51 -17.01
C ALA A 152 55.53 -10.89 -17.44
N ALA A 153 56.40 -11.71 -18.02
CA ALA A 153 57.71 -11.25 -18.44
C ALA A 153 57.59 -10.28 -19.61
N TYR A 154 56.52 -10.41 -20.38
CA TYR A 154 56.29 -9.52 -21.52
C TYR A 154 56.13 -8.07 -21.08
N TYR A 155 55.27 -7.85 -20.07
CA TYR A 155 55.02 -6.52 -19.53
C TYR A 155 56.18 -6.00 -18.70
N LEU A 156 56.78 -6.88 -17.89
CA LEU A 156 57.82 -6.48 -16.95
C LEU A 156 59.13 -6.11 -17.64
N ASN A 157 59.40 -6.73 -18.77
CA ASN A 157 60.58 -6.39 -19.56
C ASN A 157 60.36 -5.11 -20.35
N ASP A 158 59.10 -4.82 -20.65
CA ASP A 158 58.73 -3.61 -21.37
C ASP A 158 58.31 -2.48 -20.43
N LEU A 159 58.49 -2.71 -19.12
CA LEU A 159 58.08 -1.77 -18.08
C LEU A 159 58.53 -0.33 -18.30
N ASP A 160 59.76 -0.14 -18.77
CA ASP A 160 60.30 1.18 -19.05
C ASP A 160 59.42 1.97 -20.03
N ARG A 161 58.87 1.26 -21.01
CA ARG A 161 57.96 1.87 -21.97
C ARG A 161 56.58 2.09 -21.37
N ILE A 162 56.12 1.10 -20.60
CA ILE A 162 54.79 1.12 -20.01
C ILE A 162 54.69 2.20 -18.92
N ALA A 163 55.81 2.46 -18.24
CA ALA A 163 55.84 3.43 -17.14
C ALA A 163 55.75 4.88 -17.62
N GLN A 164 55.82 5.09 -18.93
CA GLN A 164 55.83 6.44 -19.49
C GLN A 164 54.52 7.20 -19.25
N PRO A 165 54.62 8.53 -19.07
CA PRO A 165 53.44 9.37 -18.81
C PRO A 165 52.50 9.45 -20.01
N ASN A 166 53.08 9.47 -21.22
CA ASN A 166 52.34 9.59 -22.46
C ASN A 166 52.00 8.23 -23.07
N TYR A 167 52.30 7.17 -22.33
CA TYR A 167 52.15 5.79 -22.82
C TYR A 167 50.76 5.47 -23.35
N ILE A 168 50.74 4.85 -24.53
CA ILE A 168 49.53 4.31 -25.12
C ILE A 168 49.78 2.85 -25.49
N PRO A 169 48.82 1.96 -25.21
CA PRO A 169 49.02 0.53 -25.50
C PRO A 169 49.05 0.24 -27.00
N THR A 170 50.00 -0.59 -27.43
CA THR A 170 50.02 -1.08 -28.80
C THR A 170 48.96 -2.17 -28.93
N GLN A 171 48.79 -2.71 -30.14
CA GLN A 171 47.81 -3.79 -30.33
C GLN A 171 48.31 -5.10 -29.73
N GLN A 172 49.63 -5.26 -29.66
CA GLN A 172 50.20 -6.43 -29.02
C GLN A 172 50.00 -6.36 -27.50
N ASP A 173 50.07 -5.16 -26.94
CA ASP A 173 49.83 -4.97 -25.52
C ASP A 173 48.43 -5.42 -25.17
N VAL A 174 47.46 -4.99 -25.97
CA VAL A 174 46.05 -5.30 -25.76
C VAL A 174 45.78 -6.80 -25.88
N LEU A 175 46.42 -7.46 -26.85
CA LEU A 175 46.26 -8.90 -27.03
C LEU A 175 46.80 -9.67 -25.83
N ARG A 176 47.87 -9.15 -25.24
CA ARG A 176 48.53 -9.79 -24.11
C ARG A 176 47.81 -9.67 -22.76
N THR A 177 46.92 -8.68 -22.63
CA THR A 177 46.19 -8.46 -21.37
C THR A 177 45.29 -9.64 -20.97
N ARG A 178 45.14 -9.81 -19.65
CA ARG A 178 44.32 -10.87 -19.09
C ARG A 178 43.14 -10.33 -18.28
N VAL A 179 41.93 -10.77 -18.62
CA VAL A 179 40.71 -10.37 -17.91
C VAL A 179 39.74 -11.54 -17.83
N LYS A 180 39.09 -11.71 -16.67
CA LYS A 180 38.16 -12.80 -16.46
C LYS A 180 36.73 -12.30 -16.32
N THR A 181 35.85 -12.72 -17.23
CA THR A 181 34.44 -12.39 -17.15
C THR A 181 33.59 -13.65 -17.02
N THR A 182 32.67 -13.66 -16.06
CA THR A 182 31.81 -14.82 -15.85
C THR A 182 30.75 -14.93 -16.95
N GLY A 183 30.19 -13.78 -17.32
CA GLY A 183 29.19 -13.73 -18.37
C GLY A 183 29.72 -14.12 -19.73
N ILE A 184 28.87 -14.73 -20.55
CA ILE A 184 29.24 -15.17 -21.89
C ILE A 184 29.53 -13.96 -22.78
N VAL A 185 30.60 -14.05 -23.57
CA VAL A 185 31.00 -12.95 -24.45
C VAL A 185 30.69 -13.26 -25.92
N GLU A 186 29.88 -12.40 -26.53
CA GLU A 186 29.48 -12.57 -27.93
C GLU A 186 30.10 -11.48 -28.81
N THR A 187 30.53 -11.86 -30.02
CA THR A 187 31.11 -10.90 -30.94
C THR A 187 30.66 -11.14 -32.39
N HIS A 188 30.67 -10.09 -33.20
CA HIS A 188 30.28 -10.18 -34.60
C HIS A 188 31.36 -9.66 -35.53
N PHE A 189 31.54 -10.33 -36.67
CA PHE A 189 32.41 -9.84 -37.73
C PHE A 189 32.06 -10.45 -39.09
N THR A 190 32.57 -9.85 -40.16
CA THR A 190 32.32 -10.35 -41.51
C THR A 190 33.62 -10.70 -42.23
N PHE A 191 33.69 -11.93 -42.73
CA PHE A 191 34.85 -12.40 -43.48
C PHE A 191 34.42 -13.25 -44.67
N LYS A 192 34.86 -12.82 -45.86
CA LYS A 192 34.50 -13.47 -47.13
C LYS A 192 33.00 -13.45 -47.36
N ASP A 193 32.38 -12.30 -47.09
CA ASP A 193 30.95 -12.09 -47.29
C ASP A 193 30.08 -12.91 -46.32
N LEU A 194 30.74 -13.65 -45.43
CA LEU A 194 30.04 -14.45 -44.42
C LEU A 194 29.97 -13.73 -43.08
N HIS A 195 28.81 -13.81 -42.43
CA HIS A 195 28.62 -13.19 -41.14
C HIS A 195 28.83 -14.20 -40.01
N PHE A 196 29.55 -13.78 -38.97
CA PHE A 196 29.91 -14.68 -37.89
C PHE A 196 29.45 -14.20 -36.52
N LYS A 197 28.95 -15.14 -35.71
CA LYS A 197 28.71 -14.89 -34.30
C LYS A 197 29.59 -15.86 -33.51
N MET A 198 30.59 -15.32 -32.83
CA MET A 198 31.50 -16.14 -32.04
C MET A 198 31.15 -16.05 -30.56
N PHE A 199 30.98 -17.20 -29.92
CA PHE A 199 30.53 -17.23 -28.54
C PHE A 199 31.57 -17.78 -27.58
N ASP A 200 31.91 -16.98 -26.57
CA ASP A 200 32.81 -17.41 -25.51
C ASP A 200 32.03 -17.51 -24.20
N VAL A 201 31.89 -18.72 -23.69
CA VAL A 201 31.19 -18.91 -22.41
C VAL A 201 31.96 -18.23 -21.27
N GLY A 202 33.24 -17.94 -21.52
CA GLY A 202 34.07 -17.23 -20.57
C GLY A 202 34.25 -18.05 -19.31
N ALA A 203 34.04 -17.44 -18.15
CA ALA A 203 34.09 -18.23 -16.94
C ALA A 203 32.67 -18.54 -16.50
N GLN A 204 32.19 -19.71 -16.90
CA GLN A 204 30.88 -20.18 -16.54
C GLN A 204 31.07 -21.22 -15.46
N ARG A 205 30.67 -20.92 -14.23
CA ARG A 205 30.96 -21.88 -13.18
C ARG A 205 29.70 -22.66 -12.87
N SER A 206 29.67 -23.91 -13.34
CA SER A 206 28.51 -24.78 -13.23
C SER A 206 28.87 -26.16 -13.74
N GLU A 207 27.89 -27.06 -13.74
CA GLU A 207 28.06 -28.33 -14.42
C GLU A 207 27.57 -28.16 -15.86
N ARG A 208 28.49 -28.31 -16.80
CA ARG A 208 28.26 -28.04 -18.21
C ARG A 208 27.11 -28.83 -18.83
N LYS A 209 26.79 -29.98 -18.23
CA LYS A 209 25.78 -30.87 -18.80
C LYS A 209 24.43 -30.19 -19.00
N LYS A 210 24.11 -29.21 -18.17
CA LYS A 210 22.79 -28.59 -18.20
C LYS A 210 22.66 -27.54 -19.32
N TRP A 211 23.71 -26.76 -19.54
CA TRP A 211 23.63 -25.69 -20.54
C TRP A 211 24.20 -26.08 -21.89
N ILE A 212 24.76 -27.28 -21.98
CA ILE A 212 25.46 -27.71 -23.20
C ILE A 212 24.52 -27.85 -24.40
N HIS A 213 23.27 -28.21 -24.15
CA HIS A 213 22.31 -28.46 -25.22
C HIS A 213 21.81 -27.15 -25.85
N CYS A 214 22.07 -26.04 -25.17
CA CYS A 214 21.67 -24.73 -25.66
C CYS A 214 22.40 -24.40 -26.97
N PHE A 215 23.56 -25.00 -27.16
CA PHE A 215 24.39 -24.75 -28.33
C PHE A 215 24.23 -25.76 -29.45
N GLU A 216 23.27 -26.67 -29.33
CA GLU A 216 23.03 -27.65 -30.39
C GLU A 216 22.78 -26.99 -31.74
N GLY A 217 23.54 -27.40 -32.75
CA GLY A 217 23.33 -26.91 -34.10
C GLY A 217 24.19 -25.73 -34.49
N VAL A 218 25.10 -25.32 -33.62
CA VAL A 218 26.04 -24.27 -33.99
C VAL A 218 27.03 -24.85 -35.00
N THR A 219 27.51 -24.00 -35.90
CA THR A 219 28.29 -24.44 -37.05
C THR A 219 29.56 -25.19 -36.67
N ALA A 220 30.42 -24.56 -35.87
CA ALA A 220 31.66 -25.21 -35.47
C ALA A 220 32.08 -24.82 -34.05
N ILE A 221 32.86 -25.71 -33.43
CA ILE A 221 33.39 -25.47 -32.11
C ILE A 221 34.91 -25.31 -32.16
N ILE A 222 35.38 -24.17 -31.66
CA ILE A 222 36.82 -23.97 -31.52
C ILE A 222 37.22 -24.22 -30.07
N PHE A 223 37.93 -25.32 -29.85
CA PHE A 223 38.34 -25.73 -28.52
C PHE A 223 39.80 -25.36 -28.30
N CYS A 224 40.05 -24.44 -27.36
CA CYS A 224 41.42 -23.96 -27.15
C CYS A 224 42.16 -24.76 -26.08
N VAL A 225 43.34 -25.25 -26.44
CA VAL A 225 44.20 -25.99 -25.51
C VAL A 225 45.59 -25.35 -25.40
N ALA A 226 46.05 -25.13 -24.17
CA ALA A 226 47.37 -24.57 -23.94
C ALA A 226 48.41 -25.69 -23.84
N LEU A 227 49.32 -25.72 -24.80
CA LEU A 227 50.39 -26.71 -24.83
C LEU A 227 51.29 -26.61 -23.59
N SER A 228 51.55 -25.38 -23.17
CA SER A 228 52.51 -25.14 -22.10
C SER A 228 52.02 -25.55 -20.71
N ASP A 229 50.76 -25.96 -20.62
CA ASP A 229 50.17 -26.40 -19.35
C ASP A 229 50.68 -27.78 -18.92
N TYR A 230 51.47 -28.42 -19.78
CA TYR A 230 51.84 -29.81 -19.56
C TYR A 230 52.68 -30.03 -18.31
N ASP A 231 53.51 -29.05 -17.97
CA ASP A 231 54.39 -29.17 -16.82
C ASP A 231 53.80 -28.55 -15.55
N LEU A 232 52.56 -28.08 -15.63
CA LEU A 232 51.90 -27.46 -14.48
C LEU A 232 50.98 -28.41 -13.74
N VAL A 233 50.89 -28.26 -12.43
CA VAL A 233 50.05 -29.11 -11.60
C VAL A 233 48.61 -28.62 -11.54
N ASN A 241 46.68 -32.56 -13.07
CA ASN A 241 47.44 -32.09 -14.22
C ASN A 241 46.55 -31.31 -15.19
N ARG A 242 46.90 -30.05 -15.41
CA ARG A 242 46.08 -29.14 -16.22
C ARG A 242 45.85 -29.67 -17.64
N MET A 243 46.87 -30.34 -18.19
CA MET A 243 46.76 -30.90 -19.55
C MET A 243 45.76 -32.06 -19.58
N HIS A 244 45.92 -32.99 -18.65
CA HIS A 244 45.04 -34.15 -18.56
C HIS A 244 43.62 -33.70 -18.22
N GLU A 245 43.52 -32.60 -17.49
CA GLU A 245 42.23 -32.03 -17.16
C GLU A 245 41.54 -31.51 -18.42
N SER A 246 42.35 -30.97 -19.34
CA SER A 246 41.84 -30.46 -20.61
C SER A 246 41.36 -31.58 -21.52
N MET A 247 42.08 -32.70 -21.50
CA MET A 247 41.72 -33.85 -22.31
C MET A 247 40.35 -34.39 -21.90
N LYS A 248 40.12 -34.50 -20.59
CA LYS A 248 38.85 -34.95 -20.05
C LYS A 248 37.68 -34.08 -20.54
N LEU A 249 37.91 -32.76 -20.54
CA LEU A 249 36.90 -31.82 -21.01
C LEU A 249 36.62 -32.00 -22.50
N PHE A 250 37.69 -32.14 -23.29
CA PHE A 250 37.58 -32.30 -24.73
C PHE A 250 36.93 -33.65 -25.08
N ASP A 251 37.27 -34.68 -24.32
CA ASP A 251 36.66 -35.99 -24.48
C ASP A 251 35.14 -35.90 -24.37
N SER A 252 34.69 -35.07 -23.43
CA SER A 252 33.27 -34.86 -23.23
C SER A 252 32.63 -34.04 -24.36
N ILE A 253 33.33 -33.00 -24.80
CA ILE A 253 32.80 -32.10 -25.82
C ILE A 253 32.72 -32.73 -27.20
N CYS A 254 33.83 -33.29 -27.66
CA CYS A 254 33.93 -33.84 -29.01
C CYS A 254 32.92 -34.96 -29.26
N ASN A 255 32.73 -35.82 -28.27
CA ASN A 255 31.86 -36.99 -28.41
C ASN A 255 30.42 -36.71 -28.02
N ASN A 256 30.12 -35.46 -27.72
CA ASN A 256 28.79 -35.07 -27.28
C ASN A 256 27.76 -35.25 -28.39
N LYS A 257 26.61 -35.83 -28.03
CA LYS A 257 25.53 -36.11 -28.97
C LYS A 257 24.94 -34.83 -29.58
N TRP A 258 24.99 -33.74 -28.81
CA TRP A 258 24.41 -32.47 -29.24
C TRP A 258 25.23 -31.82 -30.35
N PHE A 259 26.52 -32.16 -30.40
CA PHE A 259 27.46 -31.59 -31.36
C PHE A 259 27.70 -32.45 -32.60
N THR A 260 26.90 -33.51 -32.76
CA THR A 260 27.07 -34.47 -33.84
C THR A 260 27.27 -33.83 -35.23
N ASP A 261 26.44 -32.85 -35.55
CA ASP A 261 26.54 -32.18 -36.85
C ASP A 261 27.43 -30.94 -36.77
N THR A 262 28.04 -30.72 -35.61
CA THR A 262 28.92 -29.58 -35.40
C THR A 262 30.38 -29.95 -35.69
N SER A 263 31.04 -29.14 -36.52
CA SER A 263 32.45 -29.37 -36.85
C SER A 263 33.31 -29.12 -35.61
N ILE A 264 34.14 -30.08 -35.26
CA ILE A 264 35.00 -29.94 -34.09
C ILE A 264 36.38 -29.45 -34.50
N ILE A 265 36.69 -28.21 -34.16
CA ILE A 265 37.97 -27.63 -34.48
C ILE A 265 38.84 -27.52 -33.23
N LEU A 266 40.06 -28.05 -33.30
CA LEU A 266 40.93 -28.11 -32.14
C LEU A 266 42.17 -27.25 -32.30
N PHE A 267 42.27 -26.19 -31.49
CA PHE A 267 43.45 -25.34 -31.47
C PHE A 267 44.41 -25.76 -30.36
N LEU A 268 45.63 -26.15 -30.73
CA LEU A 268 46.65 -26.34 -29.71
C LEU A 268 47.44 -25.04 -29.61
N ASN A 269 47.19 -24.31 -28.51
CA ASN A 269 47.66 -22.94 -28.41
C ASN A 269 48.96 -22.81 -27.64
N LYS A 270 49.47 -21.58 -27.60
CA LYS A 270 50.73 -21.27 -26.91
C LYS A 270 51.87 -22.16 -27.38
N LYS A 271 51.96 -22.36 -28.68
CA LYS A 271 52.99 -23.22 -29.26
C LYS A 271 54.36 -22.54 -29.17
N ASP A 272 54.35 -21.22 -29.07
CA ASP A 272 55.58 -20.47 -28.88
C ASP A 272 56.22 -20.74 -27.53
N LEU A 273 55.40 -20.85 -26.49
CA LEU A 273 55.89 -21.16 -25.15
C LEU A 273 56.38 -22.59 -25.07
N PHE A 274 55.58 -23.51 -25.58
CA PHE A 274 55.86 -24.95 -25.51
C PHE A 274 57.19 -25.31 -26.16
N GLU A 275 57.51 -24.65 -27.26
CA GLU A 275 58.74 -24.93 -27.99
C GLU A 275 59.97 -24.60 -27.16
N GLU A 276 59.89 -23.49 -26.43
CA GLU A 276 60.98 -23.08 -25.55
C GLU A 276 60.98 -23.89 -24.26
N LYS A 277 59.80 -24.16 -23.73
CA LYS A 277 59.66 -24.88 -22.46
C LYS A 277 60.15 -26.33 -22.57
N ILE A 278 59.95 -26.96 -23.73
CA ILE A 278 60.34 -28.35 -23.93
C ILE A 278 61.86 -28.52 -23.91
N LYS A 279 62.59 -27.41 -24.01
CA LYS A 279 64.05 -27.47 -23.95
C LYS A 279 64.51 -27.79 -22.54
N LYS A 280 63.67 -27.44 -21.57
CA LYS A 280 64.00 -27.67 -20.17
C LYS A 280 63.14 -28.79 -19.57
N SER A 281 61.83 -28.56 -19.51
CA SER A 281 60.91 -29.52 -18.90
C SER A 281 60.48 -30.60 -19.90
N PRO A 282 60.77 -31.87 -19.56
CA PRO A 282 60.41 -33.05 -20.36
C PRO A 282 58.90 -33.30 -20.41
N LEU A 283 58.45 -33.94 -21.49
CA LEU A 283 57.04 -34.23 -21.67
C LEU A 283 56.60 -35.37 -20.76
N THR A 284 57.56 -36.16 -20.31
CA THR A 284 57.30 -37.27 -19.41
C THR A 284 56.66 -36.81 -18.09
N ILE A 285 56.82 -35.53 -17.77
CA ILE A 285 56.11 -34.92 -16.65
C ILE A 285 54.61 -35.13 -16.81
N CYS A 286 54.12 -34.80 -17.99
CA CYS A 286 52.71 -34.97 -18.31
C CYS A 286 52.36 -36.39 -18.76
N TYR A 287 53.19 -36.96 -19.62
CA TYR A 287 52.96 -38.31 -20.12
C TYR A 287 54.19 -39.17 -19.83
N PRO A 288 54.21 -39.86 -18.67
CA PRO A 288 55.35 -40.66 -18.22
C PRO A 288 55.69 -41.84 -19.13
N GLU A 289 54.72 -42.27 -19.94
CA GLU A 289 54.91 -43.41 -20.82
C GLU A 289 55.58 -42.99 -22.12
N TYR A 290 55.88 -41.70 -22.23
CA TYR A 290 56.44 -41.18 -23.48
C TYR A 290 57.91 -41.55 -23.61
N ALA A 291 58.21 -42.33 -24.63
CA ALA A 291 59.55 -42.83 -24.87
C ALA A 291 60.28 -42.04 -25.95
N GLY A 292 59.62 -41.01 -26.48
CA GLY A 292 60.19 -40.26 -27.58
C GLY A 292 61.17 -39.20 -27.13
N SER A 293 61.89 -38.63 -28.09
CA SER A 293 62.83 -37.57 -27.80
C SER A 293 62.08 -36.32 -27.36
N ASN A 294 62.76 -35.39 -26.70
CA ASN A 294 62.11 -34.14 -26.40
C ASN A 294 62.51 -33.11 -27.45
N THR A 295 61.58 -32.89 -28.37
CA THR A 295 61.76 -31.93 -29.46
C THR A 295 60.40 -31.28 -29.67
N TYR A 296 60.40 -30.05 -30.16
CA TYR A 296 59.15 -29.32 -30.32
C TYR A 296 58.18 -30.06 -31.24
N GLU A 297 58.70 -30.60 -32.33
CA GLU A 297 57.87 -31.20 -33.36
C GLU A 297 57.25 -32.54 -32.94
N GLU A 298 58.08 -33.43 -32.39
CA GLU A 298 57.59 -34.74 -31.97
C GLU A 298 56.62 -34.65 -30.79
N ALA A 299 57.00 -33.88 -29.78
CA ALA A 299 56.20 -33.73 -28.57
C ALA A 299 54.85 -33.08 -28.84
N ALA A 300 54.82 -32.04 -29.66
CA ALA A 300 53.58 -31.36 -30.01
C ALA A 300 52.64 -32.31 -30.75
N ALA A 301 53.21 -33.14 -31.62
CA ALA A 301 52.41 -34.09 -32.39
C ALA A 301 51.88 -35.20 -31.48
N TYR A 302 52.68 -35.58 -30.49
CA TYR A 302 52.28 -36.60 -29.54
C TYR A 302 51.03 -36.17 -28.80
N ILE A 303 51.06 -34.94 -28.31
CA ILE A 303 49.94 -34.35 -27.60
C ILE A 303 48.72 -34.30 -28.49
N GLN A 304 48.92 -33.95 -29.75
CA GLN A 304 47.85 -33.94 -30.74
C GLN A 304 47.18 -35.31 -30.84
N CYS A 305 48.00 -36.35 -30.89
CA CYS A 305 47.49 -37.72 -30.98
C CYS A 305 46.66 -38.09 -29.75
N GLN A 306 47.10 -37.63 -28.58
CA GLN A 306 46.41 -37.95 -27.34
C GLN A 306 44.99 -37.38 -27.34
N PHE A 307 44.84 -36.16 -27.83
CA PHE A 307 43.55 -35.50 -27.90
C PHE A 307 42.66 -36.09 -28.97
N GLU A 308 43.26 -36.52 -30.08
CA GLU A 308 42.50 -37.03 -31.22
C GLU A 308 42.06 -38.48 -31.05
N ASP A 309 42.80 -39.22 -30.23
CA ASP A 309 42.45 -40.62 -29.94
C ASP A 309 41.19 -40.71 -29.09
N LEU A 310 40.88 -39.61 -28.41
CA LEU A 310 39.72 -39.55 -27.53
C LEU A 310 38.41 -39.63 -28.31
N ASN A 311 38.50 -39.45 -29.63
CA ASN A 311 37.32 -39.54 -30.48
C ASN A 311 36.83 -40.98 -30.62
N LYS A 312 35.59 -41.23 -30.22
CA LYS A 312 35.00 -42.56 -30.32
C LYS A 312 34.19 -42.68 -31.60
N ARG A 313 34.06 -41.54 -32.28
CA ARG A 313 33.29 -41.43 -33.52
C ARG A 313 34.15 -41.49 -34.78
N LYS A 314 35.40 -41.92 -34.64
CA LYS A 314 36.42 -41.81 -35.70
C LYS A 314 35.91 -42.19 -37.09
N ASP A 315 35.00 -43.15 -37.16
CA ASP A 315 34.43 -43.56 -38.44
C ASP A 315 33.48 -42.50 -39.00
N THR A 316 33.01 -41.61 -38.14
CA THR A 316 32.04 -40.59 -38.55
C THR A 316 32.61 -39.18 -38.43
N LYS A 317 32.91 -38.76 -37.20
CA LYS A 317 33.42 -37.43 -36.93
C LYS A 317 34.92 -37.30 -37.22
N GLU A 318 35.32 -36.11 -37.66
CA GLU A 318 36.71 -35.82 -37.94
C GLU A 318 37.14 -34.63 -37.08
N ILE A 319 38.32 -34.72 -36.48
CA ILE A 319 38.85 -33.63 -35.66
C ILE A 319 39.87 -32.81 -36.45
N TYR A 320 39.57 -31.52 -36.66
CA TYR A 320 40.46 -30.67 -37.41
C TYR A 320 41.41 -29.93 -36.47
N THR A 321 42.68 -30.33 -36.51
CA THR A 321 43.65 -29.90 -35.52
C THR A 321 44.61 -28.85 -36.08
N HIS A 322 44.94 -27.86 -35.25
CA HIS A 322 45.87 -26.82 -35.64
C HIS A 322 46.86 -26.49 -34.53
N PHE A 323 48.07 -26.12 -34.91
CA PHE A 323 49.06 -25.68 -33.95
C PHE A 323 49.21 -24.17 -34.06
N THR A 324 48.72 -23.46 -33.03
CA THR A 324 48.54 -22.01 -33.12
C THR A 324 49.28 -21.20 -32.05
N CYS A 325 49.70 -20.00 -32.44
CA CYS A 325 50.08 -18.96 -31.49
C CYS A 325 49.12 -17.79 -31.63
N SER A 326 48.25 -17.61 -30.63
CA SER A 326 47.12 -16.70 -30.74
C SER A 326 47.47 -15.22 -30.62
N THR A 327 48.68 -14.90 -30.15
CA THR A 327 49.12 -13.51 -30.07
C THR A 327 49.66 -13.05 -31.41
N ASP A 328 49.89 -14.02 -32.29
CA ASP A 328 50.41 -13.75 -33.63
C ASP A 328 49.23 -13.54 -34.56
N THR A 329 49.06 -12.29 -34.99
CA THR A 329 47.92 -11.91 -35.82
C THR A 329 47.98 -12.63 -37.16
N LYS A 330 49.19 -12.74 -37.69
CA LYS A 330 49.40 -13.40 -38.98
C LYS A 330 49.07 -14.90 -38.92
N ASN A 331 49.58 -15.59 -37.90
CA ASN A 331 49.36 -17.02 -37.76
C ASN A 331 47.88 -17.36 -37.56
N VAL A 332 47.19 -16.55 -36.77
CA VAL A 332 45.77 -16.72 -36.56
C VAL A 332 45.04 -16.49 -37.87
N GLN A 333 45.44 -15.43 -38.58
CA GLN A 333 44.83 -15.07 -39.86
C GLN A 333 44.88 -16.24 -40.84
N PHE A 334 46.06 -16.85 -40.93
CA PHE A 334 46.27 -18.00 -41.80
C PHE A 334 45.40 -19.19 -41.39
N VAL A 335 45.44 -19.54 -40.10
CA VAL A 335 44.73 -20.70 -39.59
C VAL A 335 43.21 -20.51 -39.70
N PHE A 336 42.73 -19.29 -39.44
CA PHE A 336 41.29 -19.04 -39.50
C PHE A 336 40.80 -19.10 -40.94
N ASP A 337 41.70 -18.82 -41.88
CA ASP A 337 41.39 -18.98 -43.30
C ASP A 337 41.11 -20.44 -43.59
N ALA A 338 41.88 -21.32 -42.96
CA ALA A 338 41.66 -22.76 -43.06
C ALA A 338 40.38 -23.16 -42.33
N VAL A 339 40.11 -22.48 -41.22
CA VAL A 339 38.88 -22.70 -40.45
C VAL A 339 37.66 -22.34 -41.31
N THR A 340 37.76 -21.23 -42.02
CA THR A 340 36.69 -20.80 -42.92
C THR A 340 36.41 -21.84 -44.00
N ASP A 341 37.48 -22.36 -44.61
CA ASP A 341 37.35 -23.35 -45.68
C ASP A 341 36.73 -24.66 -45.20
N VAL A 342 37.08 -25.09 -44.00
CA VAL A 342 36.54 -26.33 -43.45
C VAL A 342 35.03 -26.21 -43.25
N ILE A 343 34.59 -25.06 -42.73
CA ILE A 343 33.17 -24.80 -42.54
C ILE A 343 32.42 -24.89 -43.87
N ILE A 344 32.96 -24.23 -44.89
CA ILE A 344 32.36 -24.25 -46.22
C ILE A 344 32.33 -25.64 -46.82
N LYS A 345 33.47 -26.33 -46.78
CA LYS A 345 33.56 -27.68 -47.33
C LYS A 345 32.73 -28.69 -46.55
N ASN A 346 32.88 -28.70 -45.23
CA ASN A 346 32.22 -29.70 -44.40
C ASN A 346 30.71 -29.49 -44.35
N ASN A 347 30.27 -28.23 -44.27
CA ASN A 347 28.85 -27.98 -44.33
C ASN A 347 28.45 -27.15 -45.54
N LEU A 348 27.91 -27.82 -46.56
CA LEU A 348 27.22 -27.18 -47.66
C LEU A 348 26.32 -28.21 -48.33
N LYS A 349 25.09 -27.80 -48.66
CA LYS A 349 24.10 -28.69 -49.30
C LYS A 349 22.75 -27.98 -49.44
N SER B 1 45.81 -36.16 11.57
CA SER B 1 45.13 -35.45 12.65
C SER B 1 43.93 -34.67 12.15
N ALA B 2 44.08 -34.03 10.99
CA ALA B 2 42.95 -33.33 10.38
C ALA B 2 41.92 -34.35 9.92
N MET B 3 42.40 -35.52 9.50
CA MET B 3 41.52 -36.61 9.09
C MET B 3 40.72 -37.15 10.27
N SER B 4 41.36 -37.21 11.45
CA SER B 4 40.71 -37.70 12.65
C SER B 4 39.55 -36.82 13.08
N GLU B 5 39.69 -35.52 12.87
CA GLU B 5 38.62 -34.59 13.21
C GLU B 5 37.55 -34.64 12.12
N LEU B 6 37.97 -34.95 10.89
CA LEU B 6 37.04 -35.10 9.77
C LEU B 6 36.24 -36.40 9.88
N ASP B 7 36.86 -37.42 10.47
CA ASP B 7 36.18 -38.70 10.67
C ASP B 7 35.06 -38.55 11.68
N GLN B 8 35.33 -37.76 12.73
CA GLN B 8 34.31 -37.47 13.74
C GLN B 8 33.13 -36.72 13.15
N LEU B 9 33.43 -35.69 12.36
CA LEU B 9 32.40 -34.84 11.77
C LEU B 9 31.57 -35.62 10.76
N ARG B 10 32.20 -36.60 10.10
CA ARG B 10 31.49 -37.48 9.19
C ARG B 10 30.53 -38.37 9.95
N GLN B 11 31.02 -38.97 11.03
CA GLN B 11 30.22 -39.87 11.85
C GLN B 11 29.03 -39.16 12.49
N GLU B 12 29.24 -37.92 12.91
CA GLU B 12 28.16 -37.12 13.48
C GLU B 12 27.10 -36.80 12.44
N ALA B 13 27.54 -36.48 11.23
CA ALA B 13 26.62 -36.20 10.13
C ALA B 13 25.78 -37.42 9.79
N GLU B 14 26.41 -38.59 9.85
CA GLU B 14 25.74 -39.86 9.59
C GLU B 14 24.65 -40.10 10.63
N GLN B 15 25.00 -39.86 11.90
CA GLN B 15 24.05 -40.03 13.00
C GLN B 15 22.83 -39.14 12.86
N LEU B 16 23.07 -37.88 12.49
CA LEU B 16 22.00 -36.90 12.29
C LEU B 16 21.09 -37.26 11.13
N LYS B 17 21.68 -37.73 10.04
CA LYS B 17 20.92 -38.17 8.88
C LYS B 17 20.02 -39.36 9.21
N ASN B 18 20.53 -40.29 10.02
CA ASN B 18 19.76 -41.45 10.45
C ASN B 18 18.59 -41.04 11.33
N GLN B 19 18.79 -40.03 12.17
CA GLN B 19 17.74 -39.54 13.05
C GLN B 19 16.58 -38.96 12.25
N ILE B 20 16.91 -38.18 11.22
CA ILE B 20 15.90 -37.56 10.37
C ILE B 20 15.11 -38.60 9.60
N ARG B 21 15.82 -39.59 9.07
CA ARG B 21 15.19 -40.69 8.36
C ARG B 21 14.22 -41.43 9.29
N ASP B 22 14.66 -41.67 10.52
CA ASP B 22 13.86 -42.38 11.51
C ASP B 22 12.70 -41.54 12.04
N ALA B 23 12.90 -40.23 12.12
CA ALA B 23 11.85 -39.33 12.58
C ALA B 23 10.75 -39.22 11.54
N ARG B 24 11.15 -39.22 10.28
CA ARG B 24 10.22 -39.14 9.16
C ARG B 24 9.40 -40.41 9.01
N LYS B 25 10.00 -41.56 9.29
CA LYS B 25 9.29 -42.83 9.25
C LYS B 25 8.29 -42.94 10.39
N ALA B 26 8.65 -42.40 11.55
CA ALA B 26 7.75 -42.37 12.69
C ALA B 26 6.52 -41.53 12.37
N CYS B 27 6.70 -40.54 11.50
CA CYS B 27 5.63 -39.64 11.11
C CYS B 27 4.59 -40.28 10.20
N ALA B 28 4.95 -41.35 9.50
CA ALA B 28 3.99 -41.91 8.56
C ALA B 28 3.12 -42.96 9.23
N ASP B 29 1.90 -42.54 9.56
CA ASP B 29 0.85 -43.44 10.02
C ASP B 29 0.13 -44.01 8.81
N ALA B 30 -0.07 -43.14 7.83
CA ALA B 30 -0.75 -43.50 6.59
C ALA B 30 -0.13 -42.73 5.43
N THR B 31 -0.65 -42.95 4.23
CA THR B 31 -0.13 -42.27 3.05
C THR B 31 -1.26 -41.52 2.35
N LEU B 32 -0.87 -40.61 1.46
CA LEU B 32 -1.82 -39.79 0.73
C LEU B 32 -2.77 -40.62 -0.14
N SER B 33 -2.25 -41.69 -0.73
CA SER B 33 -3.06 -42.54 -1.59
C SER B 33 -4.13 -43.30 -0.79
N GLN B 34 -3.82 -43.64 0.45
CA GLN B 34 -4.74 -44.38 1.31
C GLN B 34 -5.93 -43.53 1.72
N ILE B 35 -5.66 -42.29 2.12
CA ILE B 35 -6.68 -41.41 2.65
C ILE B 35 -7.57 -40.83 1.54
N THR B 36 -7.06 -40.81 0.31
CA THR B 36 -7.80 -40.28 -0.82
C THR B 36 -8.53 -41.36 -1.61
N ASN B 37 -8.49 -42.59 -1.12
CA ASN B 37 -9.10 -43.73 -1.82
C ASN B 37 -10.59 -43.57 -2.11
N ASN B 38 -11.31 -42.91 -1.21
CA ASN B 38 -12.74 -42.72 -1.38
C ASN B 38 -13.08 -41.55 -2.30
N ILE B 39 -12.06 -40.78 -2.66
CA ILE B 39 -12.25 -39.63 -3.54
C ILE B 39 -12.45 -40.09 -4.98
N ASP B 40 -13.56 -39.66 -5.58
CA ASP B 40 -13.86 -39.98 -6.97
C ASP B 40 -12.82 -39.35 -7.90
N PRO B 41 -12.20 -40.19 -8.76
CA PRO B 41 -11.15 -39.75 -9.68
C PRO B 41 -11.64 -38.69 -10.66
N VAL B 42 -10.72 -37.91 -11.19
CA VAL B 42 -11.04 -36.89 -12.18
C VAL B 42 -11.57 -37.55 -13.45
N GLY B 43 -11.05 -38.72 -13.75
CA GLY B 43 -11.37 -39.43 -14.97
C GLY B 43 -10.44 -38.96 -16.07
N ARG B 44 -10.95 -38.93 -17.29
CA ARG B 44 -10.16 -38.41 -18.42
C ARG B 44 -10.86 -37.16 -18.96
N ILE B 45 -10.25 -36.01 -18.72
CA ILE B 45 -10.81 -34.75 -19.19
C ILE B 45 -10.02 -34.23 -20.38
N GLN B 46 -10.68 -34.20 -21.53
CA GLN B 46 -10.07 -33.82 -22.78
C GLN B 46 -9.98 -32.30 -22.92
N MET B 47 -8.81 -31.81 -23.30
CA MET B 47 -8.61 -30.39 -23.54
C MET B 47 -8.32 -30.16 -25.01
N ARG B 48 -8.19 -28.90 -25.40
CA ARG B 48 -7.97 -28.57 -26.81
C ARG B 48 -7.15 -27.30 -26.94
N THR B 49 -6.42 -27.17 -28.05
CA THR B 49 -5.67 -25.94 -28.29
C THR B 49 -6.67 -24.86 -28.67
N ARG B 50 -6.78 -23.84 -27.83
CA ARG B 50 -7.69 -22.75 -28.14
C ARG B 50 -6.98 -21.55 -28.77
N ARG B 51 -5.65 -21.56 -28.67
CA ARG B 51 -4.81 -20.50 -29.22
C ARG B 51 -3.44 -21.05 -29.60
N THR B 52 -2.88 -20.56 -30.70
CA THR B 52 -1.52 -20.93 -31.07
C THR B 52 -0.70 -19.67 -31.35
N LEU B 53 0.27 -19.41 -30.48
CA LEU B 53 1.07 -18.20 -30.57
C LEU B 53 2.29 -18.41 -31.47
N ARG B 54 2.35 -17.65 -32.54
CA ARG B 54 3.39 -17.81 -33.56
C ARG B 54 4.25 -16.55 -33.61
N GLY B 55 5.44 -16.66 -34.19
CA GLY B 55 6.36 -15.54 -34.23
C GLY B 55 7.67 -15.69 -33.47
N HIS B 56 7.84 -16.79 -32.74
CA HIS B 56 9.15 -17.10 -32.18
C HIS B 56 9.98 -17.87 -33.21
N LEU B 57 11.22 -17.47 -33.39
CA LEU B 57 12.07 -18.02 -34.44
C LEU B 57 13.01 -19.13 -33.95
N ALA B 58 13.00 -19.39 -32.64
CA ALA B 58 13.88 -20.38 -32.06
C ALA B 58 13.25 -21.09 -30.87
N LYS B 59 14.04 -21.86 -30.15
CA LYS B 59 13.58 -22.58 -28.96
C LYS B 59 13.06 -21.63 -27.88
N ILE B 60 11.88 -21.90 -27.37
CA ILE B 60 11.35 -21.16 -26.23
C ILE B 60 11.75 -21.85 -24.94
N TYR B 61 12.59 -21.21 -24.13
CA TYR B 61 13.07 -21.83 -22.91
C TYR B 61 12.25 -21.53 -21.66
N ALA B 62 11.38 -20.52 -21.73
CA ALA B 62 10.60 -20.14 -20.57
C ALA B 62 9.35 -19.32 -20.93
N MET B 63 8.39 -19.28 -20.02
CA MET B 63 7.24 -18.38 -20.11
C MET B 63 6.63 -18.11 -18.75
N HIS B 64 5.98 -16.96 -18.61
CA HIS B 64 5.26 -16.63 -17.38
C HIS B 64 3.98 -15.85 -17.68
N TRP B 65 2.88 -16.29 -17.07
CA TRP B 65 1.60 -15.60 -17.20
C TRP B 65 1.62 -14.25 -16.49
N GLY B 66 0.70 -13.38 -16.87
CA GLY B 66 0.44 -12.16 -16.12
C GLY B 66 -0.54 -12.46 -15.02
N THR B 67 -0.60 -11.60 -14.02
CA THR B 67 -1.52 -11.79 -12.89
C THR B 67 -2.96 -11.46 -13.28
N ASP B 68 -3.14 -10.82 -14.43
CA ASP B 68 -4.45 -10.48 -14.93
C ASP B 68 -5.07 -11.64 -15.72
N SER B 69 -4.32 -12.75 -15.77
CA SER B 69 -4.74 -13.98 -16.45
C SER B 69 -5.02 -13.73 -17.93
N ARG B 70 -4.33 -12.75 -18.51
CA ARG B 70 -4.47 -12.46 -19.92
C ARG B 70 -3.10 -12.38 -20.60
N LEU B 71 -2.31 -11.39 -20.19
CA LEU B 71 -0.97 -11.22 -20.74
C LEU B 71 -0.03 -12.32 -20.27
N LEU B 72 0.92 -12.68 -21.14
CA LEU B 72 1.98 -13.61 -20.76
C LEU B 72 3.27 -13.25 -21.49
N VAL B 73 4.40 -13.65 -20.92
CA VAL B 73 5.69 -13.41 -21.53
C VAL B 73 6.35 -14.72 -21.90
N SER B 74 7.25 -14.67 -22.89
CA SER B 74 8.02 -15.84 -23.28
C SER B 74 9.46 -15.46 -23.58
N ALA B 75 10.38 -16.37 -23.29
CA ALA B 75 11.79 -16.14 -23.55
C ALA B 75 12.32 -17.19 -24.53
N SER B 76 12.76 -16.74 -25.69
CA SER B 76 13.33 -17.64 -26.68
C SER B 76 14.78 -17.27 -26.94
N GLN B 77 15.55 -18.22 -27.46
CA GLN B 77 16.97 -17.99 -27.64
C GLN B 77 17.22 -17.33 -29.00
N ASP B 78 16.13 -16.95 -29.65
CA ASP B 78 16.20 -16.09 -30.84
C ASP B 78 16.66 -14.69 -30.44
N GLY B 79 16.73 -14.43 -29.13
CA GLY B 79 17.17 -13.15 -28.61
C GLY B 79 16.02 -12.21 -28.35
N LYS B 80 14.82 -12.78 -28.17
CA LYS B 80 13.62 -11.97 -28.02
C LYS B 80 12.76 -12.35 -26.81
N LEU B 81 12.22 -11.33 -26.15
CA LEU B 81 11.14 -11.51 -25.19
C LEU B 81 9.86 -11.00 -25.83
N ILE B 82 8.80 -11.80 -25.80
CA ILE B 82 7.55 -11.35 -26.40
C ILE B 82 6.38 -11.40 -25.40
N ILE B 83 5.75 -10.26 -25.21
CA ILE B 83 4.53 -10.18 -24.40
C ILE B 83 3.31 -10.40 -25.29
N TRP B 84 2.52 -11.41 -24.95
CA TRP B 84 1.37 -11.78 -25.77
C TRP B 84 0.05 -11.38 -25.12
N ASP B 85 -0.92 -11.00 -25.93
CA ASP B 85 -2.30 -10.93 -25.47
C ASP B 85 -2.91 -12.28 -25.82
N SER B 86 -3.20 -13.09 -24.80
CA SER B 86 -3.58 -14.48 -25.04
C SER B 86 -4.96 -14.61 -25.66
N TYR B 87 -5.80 -13.59 -25.47
CA TYR B 87 -7.15 -13.61 -26.03
C TYR B 87 -7.13 -13.38 -27.53
N THR B 88 -6.47 -12.31 -27.95
CA THR B 88 -6.44 -11.92 -29.36
C THR B 88 -5.20 -12.42 -30.10
N THR B 89 -4.28 -13.03 -29.37
CA THR B 89 -2.99 -13.49 -29.91
C THR B 89 -2.18 -12.33 -30.52
N ASN B 90 -2.47 -11.11 -30.09
CA ASN B 90 -1.74 -9.94 -30.55
C ASN B 90 -0.41 -9.80 -29.81
N LYS B 91 0.66 -9.48 -30.54
CA LYS B 91 1.93 -9.24 -29.86
C LYS B 91 1.93 -7.83 -29.29
N VAL B 92 2.03 -7.75 -27.96
CA VAL B 92 2.02 -6.47 -27.27
C VAL B 92 3.39 -5.81 -27.34
N HIS B 93 4.44 -6.58 -27.06
CA HIS B 93 5.81 -6.08 -27.10
C HIS B 93 6.78 -7.12 -27.63
N ALA B 94 7.83 -6.66 -28.28
CA ALA B 94 8.95 -7.50 -28.66
C ALA B 94 10.24 -6.85 -28.16
N ILE B 95 10.89 -7.51 -27.20
CA ILE B 95 12.03 -6.91 -26.52
C ILE B 95 13.34 -7.57 -26.94
N PRO B 96 14.21 -6.80 -27.63
CA PRO B 96 15.54 -7.28 -27.98
C PRO B 96 16.42 -7.48 -26.76
N LEU B 97 17.11 -8.62 -26.69
CA LEU B 97 17.97 -8.91 -25.56
C LEU B 97 19.44 -8.70 -25.93
N ARG B 98 20.21 -8.15 -25.00
CA ARG B 98 21.64 -7.92 -25.23
C ARG B 98 22.39 -9.24 -25.26
N SER B 99 21.80 -10.26 -24.64
CA SER B 99 22.32 -11.62 -24.73
C SER B 99 21.22 -12.55 -25.25
N SER B 100 21.48 -13.20 -26.37
CA SER B 100 20.48 -14.06 -27.00
C SER B 100 20.34 -15.39 -26.26
N TRP B 101 21.19 -15.60 -25.25
CA TRP B 101 21.12 -16.83 -24.49
C TRP B 101 20.38 -16.56 -23.19
N VAL B 102 19.14 -17.02 -23.14
CA VAL B 102 18.23 -16.70 -22.05
C VAL B 102 17.48 -17.95 -21.60
N MET B 103 17.66 -18.34 -20.34
CA MET B 103 17.05 -19.56 -19.83
C MET B 103 15.78 -19.34 -19.00
N THR B 104 15.42 -18.09 -18.76
CA THR B 104 14.25 -17.81 -17.93
C THR B 104 13.64 -16.43 -18.16
N CYS B 105 12.38 -16.28 -17.78
CA CYS B 105 11.71 -14.99 -17.80
C CYS B 105 10.63 -14.94 -16.71
N ALA B 106 10.29 -13.73 -16.28
CA ALA B 106 9.31 -13.55 -15.21
C ALA B 106 8.50 -12.27 -15.39
N TYR B 107 7.25 -12.30 -14.95
CA TYR B 107 6.37 -11.14 -15.08
C TYR B 107 5.96 -10.63 -13.71
N ALA B 108 6.32 -9.37 -13.42
CA ALA B 108 6.01 -8.76 -12.13
C ALA B 108 4.49 -8.77 -11.86
N PRO B 109 4.10 -9.02 -10.60
CA PRO B 109 2.68 -9.11 -10.24
C PRO B 109 1.93 -7.82 -10.52
N SER B 110 2.62 -6.68 -10.44
CA SER B 110 2.03 -5.39 -10.73
C SER B 110 1.84 -5.19 -12.22
N GLY B 111 2.60 -5.96 -13.02
CA GLY B 111 2.53 -5.86 -14.46
C GLY B 111 3.39 -4.72 -15.00
N ASN B 112 4.09 -4.06 -14.10
CA ASN B 112 4.94 -2.94 -14.46
C ASN B 112 6.28 -3.40 -15.03
N TYR B 113 6.73 -4.58 -14.60
CA TYR B 113 8.07 -5.04 -14.95
C TYR B 113 8.10 -6.48 -15.45
N VAL B 114 9.18 -6.81 -16.17
CA VAL B 114 9.42 -8.15 -16.65
C VAL B 114 10.93 -8.44 -16.55
N ALA B 115 11.28 -9.66 -16.16
CA ALA B 115 12.68 -10.02 -16.03
C ALA B 115 13.05 -11.20 -16.92
N CYS B 116 14.33 -11.33 -17.22
CA CYS B 116 14.85 -12.46 -17.99
C CYS B 116 16.34 -12.66 -17.68
N GLY B 117 16.87 -13.83 -18.01
CA GLY B 117 18.27 -14.12 -17.77
C GLY B 117 18.74 -15.42 -18.42
N GLY B 118 20.03 -15.71 -18.29
CA GLY B 118 20.62 -16.82 -19.03
C GLY B 118 22.12 -16.91 -18.86
N LEU B 119 22.80 -17.44 -19.87
CA LEU B 119 24.24 -17.68 -19.83
C LEU B 119 25.06 -16.40 -19.64
N ASP B 120 24.41 -15.24 -19.75
CA ASP B 120 25.05 -13.98 -19.42
C ASP B 120 25.23 -13.82 -17.91
N ASN B 121 24.67 -14.76 -17.15
CA ASN B 121 24.74 -14.78 -15.68
C ASN B 121 24.12 -13.55 -15.03
N ILE B 122 23.14 -12.94 -15.70
CA ILE B 122 22.55 -11.69 -15.22
C ILE B 122 21.02 -11.71 -15.32
N CYS B 123 20.35 -11.18 -14.30
CA CYS B 123 18.91 -10.99 -14.36
C CYS B 123 18.61 -9.53 -14.75
N SER B 124 18.03 -9.35 -15.94
CA SER B 124 17.76 -8.02 -16.48
C SER B 124 16.30 -7.61 -16.26
N ILE B 125 16.10 -6.45 -15.65
CA ILE B 125 14.75 -5.95 -15.38
C ILE B 125 14.31 -4.93 -16.42
N TYR B 126 13.21 -5.22 -17.11
CA TYR B 126 12.72 -4.34 -18.17
C TYR B 126 11.47 -3.57 -17.73
N ASN B 127 11.48 -2.26 -17.99
CA ASN B 127 10.36 -1.39 -17.65
C ASN B 127 9.32 -1.30 -18.77
N LEU B 128 8.07 -1.61 -18.44
CA LEU B 128 7.00 -1.64 -19.43
C LEU B 128 6.20 -0.34 -19.50
N LYS B 129 6.58 0.64 -18.68
CA LYS B 129 5.86 1.91 -18.65
C LYS B 129 6.76 3.08 -19.02
N GLY B 133 6.02 4.60 -24.90
CA GLY B 133 6.20 4.05 -26.23
C GLY B 133 6.67 2.61 -26.22
N ASN B 134 7.97 2.41 -26.41
CA ASN B 134 8.55 1.08 -26.45
C ASN B 134 9.18 0.70 -25.11
N VAL B 135 9.80 -0.47 -25.06
CA VAL B 135 10.34 -0.99 -23.81
C VAL B 135 11.86 -0.92 -23.76
N ARG B 136 12.38 -0.42 -22.64
CA ARG B 136 13.81 -0.36 -22.40
C ARG B 136 14.15 -0.97 -21.04
N VAL B 137 15.37 -1.48 -20.90
CA VAL B 137 15.80 -2.11 -19.67
C VAL B 137 15.90 -1.06 -18.56
N SER B 138 15.52 -1.47 -17.34
CA SER B 138 15.64 -0.59 -16.19
C SER B 138 16.87 -0.95 -15.37
N ARG B 139 16.89 -2.17 -14.83
CA ARG B 139 18.00 -2.62 -13.99
C ARG B 139 18.64 -3.90 -14.52
N GLU B 140 19.97 -3.99 -14.37
CA GLU B 140 20.68 -5.24 -14.61
C GLU B 140 21.37 -5.71 -13.34
N LEU B 141 20.90 -6.82 -12.79
CA LEU B 141 21.39 -7.35 -11.52
C LEU B 141 22.49 -8.39 -11.75
N ALA B 142 23.72 -8.02 -11.43
CA ALA B 142 24.86 -8.92 -11.67
C ALA B 142 25.43 -9.52 -10.38
N GLY B 143 26.45 -10.37 -10.54
CA GLY B 143 27.09 -11.01 -9.42
C GLY B 143 26.93 -12.53 -9.30
N HIS B 144 26.01 -13.12 -10.05
CA HIS B 144 25.96 -14.57 -10.14
C HIS B 144 27.10 -15.09 -11.02
N THR B 145 27.89 -16.02 -10.49
CA THR B 145 29.01 -16.57 -11.24
C THR B 145 28.58 -17.74 -12.14
N GLY B 146 27.38 -18.25 -11.91
CA GLY B 146 26.80 -19.28 -12.76
C GLY B 146 25.67 -18.74 -13.61
N TYR B 147 25.12 -19.58 -14.50
CA TYR B 147 24.02 -19.15 -15.37
C TYR B 147 22.75 -18.91 -14.56
N LEU B 148 21.88 -18.04 -15.05
CA LEU B 148 20.65 -17.75 -14.34
C LEU B 148 19.53 -18.67 -14.81
N SER B 149 19.13 -19.61 -13.95
CA SER B 149 18.13 -20.60 -14.29
C SER B 149 16.69 -20.11 -14.12
N CYS B 150 16.46 -19.32 -13.08
CA CYS B 150 15.09 -18.87 -12.78
C CYS B 150 15.08 -17.59 -11.95
N CYS B 151 13.98 -16.84 -12.05
CA CYS B 151 13.79 -15.65 -11.22
C CYS B 151 12.30 -15.36 -11.03
N ARG B 152 11.95 -14.84 -9.85
CA ARG B 152 10.56 -14.53 -9.53
C ARG B 152 10.44 -13.24 -8.74
N PHE B 153 9.49 -12.39 -9.12
CA PHE B 153 9.24 -11.15 -8.40
C PHE B 153 8.43 -11.37 -7.12
N LEU B 154 8.94 -10.87 -5.99
CA LEU B 154 8.14 -10.76 -4.79
C LEU B 154 7.22 -9.56 -4.96
N ASP B 155 7.81 -8.45 -5.40
CA ASP B 155 7.09 -7.26 -5.78
C ASP B 155 7.98 -6.49 -6.77
N ASP B 156 7.62 -5.25 -7.08
CA ASP B 156 8.41 -4.48 -8.04
C ASP B 156 9.83 -4.18 -7.55
N ASN B 157 10.03 -4.15 -6.24
CA ASN B 157 11.35 -3.85 -5.70
C ASN B 157 12.17 -5.08 -5.28
N GLN B 158 11.58 -6.27 -5.35
CA GLN B 158 12.26 -7.47 -4.87
C GLN B 158 12.07 -8.64 -5.82
N ILE B 159 13.17 -9.36 -6.09
CA ILE B 159 13.14 -10.52 -6.96
C ILE B 159 14.12 -11.58 -6.44
N VAL B 160 13.70 -12.84 -6.49
CA VAL B 160 14.56 -13.93 -6.05
C VAL B 160 15.01 -14.76 -7.25
N THR B 161 16.31 -14.99 -7.34
CA THR B 161 16.87 -15.68 -8.50
C THR B 161 17.60 -16.95 -8.08
N SER B 162 17.77 -17.87 -9.03
CA SER B 162 18.52 -19.11 -8.81
C SER B 162 19.54 -19.29 -9.93
N SER B 163 20.64 -19.97 -9.62
CA SER B 163 21.73 -20.03 -10.59
C SER B 163 22.53 -21.33 -10.61
N GLY B 164 23.28 -21.52 -11.68
CA GLY B 164 24.12 -22.69 -11.86
C GLY B 164 25.36 -22.69 -11.00
N ASP B 165 25.57 -21.61 -10.24
CA ASP B 165 26.69 -21.52 -9.33
C ASP B 165 26.28 -22.10 -7.98
N THR B 166 25.09 -22.73 -7.97
CA THR B 166 24.52 -23.48 -6.85
C THR B 166 23.81 -22.60 -5.80
N THR B 167 23.81 -21.29 -5.99
CA THR B 167 23.16 -20.40 -5.04
C THR B 167 21.90 -19.73 -5.58
N CYS B 168 20.90 -19.58 -4.70
CA CYS B 168 19.79 -18.69 -4.99
C CYS B 168 20.12 -17.32 -4.40
N ALA B 169 19.27 -16.33 -4.63
CA ALA B 169 19.52 -15.00 -4.06
C ALA B 169 18.25 -14.17 -3.91
N LEU B 170 18.20 -13.33 -2.89
CA LEU B 170 17.17 -12.29 -2.82
C LEU B 170 17.80 -10.96 -3.19
N TRP B 171 17.18 -10.26 -4.13
CA TRP B 171 17.74 -9.02 -4.65
C TRP B 171 16.92 -7.82 -4.20
N ASP B 172 17.59 -6.73 -3.86
CA ASP B 172 16.92 -5.45 -3.74
C ASP B 172 17.15 -4.73 -5.05
N ILE B 173 16.09 -4.60 -5.83
CA ILE B 173 16.20 -4.08 -7.19
C ILE B 173 16.55 -2.60 -7.21
N GLU B 174 15.93 -1.85 -6.30
CA GLU B 174 16.16 -0.41 -6.20
C GLU B 174 17.65 -0.09 -6.03
N THR B 175 18.29 -0.74 -5.06
CA THR B 175 19.71 -0.56 -4.85
C THR B 175 20.48 -1.38 -5.88
N GLY B 176 19.84 -2.41 -6.41
CA GLY B 176 20.45 -3.27 -7.41
C GLY B 176 21.38 -4.28 -6.77
N GLN B 177 21.32 -4.38 -5.44
CA GLN B 177 22.25 -5.21 -4.70
C GLN B 177 21.59 -6.45 -4.12
N GLN B 178 22.38 -7.51 -4.00
CA GLN B 178 21.92 -8.76 -3.43
C GLN B 178 21.70 -8.58 -1.93
N THR B 179 20.48 -8.85 -1.47
CA THR B 179 20.16 -8.72 -0.06
C THR B 179 20.55 -9.98 0.70
N THR B 180 19.92 -11.09 0.36
CA THR B 180 20.14 -12.35 1.06
C THR B 180 20.64 -13.44 0.12
N THR B 181 21.78 -14.03 0.45
CA THR B 181 22.34 -15.12 -0.34
C THR B 181 22.05 -16.48 0.28
N PHE B 182 21.54 -17.40 -0.52
CA PHE B 182 21.17 -18.73 -0.05
C PHE B 182 22.18 -19.78 -0.53
N THR B 183 22.89 -20.37 0.41
CA THR B 183 23.96 -21.32 0.09
C THR B 183 23.70 -22.68 0.73
N GLY B 184 24.43 -23.70 0.29
CA GLY B 184 24.22 -25.05 0.77
C GLY B 184 23.71 -26.08 -0.22
N HIS B 185 23.37 -25.65 -1.44
CA HIS B 185 23.13 -26.60 -2.53
C HIS B 185 24.48 -27.06 -3.08
N THR B 186 24.61 -28.36 -3.32
CA THR B 186 25.85 -28.91 -3.83
C THR B 186 25.85 -29.08 -5.35
N GLY B 187 24.80 -28.60 -5.99
CA GLY B 187 24.68 -28.71 -7.43
C GLY B 187 23.92 -27.56 -8.03
N ASP B 188 23.89 -27.50 -9.36
CA ASP B 188 23.22 -26.41 -10.08
C ASP B 188 21.74 -26.30 -9.71
N VAL B 189 21.29 -25.09 -9.42
CA VAL B 189 19.90 -24.87 -9.04
C VAL B 189 19.08 -24.52 -10.28
N MET B 190 18.20 -25.44 -10.67
CA MET B 190 17.47 -25.32 -11.92
C MET B 190 16.22 -24.45 -11.84
N SER B 191 15.61 -24.38 -10.65
CA SER B 191 14.30 -23.75 -10.50
C SER B 191 14.05 -23.23 -9.09
N LEU B 192 13.04 -22.37 -8.96
CA LEU B 192 12.58 -21.90 -7.65
C LEU B 192 11.09 -21.57 -7.67
N SER B 193 10.46 -21.64 -6.49
CA SER B 193 9.05 -21.28 -6.35
C SER B 193 8.79 -20.58 -5.02
N LEU B 194 8.16 -19.42 -5.08
CA LEU B 194 7.80 -18.68 -3.87
C LEU B 194 6.54 -19.25 -3.23
N ALA B 195 6.45 -19.16 -1.91
CA ALA B 195 5.21 -19.46 -1.20
C ALA B 195 4.21 -18.35 -1.50
N PRO B 196 2.90 -18.66 -1.41
CA PRO B 196 1.87 -17.65 -1.67
C PRO B 196 2.07 -16.35 -0.88
N ASP B 197 2.53 -16.47 0.37
CA ASP B 197 2.72 -15.30 1.22
C ASP B 197 4.12 -14.73 1.10
N THR B 198 4.95 -15.37 0.27
CA THR B 198 6.34 -14.96 0.03
C THR B 198 7.18 -14.96 1.32
N ARG B 199 6.75 -15.76 2.28
CA ARG B 199 7.52 -15.96 3.52
C ARG B 199 8.64 -16.97 3.25
N LEU B 200 8.32 -17.95 2.42
CA LEU B 200 9.25 -19.02 2.08
C LEU B 200 9.37 -19.21 0.57
N PHE B 201 10.41 -19.91 0.13
CA PHE B 201 10.51 -20.34 -1.25
C PHE B 201 11.35 -21.63 -1.36
N VAL B 202 11.00 -22.46 -2.33
CA VAL B 202 11.65 -23.75 -2.51
C VAL B 202 12.48 -23.77 -3.80
N SER B 203 13.52 -24.60 -3.83
CA SER B 203 14.43 -24.65 -4.98
C SER B 203 14.73 -26.07 -5.45
N GLY B 204 14.67 -26.30 -6.76
CA GLY B 204 15.11 -27.56 -7.33
C GLY B 204 16.56 -27.46 -7.79
N ALA B 205 17.27 -28.58 -7.78
CA ALA B 205 18.70 -28.55 -8.11
C ALA B 205 19.24 -29.87 -8.66
N CYS B 206 20.46 -29.79 -9.20
CA CYS B 206 21.15 -30.95 -9.79
C CYS B 206 21.68 -31.91 -8.73
N ASP B 207 21.52 -31.55 -7.45
CA ASP B 207 21.94 -32.42 -6.36
C ASP B 207 20.80 -33.37 -6.00
N ALA B 208 19.74 -33.35 -6.81
CA ALA B 208 18.59 -34.23 -6.67
C ALA B 208 17.84 -34.00 -5.36
N SER B 209 17.95 -32.79 -4.84
CA SER B 209 17.29 -32.43 -3.60
C SER B 209 16.56 -31.10 -3.74
N ALA B 210 15.47 -30.95 -2.98
CA ALA B 210 14.74 -29.69 -2.93
C ALA B 210 14.93 -29.06 -1.55
N LYS B 211 15.02 -27.75 -1.50
CA LYS B 211 15.31 -27.06 -0.24
C LYS B 211 14.36 -25.90 0.04
N LEU B 212 13.78 -25.93 1.23
CA LEU B 212 12.93 -24.86 1.70
C LEU B 212 13.77 -23.77 2.38
N TRP B 213 13.65 -22.53 1.92
CA TRP B 213 14.42 -21.43 2.49
C TRP B 213 13.52 -20.44 3.21
N ASP B 214 14.06 -19.81 4.24
CA ASP B 214 13.42 -18.69 4.91
C ASP B 214 13.84 -17.40 4.19
N VAL B 215 12.88 -16.63 3.71
CA VAL B 215 13.21 -15.41 2.98
C VAL B 215 13.71 -14.31 3.91
N ARG B 216 12.98 -14.06 4.99
CA ARG B 216 13.33 -13.00 5.93
C ARG B 216 14.65 -13.27 6.66
N GLU B 217 14.78 -14.46 7.25
CA GLU B 217 15.95 -14.79 8.06
C GLU B 217 17.09 -15.42 7.23
N GLY B 218 16.79 -15.74 5.98
CA GLY B 218 17.82 -16.19 5.03
C GLY B 218 18.52 -17.50 5.33
N MET B 219 17.74 -18.56 5.56
CA MET B 219 18.32 -19.83 5.95
C MET B 219 17.52 -21.01 5.38
N CYS B 220 18.19 -22.15 5.23
CA CYS B 220 17.48 -23.36 4.84
C CYS B 220 16.79 -23.96 6.05
N ARG B 221 15.50 -24.25 5.90
CA ARG B 221 14.74 -24.86 6.98
C ARG B 221 14.81 -26.37 6.84
N GLN B 222 14.27 -26.88 5.74
CA GLN B 222 14.24 -28.31 5.47
C GLN B 222 14.93 -28.66 4.16
N THR B 223 15.32 -29.92 4.03
CA THR B 223 15.89 -30.44 2.79
C THR B 223 15.16 -31.73 2.38
N PHE B 224 14.66 -31.76 1.16
CA PHE B 224 13.89 -32.89 0.67
C PHE B 224 14.67 -33.71 -0.35
N THR B 225 14.62 -35.03 -0.22
CA THR B 225 15.36 -35.92 -1.12
C THR B 225 14.52 -37.06 -1.68
N GLY B 226 15.18 -37.98 -2.37
CA GLY B 226 14.53 -39.14 -2.96
C GLY B 226 14.49 -39.16 -4.49
N HIS B 227 14.77 -38.04 -5.12
CA HIS B 227 14.87 -37.98 -6.58
C HIS B 227 16.16 -38.63 -7.04
N GLU B 228 16.09 -39.36 -8.16
CA GLU B 228 17.23 -40.12 -8.66
C GLU B 228 18.04 -39.35 -9.69
N SER B 229 17.57 -38.16 -10.04
CA SER B 229 18.29 -37.29 -10.96
C SER B 229 17.98 -35.82 -10.69
N ASP B 230 18.47 -34.96 -11.58
CA ASP B 230 18.33 -33.50 -11.43
C ASP B 230 16.87 -33.05 -11.31
N ILE B 231 16.63 -32.06 -10.45
CA ILE B 231 15.29 -31.47 -10.36
C ILE B 231 15.24 -30.21 -11.21
N ASN B 232 14.50 -30.29 -12.32
CA ASN B 232 14.44 -29.18 -13.27
C ASN B 232 13.32 -28.18 -12.98
N ALA B 233 12.38 -28.58 -12.14
CA ALA B 233 11.21 -27.75 -11.87
C ALA B 233 10.66 -27.95 -10.48
N ILE B 234 10.02 -26.90 -9.94
CA ILE B 234 9.43 -26.97 -8.61
C ILE B 234 8.23 -26.02 -8.54
N CYS B 235 7.18 -26.42 -7.84
CA CYS B 235 5.99 -25.58 -7.70
C CYS B 235 5.25 -25.81 -6.39
N PHE B 236 4.75 -24.72 -5.81
CA PHE B 236 4.01 -24.77 -4.55
C PHE B 236 2.56 -25.21 -4.70
N PHE B 237 2.09 -26.04 -3.78
CA PHE B 237 0.66 -26.31 -3.66
C PHE B 237 -0.01 -25.02 -3.16
N PRO B 238 -1.22 -24.71 -3.67
CA PRO B 238 -1.91 -23.45 -3.40
C PRO B 238 -1.95 -22.99 -1.93
N ASN B 239 -2.10 -23.88 -0.96
CA ASN B 239 -2.18 -23.44 0.43
C ASN B 239 -0.81 -23.17 1.05
N GLY B 240 0.24 -23.55 0.33
CA GLY B 240 1.60 -23.28 0.77
C GLY B 240 2.16 -24.31 1.73
N ASN B 241 1.41 -25.40 1.94
CA ASN B 241 1.84 -26.46 2.85
C ASN B 241 2.54 -27.60 2.13
N ALA B 242 2.62 -27.52 0.80
CA ALA B 242 3.20 -28.59 0.00
C ALA B 242 3.78 -28.06 -1.30
N PHE B 243 4.60 -28.88 -1.96
CA PHE B 243 5.15 -28.50 -3.26
C PHE B 243 5.45 -29.73 -4.11
N ALA B 244 5.41 -29.56 -5.43
CA ALA B 244 5.67 -30.65 -6.37
C ALA B 244 6.93 -30.39 -7.20
N THR B 245 7.66 -31.46 -7.50
CA THR B 245 8.93 -31.36 -8.24
C THR B 245 8.97 -32.21 -9.52
N GLY B 246 9.34 -31.59 -10.63
CA GLY B 246 9.65 -32.32 -11.86
C GLY B 246 11.13 -32.66 -11.96
N SER B 247 11.47 -33.76 -12.62
CA SER B 247 12.86 -34.23 -12.64
C SER B 247 13.24 -35.05 -13.88
N ASP B 248 14.55 -35.21 -14.05
CA ASP B 248 15.12 -36.00 -15.14
C ASP B 248 14.96 -37.50 -14.95
N ASP B 249 14.44 -37.91 -13.79
CA ASP B 249 14.22 -39.33 -13.52
C ASP B 249 12.84 -39.75 -14.01
N ALA B 250 12.18 -38.82 -14.71
CA ALA B 250 10.88 -39.02 -15.36
C ALA B 250 9.71 -38.94 -14.38
N THR B 251 10.01 -38.70 -13.10
CA THR B 251 9.00 -38.74 -12.05
C THR B 251 8.63 -37.36 -11.50
N CYS B 252 7.39 -37.22 -11.03
CA CYS B 252 6.98 -36.06 -10.26
C CYS B 252 6.75 -36.48 -8.80
N ARG B 253 7.21 -35.67 -7.86
CA ARG B 253 7.10 -36.01 -6.45
C ARG B 253 6.44 -34.91 -5.63
N LEU B 254 5.40 -35.28 -4.87
CA LEU B 254 4.74 -34.33 -3.98
C LEU B 254 5.35 -34.42 -2.59
N PHE B 255 5.84 -33.28 -2.10
CA PHE B 255 6.39 -33.20 -0.74
C PHE B 255 5.51 -32.34 0.16
N ASP B 256 5.43 -32.72 1.43
CA ASP B 256 4.70 -31.92 2.42
C ASP B 256 5.67 -31.26 3.38
N LEU B 257 5.43 -29.98 3.69
CA LEU B 257 6.33 -29.22 4.55
C LEU B 257 6.26 -29.64 6.02
N ARG B 258 5.05 -29.70 6.55
CA ARG B 258 4.83 -30.05 7.95
C ARG B 258 5.28 -31.47 8.25
N ALA B 259 5.06 -32.36 7.29
CA ALA B 259 5.43 -33.77 7.43
C ALA B 259 6.92 -33.97 7.16
N ASP B 260 7.53 -32.96 6.54
CA ASP B 260 8.96 -32.98 6.23
C ASP B 260 9.36 -34.23 5.45
N GLN B 261 8.54 -34.60 4.47
CA GLN B 261 8.84 -35.76 3.65
C GLN B 261 8.03 -35.85 2.36
N GLU B 262 8.30 -36.89 1.58
CA GLU B 262 7.61 -37.13 0.32
C GLU B 262 6.26 -37.78 0.51
N LEU B 263 5.21 -37.14 0.00
CA LEU B 263 3.88 -37.71 0.07
C LEU B 263 3.59 -38.70 -1.06
N MET B 264 3.96 -38.33 -2.28
CA MET B 264 3.51 -39.10 -3.44
C MET B 264 4.45 -38.96 -4.64
N THR B 265 4.56 -40.03 -5.43
CA THR B 265 5.32 -40.00 -6.68
C THR B 265 4.40 -40.11 -7.88
N TYR B 266 4.49 -39.15 -8.80
CA TYR B 266 3.70 -39.24 -10.02
C TYR B 266 4.60 -39.64 -11.17
N SER B 267 4.46 -40.88 -11.60
CA SER B 267 5.24 -41.42 -12.70
C SER B 267 4.50 -42.59 -13.31
N HIS B 268 4.89 -42.93 -14.54
CA HIS B 268 4.24 -44.02 -15.23
C HIS B 268 5.30 -44.84 -15.93
N ASP B 269 5.18 -46.16 -15.88
CA ASP B 269 6.03 -47.02 -16.67
C ASP B 269 5.82 -46.61 -18.13
N ASN B 270 6.88 -46.70 -18.92
CA ASN B 270 6.93 -46.26 -20.32
C ASN B 270 7.14 -44.74 -20.43
N ILE B 271 7.11 -44.03 -19.31
CA ILE B 271 7.56 -42.63 -19.35
C ILE B 271 8.95 -42.56 -18.75
N ILE B 272 9.95 -42.50 -19.61
CA ILE B 272 11.35 -42.43 -19.20
C ILE B 272 12.02 -41.07 -19.41
N CYS B 273 11.34 -40.15 -20.08
CA CYS B 273 11.96 -38.88 -20.46
C CYS B 273 11.98 -37.89 -19.30
N GLY B 274 12.91 -36.94 -19.35
CA GLY B 274 13.03 -35.94 -18.30
C GLY B 274 11.85 -34.99 -18.30
N ILE B 275 11.60 -34.37 -17.14
CA ILE B 275 10.47 -33.45 -16.98
C ILE B 275 10.97 -32.01 -16.84
N THR B 276 10.58 -31.15 -17.79
CA THR B 276 11.08 -29.78 -17.83
C THR B 276 10.36 -28.80 -16.91
N SER B 277 9.06 -28.97 -16.71
CA SER B 277 8.26 -27.98 -16.00
C SER B 277 7.08 -28.57 -15.23
N VAL B 278 6.69 -27.90 -14.15
CA VAL B 278 5.54 -28.32 -13.35
C VAL B 278 4.63 -27.15 -12.97
N SER B 279 3.32 -27.39 -12.95
CA SER B 279 2.40 -26.40 -12.40
C SER B 279 1.12 -27.04 -11.87
N PHE B 280 0.63 -26.53 -10.74
CA PHE B 280 -0.65 -26.95 -10.19
C PHE B 280 -1.81 -26.20 -10.84
N SER B 281 -2.99 -26.81 -10.82
CA SER B 281 -4.21 -26.09 -11.16
C SER B 281 -4.61 -25.22 -9.97
N LYS B 282 -5.69 -24.45 -10.14
CA LYS B 282 -6.11 -23.49 -9.12
C LYS B 282 -6.46 -24.16 -7.79
N SER B 283 -7.23 -25.24 -7.85
CA SER B 283 -7.61 -25.97 -6.63
C SER B 283 -6.48 -26.86 -6.15
N GLY B 284 -5.48 -27.07 -6.99
CA GLY B 284 -4.33 -27.89 -6.64
C GLY B 284 -4.58 -29.37 -6.89
N ARG B 285 -5.77 -29.70 -7.40
CA ARG B 285 -6.13 -31.08 -7.66
C ARG B 285 -5.37 -31.63 -8.85
N LEU B 286 -5.06 -30.77 -9.81
CA LEU B 286 -4.37 -31.16 -11.03
C LEU B 286 -2.94 -30.65 -11.07
N LEU B 287 -2.00 -31.55 -11.38
CA LEU B 287 -0.61 -31.19 -11.55
C LEU B 287 -0.19 -31.38 -13.00
N LEU B 288 0.25 -30.30 -13.64
CA LEU B 288 0.65 -30.35 -15.04
C LEU B 288 2.16 -30.42 -15.16
N ALA B 289 2.65 -31.30 -16.03
CA ALA B 289 4.09 -31.49 -16.18
C ALA B 289 4.52 -31.53 -17.65
N GLY B 290 5.46 -30.66 -18.01
CA GLY B 290 6.06 -30.68 -19.33
C GLY B 290 7.09 -31.78 -19.43
N TYR B 291 7.13 -32.46 -20.56
CA TYR B 291 8.03 -33.61 -20.73
C TYR B 291 8.96 -33.44 -21.94
N ASP B 292 10.02 -34.24 -21.97
CA ASP B 292 10.97 -34.22 -23.08
C ASP B 292 10.44 -34.97 -24.30
N ASP B 293 9.31 -35.67 -24.12
CA ASP B 293 8.74 -36.51 -25.16
C ASP B 293 7.77 -35.74 -26.06
N PHE B 294 7.78 -34.42 -25.88
CA PHE B 294 6.98 -33.44 -26.65
C PHE B 294 5.59 -33.26 -26.05
N ASN B 295 5.28 -34.04 -25.02
CA ASN B 295 3.94 -33.97 -24.42
C ASN B 295 3.88 -33.17 -23.12
N CYS B 296 2.66 -33.02 -22.62
CA CYS B 296 2.43 -32.51 -21.28
C CYS B 296 1.34 -33.35 -20.61
N ASN B 297 1.71 -34.06 -19.56
CA ASN B 297 0.77 -34.98 -18.91
C ASN B 297 0.05 -34.35 -17.72
N VAL B 298 -1.26 -34.58 -17.65
CA VAL B 298 -2.10 -34.04 -16.59
C VAL B 298 -2.32 -35.09 -15.50
N TRP B 299 -1.78 -34.83 -14.31
CA TRP B 299 -1.87 -35.79 -13.22
C TRP B 299 -2.90 -35.39 -12.17
N ASP B 300 -3.58 -36.39 -11.61
CA ASP B 300 -4.43 -36.18 -10.44
C ASP B 300 -3.51 -36.15 -9.22
N ALA B 301 -3.50 -35.02 -8.52
CA ALA B 301 -2.57 -34.83 -7.41
C ALA B 301 -2.87 -35.75 -6.24
N LEU B 302 -4.16 -35.93 -5.95
CA LEU B 302 -4.58 -36.75 -4.82
C LEU B 302 -4.56 -38.25 -5.15
N LYS B 303 -4.98 -38.59 -6.37
CA LYS B 303 -5.16 -40.00 -6.76
C LYS B 303 -3.93 -40.63 -7.43
N ALA B 304 -2.94 -39.80 -7.73
CA ALA B 304 -1.70 -40.26 -8.39
C ALA B 304 -1.96 -40.92 -9.73
N ASP B 305 -3.06 -40.55 -10.39
CA ASP B 305 -3.37 -41.08 -11.70
C ASP B 305 -3.28 -39.99 -12.75
N ARG B 306 -2.94 -40.37 -13.98
CA ARG B 306 -2.88 -39.41 -15.06
C ARG B 306 -4.30 -39.09 -15.54
N ALA B 307 -4.66 -37.81 -15.49
CA ALA B 307 -6.01 -37.39 -15.85
C ALA B 307 -6.11 -37.03 -17.32
N GLY B 308 -4.97 -36.95 -18.00
CA GLY B 308 -4.96 -36.56 -19.40
C GLY B 308 -3.59 -36.43 -20.02
N VAL B 309 -3.56 -35.97 -21.27
CA VAL B 309 -2.32 -35.78 -21.99
C VAL B 309 -2.49 -34.62 -22.98
N LEU B 310 -1.44 -33.83 -23.15
CA LEU B 310 -1.46 -32.76 -24.15
C LEU B 310 -0.30 -32.87 -25.13
N ALA B 311 -0.60 -33.18 -26.39
CA ALA B 311 0.45 -33.10 -27.41
C ALA B 311 0.05 -32.12 -28.52
N GLY B 312 0.64 -30.93 -28.47
CA GLY B 312 0.51 -29.97 -29.54
C GLY B 312 1.83 -29.67 -30.22
N HIS B 313 2.92 -30.23 -29.68
CA HIS B 313 4.25 -29.78 -30.04
C HIS B 313 5.10 -30.83 -30.75
N ASP B 314 5.93 -30.38 -31.68
CA ASP B 314 6.82 -31.25 -32.44
C ASP B 314 8.19 -31.35 -31.76
N ASN B 315 8.40 -30.51 -30.76
CA ASN B 315 9.62 -30.56 -29.96
C ASN B 315 9.28 -30.62 -28.47
N ARG B 316 10.27 -30.94 -27.65
CA ARG B 316 10.05 -31.13 -26.21
C ARG B 316 9.43 -29.89 -25.58
N VAL B 317 8.50 -30.09 -24.66
CA VAL B 317 7.85 -28.98 -23.98
C VAL B 317 8.76 -28.45 -22.88
N SER B 318 9.22 -27.22 -23.05
CA SER B 318 10.20 -26.62 -22.16
C SER B 318 9.62 -25.97 -20.90
N CYS B 319 8.39 -25.47 -20.98
CA CYS B 319 7.80 -24.74 -19.86
C CYS B 319 6.28 -24.79 -19.83
N LEU B 320 5.71 -24.58 -18.63
CA LEU B 320 4.26 -24.54 -18.45
C LEU B 320 3.82 -23.32 -17.64
N GLY B 321 2.53 -23.01 -17.72
CA GLY B 321 1.92 -22.02 -16.85
C GLY B 321 0.43 -22.18 -16.75
N VAL B 322 -0.14 -21.75 -15.63
CA VAL B 322 -1.57 -21.77 -15.42
C VAL B 322 -2.02 -20.41 -14.90
N THR B 323 -3.09 -19.87 -15.49
CA THR B 323 -3.58 -18.56 -15.11
C THR B 323 -4.08 -18.56 -13.67
N ASP B 324 -4.07 -17.39 -13.04
CA ASP B 324 -4.56 -17.24 -11.67
C ASP B 324 -6.02 -17.64 -11.54
N ASP B 325 -6.79 -17.39 -12.59
CA ASP B 325 -8.20 -17.79 -12.59
C ASP B 325 -8.34 -19.28 -12.94
N GLY B 326 -7.22 -19.90 -13.33
CA GLY B 326 -7.21 -21.31 -13.67
C GLY B 326 -7.97 -21.63 -14.93
N MET B 327 -8.21 -20.61 -15.74
CA MET B 327 -9.00 -20.74 -16.96
C MET B 327 -8.20 -21.35 -18.11
N ALA B 328 -6.89 -21.12 -18.12
CA ALA B 328 -6.09 -21.54 -19.27
C ALA B 328 -4.74 -22.13 -18.89
N VAL B 329 -4.27 -23.05 -19.72
CA VAL B 329 -2.96 -23.67 -19.57
C VAL B 329 -2.05 -23.28 -20.73
N ALA B 330 -0.87 -22.77 -20.40
CA ALA B 330 0.08 -22.36 -21.43
C ALA B 330 1.27 -23.30 -21.48
N THR B 331 1.58 -23.79 -22.68
CA THR B 331 2.75 -24.62 -22.89
C THR B 331 3.73 -23.88 -23.80
N GLY B 332 5.00 -24.23 -23.72
CA GLY B 332 6.01 -23.65 -24.59
C GLY B 332 7.04 -24.71 -24.87
N SER B 333 7.74 -24.58 -26.00
CA SER B 333 8.56 -25.68 -26.47
C SER B 333 9.73 -25.23 -27.34
N TRP B 334 10.54 -26.21 -27.75
CA TRP B 334 11.65 -25.97 -28.65
C TRP B 334 11.17 -25.85 -30.10
N ASP B 335 9.88 -26.08 -30.32
CA ASP B 335 9.30 -26.00 -31.66
C ASP B 335 8.91 -24.55 -32.00
N SER B 336 9.26 -23.65 -31.08
CA SER B 336 9.10 -22.19 -31.26
C SER B 336 7.66 -21.73 -31.08
N PHE B 337 6.74 -22.66 -30.80
CA PHE B 337 5.34 -22.29 -30.63
C PHE B 337 4.82 -22.38 -29.19
N LEU B 338 3.88 -21.49 -28.88
CA LEU B 338 3.16 -21.50 -27.62
C LEU B 338 1.71 -21.90 -27.88
N LYS B 339 1.13 -22.67 -26.95
CA LYS B 339 -0.25 -23.11 -27.10
C LYS B 339 -1.05 -22.93 -25.82
N ILE B 340 -2.20 -22.28 -25.94
CA ILE B 340 -3.09 -22.07 -24.80
C ILE B 340 -4.21 -23.11 -24.79
N TRP B 341 -4.23 -23.92 -23.74
CA TRP B 341 -5.16 -25.04 -23.63
C TRP B 341 -6.34 -24.74 -22.71
N ASN B 342 -7.51 -25.28 -23.05
CA ASN B 342 -8.73 -25.05 -22.28
C ASN B 342 -9.78 -26.12 -22.60
N SER C 8 40.52 -31.74 3.37
CA SER C 8 39.17 -31.24 3.22
C SER C 8 38.99 -29.96 4.00
N ILE C 9 37.81 -29.36 3.87
CA ILE C 9 37.50 -28.03 4.36
C ILE C 9 36.77 -28.03 5.70
N ALA C 10 36.94 -26.96 6.46
CA ALA C 10 36.32 -26.81 7.78
C ALA C 10 34.81 -26.56 7.66
N GLN C 11 34.34 -26.44 6.43
CA GLN C 11 32.92 -26.30 6.14
C GLN C 11 32.16 -27.56 6.53
N ALA C 12 32.90 -28.64 6.72
CA ALA C 12 32.33 -29.92 7.17
C ALA C 12 31.57 -29.75 8.49
N ARG C 13 32.03 -28.83 9.32
CA ARG C 13 31.36 -28.54 10.58
C ARG C 13 30.02 -27.82 10.35
N LYS C 14 30.00 -26.90 9.40
CA LYS C 14 28.79 -26.14 9.09
C LYS C 14 27.64 -27.05 8.67
N LEU C 15 27.95 -28.07 7.89
CA LEU C 15 26.96 -29.04 7.43
C LEU C 15 26.37 -29.80 8.62
N VAL C 16 27.23 -30.23 9.53
CA VAL C 16 26.80 -30.90 10.75
C VAL C 16 25.83 -30.03 11.54
N GLU C 17 26.15 -28.75 11.63
CA GLU C 17 25.28 -27.81 12.32
C GLU C 17 23.95 -27.64 11.60
N GLN C 18 24.01 -27.57 10.27
CA GLN C 18 22.78 -27.47 9.46
C GLN C 18 21.91 -28.70 9.65
N LEU C 19 22.56 -29.87 9.71
CA LEU C 19 21.85 -31.13 9.93
C LEU C 19 21.14 -31.12 11.27
N LYS C 20 21.72 -30.42 12.24
CA LYS C 20 21.10 -30.27 13.55
C LYS C 20 19.84 -29.40 13.46
N MET C 21 19.92 -28.37 12.61
CA MET C 21 18.77 -27.51 12.37
C MET C 21 17.71 -28.26 11.57
N GLU C 22 18.18 -29.13 10.68
CA GLU C 22 17.29 -30.04 9.97
C GLU C 22 16.64 -30.99 10.98
N ALA C 23 17.41 -31.34 12.00
CA ALA C 23 17.00 -32.34 12.99
C ALA C 23 15.98 -31.84 14.00
N ASN C 24 16.12 -30.61 14.46
CA ASN C 24 15.17 -30.09 15.43
C ASN C 24 14.06 -29.35 14.71
N ILE C 25 12.89 -29.97 14.62
CA ILE C 25 11.75 -29.37 13.96
C ILE C 25 10.45 -30.05 14.40
N ASP C 26 9.33 -29.37 14.20
CA ASP C 26 8.01 -29.95 14.43
C ASP C 26 7.58 -30.80 13.25
N ARG C 27 7.34 -32.08 13.51
CA ARG C 27 6.94 -33.01 12.46
C ARG C 27 5.54 -33.56 12.71
N ILE C 28 4.66 -33.38 11.72
CA ILE C 28 3.26 -33.77 11.82
C ILE C 28 2.99 -35.09 11.09
N LYS C 29 2.11 -35.91 11.64
CA LYS C 29 1.73 -37.17 11.01
C LYS C 29 1.12 -36.93 9.63
N VAL C 30 1.46 -37.82 8.69
CA VAL C 30 1.09 -37.68 7.28
C VAL C 30 -0.42 -37.56 7.07
N SER C 31 -1.17 -38.43 7.74
CA SER C 31 -2.63 -38.49 7.58
C SER C 31 -3.29 -37.14 7.83
N LYS C 32 -2.72 -36.37 8.74
CA LYS C 32 -3.23 -35.02 9.02
C LYS C 32 -2.87 -34.08 7.87
N ALA C 33 -1.63 -34.15 7.42
CA ALA C 33 -1.18 -33.35 6.29
C ALA C 33 -1.93 -33.75 5.02
N ALA C 34 -2.20 -35.05 4.90
CA ALA C 34 -2.91 -35.58 3.74
C ALA C 34 -4.37 -35.14 3.73
N ALA C 35 -5.00 -35.14 4.90
CA ALA C 35 -6.39 -34.71 5.03
C ALA C 35 -6.54 -33.23 4.70
N ASP C 36 -5.57 -32.44 5.14
CA ASP C 36 -5.60 -30.99 4.90
C ASP C 36 -5.52 -30.67 3.42
N LEU C 37 -4.76 -31.47 2.67
CA LEU C 37 -4.64 -31.29 1.22
C LEU C 37 -5.96 -31.66 0.54
N MET C 38 -6.58 -32.74 1.01
CA MET C 38 -7.90 -33.14 0.52
C MET C 38 -8.93 -32.05 0.81
N ALA C 39 -8.86 -31.51 2.02
CA ALA C 39 -9.80 -30.49 2.46
C ALA C 39 -9.73 -29.26 1.57
N TYR C 40 -8.51 -28.86 1.23
CA TYR C 40 -8.32 -27.67 0.39
C TYR C 40 -8.85 -27.92 -1.01
N CYS C 41 -8.53 -29.10 -1.57
CA CYS C 41 -8.98 -29.46 -2.91
C CYS C 41 -10.50 -29.44 -3.03
N GLU C 42 -11.18 -30.07 -2.08
CA GLU C 42 -12.64 -30.12 -2.11
C GLU C 42 -13.28 -28.75 -1.88
N ALA C 43 -12.60 -27.92 -1.09
CA ALA C 43 -13.09 -26.58 -0.80
C ALA C 43 -13.16 -25.73 -2.06
N HIS C 44 -12.09 -25.72 -2.84
CA HIS C 44 -11.98 -24.92 -4.05
C HIS C 44 -12.28 -25.70 -5.34
N ALA C 45 -12.69 -26.96 -5.19
CA ALA C 45 -12.98 -27.83 -6.33
C ALA C 45 -13.97 -27.23 -7.32
N LYS C 46 -14.99 -26.55 -6.79
CA LYS C 46 -16.00 -25.93 -7.63
C LYS C 46 -15.47 -24.69 -8.32
N GLU C 47 -14.37 -24.14 -7.80
CA GLU C 47 -13.79 -22.91 -8.32
C GLU C 47 -12.72 -23.19 -9.39
N ASP C 48 -12.40 -24.47 -9.59
CA ASP C 48 -11.38 -24.86 -10.56
C ASP C 48 -11.99 -25.07 -11.95
N PRO C 49 -11.61 -24.22 -12.92
CA PRO C 49 -12.17 -24.28 -14.28
C PRO C 49 -11.74 -25.52 -15.06
N LEU C 50 -10.61 -26.11 -14.72
CA LEU C 50 -10.16 -27.31 -15.40
C LEU C 50 -10.90 -28.54 -14.88
N LEU C 51 -11.23 -28.53 -13.59
CA LEU C 51 -12.08 -29.56 -13.01
C LEU C 51 -13.55 -29.30 -13.33
N THR C 52 -13.97 -28.05 -13.12
CA THR C 52 -15.36 -27.67 -13.35
C THR C 52 -15.53 -27.01 -14.70
N PRO C 53 -16.36 -27.62 -15.56
CA PRO C 53 -16.53 -27.14 -16.94
C PRO C 53 -17.34 -25.86 -16.99
N VAL C 54 -16.66 -24.73 -16.79
CA VAL C 54 -17.25 -23.41 -16.91
C VAL C 54 -17.94 -23.27 -18.27
N PRO C 55 -19.13 -22.64 -18.28
CA PRO C 55 -19.93 -22.45 -19.50
C PRO C 55 -19.12 -21.90 -20.66
N ALA C 56 -19.31 -22.48 -21.85
CA ALA C 56 -18.56 -22.11 -23.03
C ALA C 56 -18.82 -20.68 -23.46
N SER C 57 -19.90 -20.10 -22.94
CA SER C 57 -20.26 -18.72 -23.24
C SER C 57 -19.27 -17.75 -22.62
N GLU C 58 -18.99 -17.93 -21.33
CA GLU C 58 -18.19 -16.98 -20.58
C GLU C 58 -16.67 -17.09 -20.77
N ASN C 59 -16.18 -18.26 -21.15
CA ASN C 59 -14.73 -18.44 -21.24
C ASN C 59 -14.19 -17.70 -22.47
N PRO C 60 -13.06 -16.99 -22.28
CA PRO C 60 -12.46 -16.13 -23.32
C PRO C 60 -12.06 -16.90 -24.57
N PHE C 61 -11.75 -18.18 -24.41
CA PHE C 61 -11.35 -18.98 -25.55
C PHE C 61 -12.49 -19.88 -26.02
N ARG C 62 -13.09 -19.53 -27.14
CA ARG C 62 -14.26 -20.23 -27.67
C ARG C 62 -14.36 -20.12 -29.19
N SER D 6 15.29 8.58 35.14
CA SER D 6 14.87 9.43 36.24
C SER D 6 15.73 10.68 36.33
N ALA D 7 16.06 11.25 35.17
CA ALA D 7 16.92 12.43 35.14
C ALA D 7 16.34 13.57 34.30
N GLU D 8 16.22 13.34 33.00
CA GLU D 8 15.84 14.39 32.06
C GLU D 8 14.35 14.73 32.08
N ASP D 9 13.53 13.80 32.55
CA ASP D 9 12.08 13.98 32.58
C ASP D 9 11.62 14.74 33.83
N LYS D 10 12.56 15.06 34.70
CA LYS D 10 12.22 15.73 35.95
C LYS D 10 11.75 17.17 35.74
N ALA D 11 12.25 17.82 34.71
CA ALA D 11 11.77 19.15 34.35
C ALA D 11 10.33 19.08 33.84
N ALA D 12 10.05 18.02 33.09
CA ALA D 12 8.74 17.82 32.48
C ALA D 12 7.66 17.37 33.47
N VAL D 13 8.03 16.52 34.42
CA VAL D 13 7.07 16.04 35.42
C VAL D 13 6.58 17.22 36.26
N GLU D 14 7.48 18.13 36.58
CA GLU D 14 7.13 19.30 37.37
C GLU D 14 6.16 20.23 36.62
N ARG D 15 6.34 20.38 35.32
CA ARG D 15 5.44 21.21 34.53
C ARG D 15 4.10 20.52 34.31
N SER D 16 4.13 19.20 34.20
CA SER D 16 2.91 18.40 34.07
C SER D 16 2.08 18.53 35.34
N LYS D 17 2.77 18.54 36.48
CA LYS D 17 2.12 18.70 37.78
C LYS D 17 1.63 20.14 37.95
N MET D 18 2.33 21.07 37.32
CA MET D 18 1.93 22.47 37.31
C MET D 18 0.58 22.62 36.61
N ILE D 19 0.43 21.92 35.50
CA ILE D 19 -0.82 21.92 34.75
C ILE D 19 -1.95 21.34 35.60
N ASP D 20 -1.66 20.26 36.31
CA ASP D 20 -2.63 19.59 37.15
C ASP D 20 -3.17 20.52 38.24
N ARG D 21 -2.31 21.40 38.73
CA ARG D 21 -2.71 22.35 39.77
C ARG D 21 -3.65 23.43 39.24
N ASN D 22 -3.35 23.96 38.05
CA ASN D 22 -4.18 24.99 37.44
C ASN D 22 -5.57 24.49 37.11
N LEU D 23 -5.64 23.22 36.72
CA LEU D 23 -6.92 22.58 36.43
C LEU D 23 -7.75 22.42 37.69
N ARG D 24 -7.11 22.07 38.80
CA ARG D 24 -7.80 21.92 40.08
C ARG D 24 -8.44 23.25 40.50
N GLU D 25 -7.71 24.34 40.33
CA GLU D 25 -8.22 25.67 40.68
C GLU D 25 -9.37 26.09 39.76
N ASP D 26 -9.22 25.82 38.47
CA ASP D 26 -10.28 26.10 37.51
C ASP D 26 -11.50 25.23 37.80
N GLY D 27 -11.24 24.00 38.24
CA GLY D 27 -12.30 23.07 38.59
C GLY D 27 -13.08 23.58 39.78
N GLU D 28 -12.39 24.26 40.69
CA GLU D 28 -13.03 24.84 41.86
C GLU D 28 -14.08 25.87 41.47
N LYS D 29 -13.71 26.76 40.56
CA LYS D 29 -14.58 27.86 40.17
C LYS D 29 -15.73 27.39 39.28
N ALA D 30 -15.48 26.37 38.47
CA ALA D 30 -16.51 25.87 37.54
C ALA D 30 -17.66 25.20 38.29
N ALA D 31 -17.33 24.52 39.38
CA ALA D 31 -18.33 23.81 40.17
C ALA D 31 -19.21 24.81 40.92
N ARG D 32 -18.68 26.00 41.16
CA ARG D 32 -19.39 27.03 41.91
C ARG D 32 -20.18 27.95 40.98
N GLU D 33 -20.15 27.66 39.68
CA GLU D 33 -20.85 28.48 38.71
C GLU D 33 -22.22 27.91 38.36
N VAL D 34 -23.24 28.75 38.46
CA VAL D 34 -24.57 28.37 38.02
C VAL D 34 -24.64 28.46 36.50
N LYS D 35 -25.07 27.38 35.85
CA LYS D 35 -25.10 27.35 34.40
C LYS D 35 -26.54 27.39 33.88
N LEU D 36 -26.90 28.50 33.25
CA LEU D 36 -28.24 28.65 32.69
C LEU D 36 -28.27 28.43 31.18
N LEU D 37 -29.32 27.77 30.70
CA LEU D 37 -29.47 27.50 29.28
C LEU D 37 -30.75 28.09 28.71
N LEU D 38 -30.61 29.08 27.84
CA LEU D 38 -31.76 29.68 27.18
C LEU D 38 -32.23 28.84 26.01
N LEU D 39 -33.53 28.55 25.97
CA LEU D 39 -34.11 27.79 24.87
C LEU D 39 -35.41 28.42 24.38
N GLY D 40 -36.09 27.74 23.47
CA GLY D 40 -37.31 28.25 22.87
C GLY D 40 -37.14 28.65 21.42
N ALA D 41 -38.26 28.88 20.75
CA ALA D 41 -38.27 29.19 19.32
C ALA D 41 -37.64 30.55 19.03
N GLY D 42 -37.28 30.76 17.77
CA GLY D 42 -36.73 32.03 17.34
C GLY D 42 -37.68 33.19 17.58
N GLU D 43 -37.11 34.36 17.83
CA GLU D 43 -37.86 35.60 18.08
C GLU D 43 -38.74 35.50 19.33
N SER D 44 -38.37 34.64 20.27
CA SER D 44 -39.14 34.45 21.50
C SER D 44 -38.66 35.32 22.65
N GLY D 45 -37.56 36.05 22.44
CA GLY D 45 -37.06 36.95 23.47
C GLY D 45 -35.81 36.51 24.19
N LYS D 46 -35.16 35.44 23.72
CA LYS D 46 -33.95 34.93 24.38
C LYS D 46 -32.84 35.96 24.35
N SER D 47 -32.66 36.61 23.20
CA SER D 47 -31.66 37.65 23.06
C SER D 47 -31.97 38.85 23.95
N THR D 48 -33.27 39.14 24.11
CA THR D 48 -33.72 40.26 24.94
C THR D 48 -33.33 40.04 26.40
N ILE D 49 -33.55 38.82 26.87
CA ILE D 49 -33.32 38.47 28.26
C ILE D 49 -31.84 38.63 28.65
N VAL D 50 -30.94 38.17 27.77
CA VAL D 50 -29.50 38.32 27.99
C VAL D 50 -29.14 39.80 28.19
N LYS D 51 -29.71 40.67 27.37
CA LYS D 51 -29.51 42.12 27.53
C LYS D 51 -30.05 42.61 28.87
N GLN D 52 -31.18 42.05 29.28
CA GLN D 52 -31.80 42.40 30.55
C GLN D 52 -30.90 42.01 31.72
N MET D 53 -30.19 40.90 31.56
CA MET D 53 -29.23 40.44 32.58
C MET D 53 -28.11 41.45 32.75
N LYS D 54 -27.66 42.02 31.63
CA LYS D 54 -26.61 43.05 31.68
C LYS D 54 -27.14 44.33 32.31
N ILE D 55 -28.40 44.67 32.01
CA ILE D 55 -28.98 45.87 32.57
C ILE D 55 -29.08 45.76 34.10
N ILE D 56 -29.66 44.66 34.57
CA ILE D 56 -29.91 44.47 35.99
C ILE D 56 -28.65 44.15 36.80
N HIS D 57 -27.90 43.13 36.37
CA HIS D 57 -26.78 42.63 37.16
C HIS D 57 -25.41 43.16 36.73
N GLU D 58 -25.38 43.99 35.69
CA GLU D 58 -24.14 44.60 35.21
C GLU D 58 -24.33 46.10 34.99
N ALA D 59 -23.32 46.72 34.40
CA ALA D 59 -23.34 48.15 34.12
C ALA D 59 -24.55 48.57 33.30
N GLY D 60 -25.03 47.67 32.45
CA GLY D 60 -26.13 47.98 31.56
C GLY D 60 -25.62 48.59 30.28
N TYR D 61 -26.43 49.44 29.65
CA TYR D 61 -26.01 50.08 28.42
C TYR D 61 -25.79 51.58 28.60
N SER D 62 -24.53 51.99 28.51
CA SER D 62 -24.16 53.40 28.62
C SER D 62 -24.35 54.13 27.29
N GLU D 63 -23.94 55.40 27.27
CA GLU D 63 -24.06 56.24 26.08
C GLU D 63 -23.29 55.66 24.90
N GLU D 64 -22.08 55.19 25.15
CA GLU D 64 -21.23 54.64 24.10
C GLU D 64 -21.86 53.39 23.48
N GLU D 65 -22.49 52.58 24.32
CA GLU D 65 -23.13 51.36 23.88
C GLU D 65 -24.44 51.58 23.11
N CYS D 66 -25.19 52.62 23.49
CA CYS D 66 -26.46 52.91 22.84
C CYS D 66 -26.33 53.40 21.39
N LYS D 67 -25.31 54.21 21.11
CA LYS D 67 -25.12 54.74 19.76
C LYS D 67 -24.82 53.66 18.72
N GLN D 68 -24.25 52.55 19.17
CA GLN D 68 -24.02 51.41 18.29
C GLN D 68 -25.34 50.88 17.75
N TYR D 69 -26.37 50.95 18.59
CA TYR D 69 -27.68 50.43 18.22
C TYR D 69 -28.49 51.46 17.43
N LYS D 70 -28.02 52.70 17.38
CA LYS D 70 -28.73 53.76 16.68
C LYS D 70 -28.93 53.38 15.22
N ALA D 71 -27.89 52.80 14.63
CA ALA D 71 -27.94 52.29 13.28
C ALA D 71 -28.90 51.11 13.20
N VAL D 72 -28.83 50.23 14.19
CA VAL D 72 -29.66 49.03 14.24
C VAL D 72 -31.13 49.37 14.40
N VAL D 73 -31.42 50.41 15.17
CA VAL D 73 -32.79 50.88 15.38
C VAL D 73 -33.39 51.34 14.05
N TYR D 74 -32.61 52.09 13.29
CA TYR D 74 -33.05 52.60 11.99
C TYR D 74 -33.30 51.45 11.02
N SER D 75 -32.42 50.45 11.02
CA SER D 75 -32.56 49.29 10.15
C SER D 75 -33.86 48.53 10.44
N ASN D 76 -34.13 48.30 11.73
CA ASN D 76 -35.36 47.64 12.14
C ASN D 76 -36.60 48.43 11.78
N THR D 77 -36.50 49.75 11.89
CA THR D 77 -37.62 50.65 11.60
C THR D 77 -37.97 50.61 10.12
N ILE D 78 -36.94 50.74 9.29
CA ILE D 78 -37.11 50.76 7.84
C ILE D 78 -37.66 49.45 7.29
N GLN D 79 -37.05 48.33 7.70
CA GLN D 79 -37.46 47.02 7.21
C GLN D 79 -38.87 46.65 7.64
N SER D 80 -39.31 47.21 8.76
CA SER D 80 -40.66 46.97 9.26
C SER D 80 -41.72 47.57 8.34
N ILE D 81 -41.59 48.87 8.05
CA ILE D 81 -42.58 49.56 7.23
C ILE D 81 -42.54 49.02 5.80
N ILE D 82 -41.36 48.57 5.36
CA ILE D 82 -41.21 47.96 4.05
C ILE D 82 -42.00 46.66 3.98
N ALA D 83 -41.94 45.88 5.05
CA ALA D 83 -42.68 44.61 5.15
C ALA D 83 -44.18 44.84 5.09
N ILE D 84 -44.62 45.94 5.69
CA ILE D 84 -46.04 46.29 5.69
C ILE D 84 -46.49 46.70 4.28
N ILE D 85 -45.69 47.52 3.62
CA ILE D 85 -46.00 47.96 2.26
C ILE D 85 -46.10 46.79 1.28
N ARG D 86 -45.15 45.87 1.36
CA ARG D 86 -45.15 44.68 0.52
C ARG D 86 -46.40 43.83 0.73
N ALA D 87 -46.88 43.79 1.96
CA ALA D 87 -48.06 43.01 2.29
C ALA D 87 -49.33 43.64 1.71
N MET D 88 -49.30 44.96 1.54
CA MET D 88 -50.43 45.67 0.93
C MET D 88 -50.68 45.18 -0.48
N GLY D 89 -49.59 44.87 -1.19
CA GLY D 89 -49.69 44.37 -2.55
C GLY D 89 -50.27 42.97 -2.62
N ARG D 90 -49.77 42.08 -1.78
CA ARG D 90 -50.21 40.69 -1.76
C ARG D 90 -51.67 40.57 -1.33
N LEU D 91 -52.07 41.45 -0.41
CA LEU D 91 -53.39 41.38 0.20
C LEU D 91 -54.44 42.24 -0.50
N LYS D 92 -54.07 42.84 -1.63
CA LYS D 92 -54.96 43.72 -2.39
C LYS D 92 -55.44 44.91 -1.56
N ILE D 93 -54.52 45.54 -0.83
CA ILE D 93 -54.89 46.64 0.04
C ILE D 93 -54.51 47.99 -0.58
N ASP D 94 -55.52 48.74 -0.99
CA ASP D 94 -55.30 50.04 -1.62
C ASP D 94 -54.85 51.05 -0.59
N PHE D 95 -54.12 52.08 -1.03
CA PHE D 95 -53.73 53.17 -0.14
C PHE D 95 -54.94 54.01 0.24
N GLY D 96 -54.88 54.62 1.42
CA GLY D 96 -55.92 55.53 1.85
C GLY D 96 -55.84 56.81 1.05
N ASP D 97 -54.61 57.29 0.84
CA ASP D 97 -54.34 58.44 0.01
C ASP D 97 -53.50 58.01 -1.19
N ALA D 98 -53.95 58.36 -2.39
CA ALA D 98 -53.27 57.99 -3.62
C ALA D 98 -51.85 58.56 -3.70
N ALA D 99 -51.60 59.63 -2.94
CA ALA D 99 -50.30 60.28 -2.93
C ALA D 99 -49.24 59.47 -2.20
N ARG D 100 -49.66 58.45 -1.45
CA ARG D 100 -48.74 57.63 -0.68
C ARG D 100 -47.93 56.69 -1.55
N ALA D 101 -48.37 56.49 -2.79
CA ALA D 101 -47.65 55.67 -3.75
C ALA D 101 -46.31 56.31 -4.11
N ASP D 102 -46.25 57.63 -4.01
CA ASP D 102 -45.01 58.37 -4.23
C ASP D 102 -44.07 58.19 -3.05
N ASP D 103 -44.64 58.21 -1.85
CA ASP D 103 -43.89 57.98 -0.63
C ASP D 103 -43.39 56.54 -0.60
N ALA D 104 -44.26 55.62 -1.03
CA ALA D 104 -43.92 54.21 -1.11
C ALA D 104 -42.72 54.00 -2.02
N ARG D 105 -42.66 54.73 -3.12
CA ARG D 105 -41.54 54.66 -4.03
C ARG D 105 -40.27 55.20 -3.41
N GLN D 106 -40.36 56.41 -2.85
CA GLN D 106 -39.21 57.08 -2.27
C GLN D 106 -38.60 56.24 -1.15
N LEU D 107 -39.44 55.50 -0.43
CA LEU D 107 -38.96 54.59 0.60
C LEU D 107 -38.02 53.53 0.01
N PHE D 108 -38.52 52.80 -0.98
CA PHE D 108 -37.73 51.75 -1.65
C PHE D 108 -36.52 52.32 -2.38
N VAL D 109 -36.69 53.51 -2.93
CA VAL D 109 -35.60 54.21 -3.60
C VAL D 109 -34.53 54.62 -2.58
N LEU D 110 -34.96 55.23 -1.49
CA LEU D 110 -34.02 55.69 -0.48
C LEU D 110 -33.41 54.50 0.25
N ALA D 111 -34.15 53.39 0.29
CA ALA D 111 -33.67 52.17 0.96
C ALA D 111 -32.51 51.51 0.20
N GLY D 112 -32.32 51.88 -1.05
CA GLY D 112 -31.31 51.25 -1.88
C GLY D 112 -29.92 51.84 -1.78
N ALA D 113 -29.82 53.04 -1.20
CA ALA D 113 -28.52 53.70 -1.10
C ALA D 113 -27.61 52.95 -0.15
N ALA D 114 -28.20 52.30 0.86
CA ALA D 114 -27.43 51.53 1.83
C ALA D 114 -28.22 50.34 2.36
N GLU D 115 -27.50 49.25 2.59
CA GLU D 115 -28.08 48.05 3.19
C GLU D 115 -28.13 48.14 4.72
N GLU D 116 -27.58 49.20 5.29
CA GLU D 116 -27.61 49.35 6.73
C GLU D 116 -28.52 50.51 7.11
N GLY D 117 -28.85 50.66 8.40
CA GLY D 117 -29.82 51.67 8.79
C GLY D 117 -29.37 53.10 8.94
N PHE D 118 -29.83 53.95 8.03
CA PHE D 118 -29.59 55.38 8.07
C PHE D 118 -30.93 56.09 8.21
N MET D 119 -30.94 57.26 8.83
CA MET D 119 -32.18 58.02 8.94
C MET D 119 -32.02 59.50 8.63
N THR D 120 -32.78 59.97 7.64
CA THR D 120 -32.76 61.38 7.27
C THR D 120 -34.15 61.96 7.41
N ALA D 121 -34.23 63.28 7.52
CA ALA D 121 -35.49 64.00 7.62
C ALA D 121 -36.42 63.64 6.47
N GLU D 122 -35.83 63.55 5.28
CA GLU D 122 -36.56 63.20 4.06
C GLU D 122 -37.17 61.81 4.18
N LEU D 123 -36.37 60.85 4.61
CA LEU D 123 -36.83 59.48 4.79
C LEU D 123 -37.82 59.34 5.96
N ALA D 124 -37.53 60.02 7.05
CA ALA D 124 -38.37 59.96 8.25
C ALA D 124 -39.78 60.49 7.95
N GLY D 125 -39.85 61.60 7.24
CA GLY D 125 -41.11 62.20 6.87
C GLY D 125 -41.93 61.26 6.01
N VAL D 126 -41.27 60.56 5.10
CA VAL D 126 -41.92 59.62 4.21
C VAL D 126 -42.52 58.43 4.98
N ILE D 127 -41.71 57.83 5.85
CA ILE D 127 -42.16 56.70 6.66
C ILE D 127 -43.33 57.09 7.54
N LYS D 128 -43.26 58.31 8.08
CA LYS D 128 -44.33 58.85 8.92
C LYS D 128 -45.64 58.95 8.12
N ARG D 129 -45.56 59.54 6.93
CA ARG D 129 -46.71 59.68 6.05
C ARG D 129 -47.35 58.34 5.76
N LEU D 130 -46.50 57.34 5.55
CA LEU D 130 -46.95 55.97 5.37
C LEU D 130 -47.68 55.46 6.60
N TRP D 131 -47.08 55.65 7.78
CA TRP D 131 -47.64 55.12 9.02
C TRP D 131 -49.01 55.70 9.37
N LYS D 132 -49.21 56.99 9.07
CA LYS D 132 -50.49 57.63 9.34
C LYS D 132 -51.57 57.24 8.33
N ASP D 133 -51.16 56.79 7.15
CA ASP D 133 -52.10 56.45 6.09
C ASP D 133 -53.00 55.29 6.50
N SER D 134 -54.29 55.42 6.22
CA SER D 134 -55.28 54.45 6.66
C SER D 134 -55.12 53.10 5.97
N GLY D 135 -54.59 53.12 4.75
CA GLY D 135 -54.35 51.90 4.00
C GLY D 135 -53.25 51.06 4.62
N VAL D 136 -52.17 51.73 5.04
CA VAL D 136 -51.03 51.06 5.64
C VAL D 136 -51.43 50.49 7.00
N GLN D 137 -52.22 51.27 7.74
CA GLN D 137 -52.74 50.86 9.04
C GLN D 137 -53.67 49.66 8.93
N ALA D 138 -54.45 49.63 7.86
CA ALA D 138 -55.37 48.52 7.61
C ALA D 138 -54.56 47.26 7.34
N CYS D 139 -53.39 47.43 6.73
CA CYS D 139 -52.49 46.31 6.50
C CYS D 139 -51.78 45.93 7.78
N PHE D 140 -51.56 46.92 8.65
CA PHE D 140 -50.92 46.68 9.94
C PHE D 140 -51.80 45.80 10.84
N ASN D 141 -53.10 46.08 10.88
CA ASN D 141 -54.01 45.31 11.72
C ASN D 141 -54.15 43.88 11.21
N ARG D 142 -53.76 43.69 9.96
CA ARG D 142 -53.78 42.39 9.28
C ARG D 142 -52.43 41.68 9.38
N SER D 143 -51.53 42.23 10.19
CA SER D 143 -50.15 41.73 10.32
C SER D 143 -50.04 40.24 10.64
N ARG D 144 -51.11 39.65 11.14
CA ARG D 144 -51.12 38.22 11.43
C ARG D 144 -51.03 37.37 10.16
N GLU D 145 -51.15 38.03 9.02
CA GLU D 145 -51.11 37.34 7.73
C GLU D 145 -49.73 37.37 7.08
N TYR D 146 -48.78 38.03 7.73
CA TYR D 146 -47.42 38.09 7.22
C TYR D 146 -46.38 38.29 8.33
N GLN D 147 -45.12 38.04 8.02
CA GLN D 147 -44.04 38.19 8.99
C GLN D 147 -43.75 39.67 9.28
N LEU D 148 -43.83 40.05 10.54
CA LEU D 148 -43.58 41.43 10.95
C LEU D 148 -43.02 41.49 12.37
N ASN D 149 -42.17 42.48 12.63
CA ASN D 149 -41.57 42.67 13.95
C ASN D 149 -42.58 43.08 15.02
N ASP D 150 -42.38 42.58 16.24
CA ASP D 150 -43.22 42.96 17.38
C ASP D 150 -42.92 44.37 17.87
N SER D 151 -41.71 44.85 17.57
CA SER D 151 -41.30 46.19 17.99
C SER D 151 -41.62 47.23 16.91
N ALA D 152 -42.31 46.79 15.86
CA ALA D 152 -42.61 47.63 14.70
C ALA D 152 -43.37 48.91 15.06
N ALA D 153 -44.55 48.75 15.68
CA ALA D 153 -45.38 49.90 16.02
C ALA D 153 -44.75 50.74 17.11
N TYR D 154 -43.90 50.11 17.92
CA TYR D 154 -43.18 50.80 18.98
C TYR D 154 -42.28 51.89 18.39
N TYR D 155 -41.51 51.51 17.35
CA TYR D 155 -40.61 52.45 16.70
C TYR D 155 -41.37 53.47 15.86
N LEU D 156 -42.39 53.00 15.14
CA LEU D 156 -43.11 53.84 14.20
C LEU D 156 -43.97 54.90 14.87
N ASN D 157 -44.45 54.62 16.07
CA ASN D 157 -45.20 55.61 16.84
C ASN D 157 -44.28 56.62 17.51
N ASP D 158 -43.07 56.20 17.81
CA ASP D 158 -42.05 57.04 18.43
C ASP D 158 -41.11 57.67 17.42
N LEU D 159 -41.44 57.51 16.14
CA LEU D 159 -40.59 57.99 15.04
C LEU D 159 -40.09 59.42 15.21
N ASP D 160 -40.95 60.31 15.70
CA ASP D 160 -40.57 61.70 15.93
C ASP D 160 -39.35 61.83 16.84
N ARG D 161 -39.27 60.94 17.83
CA ARG D 161 -38.12 60.90 18.73
C ARG D 161 -36.93 60.25 18.03
N ILE D 162 -37.20 59.19 17.29
CA ILE D 162 -36.17 58.42 16.59
C ILE D 162 -35.56 59.20 15.42
N ALA D 163 -36.36 60.05 14.80
CA ALA D 163 -35.93 60.81 13.63
C ALA D 163 -34.96 61.95 13.95
N GLN D 164 -34.75 62.21 15.24
CA GLN D 164 -33.90 63.33 15.64
C GLN D 164 -32.45 63.12 15.22
N PRO D 165 -31.76 64.21 14.87
CA PRO D 165 -30.35 64.15 14.45
C PRO D 165 -29.42 63.80 15.61
N ASN D 166 -29.74 64.29 16.80
CA ASN D 166 -28.92 64.04 17.98
C ASN D 166 -29.42 62.84 18.76
N TYR D 167 -30.41 62.16 18.20
CA TYR D 167 -31.07 61.03 18.87
C TYR D 167 -30.09 59.94 19.31
N ILE D 168 -30.27 59.49 20.54
CA ILE D 168 -29.53 58.34 21.04
C ILE D 168 -30.55 57.33 21.57
N PRO D 169 -30.34 56.04 21.28
CA PRO D 169 -31.32 55.04 21.71
C PRO D 169 -31.40 54.90 23.22
N THR D 170 -32.61 54.82 23.74
CA THR D 170 -32.83 54.54 25.15
C THR D 170 -32.56 53.08 25.44
N GLN D 171 -32.67 52.69 26.70
CA GLN D 171 -32.49 51.29 27.07
C GLN D 171 -33.70 50.47 26.62
N GLN D 172 -34.84 51.12 26.52
CA GLN D 172 -36.03 50.47 26.01
C GLN D 172 -35.89 50.20 24.52
N ASP D 173 -35.27 51.14 23.81
CA ASP D 173 -35.01 50.99 22.38
C ASP D 173 -34.09 49.81 22.09
N VAL D 174 -33.00 49.69 22.86
CA VAL D 174 -32.02 48.64 22.65
C VAL D 174 -32.61 47.25 22.84
N LEU D 175 -33.46 47.10 23.85
CA LEU D 175 -34.10 45.82 24.12
C LEU D 175 -35.02 45.43 22.97
N ARG D 176 -35.64 46.45 22.36
CA ARG D 176 -36.60 46.22 21.30
C ARG D 176 -35.97 45.73 20.00
N THR D 177 -34.69 46.04 19.81
CA THR D 177 -33.99 45.67 18.59
C THR D 177 -33.88 44.16 18.42
N ARG D 178 -33.96 43.69 17.17
CA ARG D 178 -33.88 42.27 16.88
C ARG D 178 -32.68 41.95 15.99
N VAL D 179 -31.85 41.03 16.45
CA VAL D 179 -30.66 40.59 15.70
C VAL D 179 -30.42 39.10 15.94
N LYS D 180 -30.04 38.38 14.89
CA LYS D 180 -29.81 36.94 14.97
C LYS D 180 -28.35 36.56 14.75
N THR D 181 -27.75 35.91 15.74
CA THR D 181 -26.39 35.40 15.61
C THR D 181 -26.37 33.88 15.73
N THR D 182 -25.70 33.23 14.78
CA THR D 182 -25.63 31.76 14.75
C THR D 182 -24.70 31.21 15.83
N GLY D 183 -23.57 31.88 16.02
CA GLY D 183 -22.63 31.46 17.04
C GLY D 183 -23.24 31.58 18.41
N ILE D 184 -22.89 30.67 19.31
CA ILE D 184 -23.44 30.68 20.66
C ILE D 184 -22.97 31.91 21.45
N VAL D 185 -23.91 32.53 22.16
CA VAL D 185 -23.60 33.73 22.93
C VAL D 185 -23.55 33.42 24.42
N GLU D 186 -22.40 33.68 25.03
CA GLU D 186 -22.20 33.42 26.45
C GLU D 186 -22.03 34.72 27.23
N THR D 187 -22.59 34.77 28.44
CA THR D 187 -22.46 35.95 29.29
C THR D 187 -22.21 35.55 30.74
N HIS D 188 -21.57 36.45 31.49
CA HIS D 188 -21.25 36.19 32.89
C HIS D 188 -21.81 37.29 33.79
N PHE D 189 -22.32 36.90 34.96
CA PHE D 189 -22.70 37.87 35.98
C PHE D 189 -22.78 37.25 37.38
N THR D 190 -22.75 38.10 38.39
CA THR D 190 -22.82 37.65 39.78
C THR D 190 -23.99 38.28 40.52
N PHE D 191 -24.83 37.44 41.13
CA PHE D 191 -25.97 37.93 41.89
C PHE D 191 -26.13 37.06 43.15
N LYS D 192 -26.12 37.70 44.32
CA LYS D 192 -26.20 37.01 45.61
C LYS D 192 -25.01 36.08 45.89
N ASP D 193 -23.80 36.57 45.61
CA ASP D 193 -22.55 35.85 45.84
C ASP D 193 -22.40 34.64 44.91
N LEU D 194 -23.37 34.45 44.03
CA LEU D 194 -23.36 33.35 43.06
C LEU D 194 -22.95 33.80 41.66
N HIS D 195 -22.13 32.99 40.99
CA HIS D 195 -21.69 33.28 39.63
C HIS D 195 -22.53 32.56 38.57
N PHE D 196 -22.88 33.28 37.51
CA PHE D 196 -23.81 32.74 36.50
C PHE D 196 -23.23 32.74 35.08
N LYS D 197 -23.48 31.63 34.37
CA LYS D 197 -23.21 31.55 32.93
C LYS D 197 -24.49 31.26 32.15
N MET D 198 -24.95 32.22 31.36
CA MET D 198 -26.15 32.02 30.55
C MET D 198 -25.79 31.71 29.11
N PHE D 199 -26.33 30.61 28.58
CA PHE D 199 -25.95 30.15 27.24
C PHE D 199 -27.11 30.23 26.24
N ASP D 200 -26.91 30.98 25.16
CA ASP D 200 -27.87 31.04 24.08
C ASP D 200 -27.28 30.45 22.80
N VAL D 201 -27.85 29.33 22.34
CA VAL D 201 -27.41 28.71 21.10
C VAL D 201 -27.74 29.59 19.89
N GLY D 202 -28.68 30.52 20.09
CA GLY D 202 -29.01 31.49 19.07
C GLY D 202 -29.64 30.99 17.79
N ALA D 203 -29.03 31.36 16.68
CA ALA D 203 -29.49 31.01 15.34
C ALA D 203 -28.83 29.74 14.82
N GLN D 204 -28.27 28.96 15.73
CA GLN D 204 -27.58 27.73 15.37
C GLN D 204 -28.46 26.84 14.48
N ARG D 205 -28.00 26.63 13.25
CA ARG D 205 -28.74 25.84 12.27
C ARG D 205 -28.09 24.48 12.06
N SER D 206 -28.76 23.47 12.59
CA SER D 206 -28.29 22.08 12.58
C SER D 206 -29.43 21.21 13.07
N GLU D 207 -29.17 19.92 13.24
CA GLU D 207 -30.15 19.05 13.88
C GLU D 207 -29.91 19.05 15.39
N ARG D 208 -30.89 19.52 16.15
CA ARG D 208 -30.75 19.72 17.60
C ARG D 208 -30.44 18.46 18.38
N LYS D 209 -30.83 17.31 17.82
CA LYS D 209 -30.72 16.03 18.50
C LYS D 209 -29.29 15.69 18.93
N LYS D 210 -28.31 16.14 18.15
CA LYS D 210 -26.93 15.78 18.38
C LYS D 210 -26.24 16.59 19.49
N TRP D 211 -26.56 17.87 19.60
CA TRP D 211 -25.86 18.71 20.57
C TRP D 211 -26.61 18.90 21.89
N ILE D 212 -27.81 18.34 22.00
CA ILE D 212 -28.64 18.57 23.18
C ILE D 212 -28.03 17.93 24.44
N HIS D 213 -27.33 16.81 24.27
CA HIS D 213 -26.77 16.08 25.39
C HIS D 213 -25.52 16.77 25.95
N CYS D 214 -24.97 17.68 25.16
CA CYS D 214 -23.79 18.44 25.57
C CYS D 214 -24.06 19.31 26.79
N PHE D 215 -25.32 19.69 26.97
CA PHE D 215 -25.72 20.58 28.06
C PHE D 215 -26.21 19.83 29.29
N GLU D 216 -26.08 18.50 29.29
CA GLU D 216 -26.46 17.71 30.44
C GLU D 216 -25.73 18.19 31.69
N GLY D 217 -26.49 18.45 32.75
CA GLY D 217 -25.92 18.85 34.02
C GLY D 217 -25.90 20.34 34.27
N VAL D 218 -26.51 21.12 33.37
CA VAL D 218 -26.68 22.56 33.62
C VAL D 218 -27.72 22.75 34.72
N THR D 219 -27.56 23.82 35.50
CA THR D 219 -28.40 24.04 36.66
C THR D 219 -29.89 24.17 36.30
N ALA D 220 -30.21 25.10 35.41
CA ALA D 220 -31.60 25.29 35.02
C ALA D 220 -31.75 25.70 33.55
N ILE D 221 -32.90 25.39 32.98
CA ILE D 221 -33.23 25.77 31.61
C ILE D 221 -34.39 26.76 31.56
N ILE D 222 -34.15 27.92 30.94
CA ILE D 222 -35.21 28.89 30.73
C ILE D 222 -35.77 28.75 29.31
N PHE D 223 -37.01 28.28 29.23
CA PHE D 223 -37.67 28.03 27.95
C PHE D 223 -38.60 29.16 27.57
N CYS D 224 -38.29 29.87 26.49
CA CYS D 224 -39.06 31.03 26.06
C CYS D 224 -40.16 30.64 25.08
N VAL D 225 -41.37 31.07 25.37
CA VAL D 225 -42.54 30.84 24.52
C VAL D 225 -43.20 32.16 24.19
N ALA D 226 -43.48 32.40 22.91
CA ALA D 226 -44.17 33.61 22.54
C ALA D 226 -45.68 33.36 22.53
N LEU D 227 -46.38 33.98 23.49
CA LEU D 227 -47.83 33.86 23.60
C LEU D 227 -48.55 34.39 22.38
N SER D 228 -48.02 35.49 21.82
CA SER D 228 -48.69 36.21 20.75
C SER D 228 -48.66 35.46 19.41
N ASP D 229 -47.94 34.35 19.36
CA ASP D 229 -47.86 33.54 18.14
C ASP D 229 -49.13 32.74 17.90
N TYR D 230 -50.06 32.80 18.85
CA TYR D 230 -51.23 31.91 18.83
C TYR D 230 -52.12 32.15 17.62
N ASP D 231 -52.22 33.41 17.17
CA ASP D 231 -53.09 33.74 16.06
C ASP D 231 -52.35 33.75 14.73
N LEU D 232 -51.10 33.33 14.74
CA LEU D 232 -50.27 33.30 13.54
C LEU D 232 -50.26 31.93 12.88
N VAL D 233 -50.18 31.92 11.55
CA VAL D 233 -50.17 30.67 10.79
C VAL D 233 -48.75 30.10 10.67
N ASN D 241 -48.96 25.25 13.03
CA ASN D 241 -49.21 26.28 14.01
C ASN D 241 -47.98 26.55 14.86
N ARG D 242 -47.51 27.79 14.86
CA ARG D 242 -46.27 28.18 15.52
C ARG D 242 -46.30 27.83 17.00
N MET D 243 -47.46 27.97 17.61
CA MET D 243 -47.65 27.67 19.02
C MET D 243 -47.52 26.18 19.29
N HIS D 244 -48.22 25.38 18.49
CA HIS D 244 -48.18 23.93 18.65
C HIS D 244 -46.79 23.38 18.37
N GLU D 245 -46.06 24.06 17.48
CA GLU D 245 -44.68 23.68 17.20
C GLU D 245 -43.84 23.91 18.45
N SER D 246 -44.18 24.97 19.20
CA SER D 246 -43.48 25.27 20.45
C SER D 246 -43.78 24.21 21.50
N MET D 247 -45.02 23.73 21.52
CA MET D 247 -45.42 22.69 22.46
C MET D 247 -44.61 21.41 22.19
N LYS D 248 -44.48 21.08 20.92
CA LYS D 248 -43.70 19.91 20.51
C LYS D 248 -42.25 20.00 20.99
N LEU D 249 -41.66 21.19 20.85
CA LEU D 249 -40.30 21.43 21.30
C LEU D 249 -40.18 21.30 22.81
N PHE D 250 -41.14 21.86 23.53
CA PHE D 250 -41.12 21.82 24.98
C PHE D 250 -41.30 20.39 25.49
N ASP D 251 -42.16 19.63 24.80
CA ASP D 251 -42.35 18.22 25.11
C ASP D 251 -41.02 17.48 25.01
N SER D 252 -40.22 17.84 24.00
CA SER D 252 -38.92 17.21 23.79
C SER D 252 -37.92 17.60 24.89
N ILE D 253 -37.89 18.90 25.21
CA ILE D 253 -36.93 19.41 26.19
C ILE D 253 -37.28 19.00 27.63
N CYS D 254 -38.52 19.26 28.03
CA CYS D 254 -38.95 19.03 29.40
C CYS D 254 -38.84 17.57 29.83
N ASN D 255 -39.22 16.66 28.94
CA ASN D 255 -39.22 15.23 29.25
C ASN D 255 -37.90 14.57 28.89
N ASN D 256 -36.94 15.37 28.45
CA ASN D 256 -35.65 14.85 28.01
C ASN D 256 -34.85 14.25 29.18
N LYS D 257 -34.30 13.06 28.95
CA LYS D 257 -33.55 12.34 29.97
C LYS D 257 -32.29 13.07 30.39
N TRP D 258 -31.71 13.85 29.49
CA TRP D 258 -30.45 14.52 29.77
C TRP D 258 -30.62 15.67 30.77
N PHE D 259 -31.83 16.21 30.82
CA PHE D 259 -32.16 17.34 31.67
C PHE D 259 -32.83 16.95 32.99
N THR D 260 -32.86 15.66 33.27
CA THR D 260 -33.55 15.11 34.44
C THR D 260 -33.27 15.86 35.75
N ASP D 261 -32.00 16.15 36.02
CA ASP D 261 -31.65 16.87 37.24
C ASP D 261 -31.61 18.39 37.01
N THR D 262 -31.97 18.81 35.81
CA THR D 262 -32.00 20.24 35.48
C THR D 262 -33.40 20.80 35.73
N SER D 263 -33.47 21.90 36.48
CA SER D 263 -34.74 22.54 36.78
C SER D 263 -35.37 23.13 35.52
N ILE D 264 -36.63 22.80 35.28
CA ILE D 264 -37.33 23.26 34.09
C ILE D 264 -38.11 24.54 34.36
N ILE D 265 -37.63 25.64 33.79
CA ILE D 265 -38.26 26.93 33.92
C ILE D 265 -38.94 27.34 32.61
N LEU D 266 -40.21 27.75 32.71
CA LEU D 266 -40.99 28.08 31.53
C LEU D 266 -41.37 29.56 31.51
N PHE D 267 -40.82 30.30 30.56
CA PHE D 267 -41.22 31.69 30.37
C PHE D 267 -42.29 31.78 29.29
N LEU D 268 -43.48 32.21 29.67
CA LEU D 268 -44.48 32.54 28.68
C LEU D 268 -44.37 34.04 28.44
N ASN D 269 -43.81 34.38 27.28
CA ASN D 269 -43.38 35.74 27.01
C ASN D 269 -44.40 36.53 26.20
N LYS D 270 -44.08 37.80 25.97
CA LYS D 270 -44.93 38.69 25.18
C LYS D 270 -46.36 38.74 25.70
N LYS D 271 -46.51 38.79 27.02
CA LYS D 271 -47.85 38.81 27.61
C LYS D 271 -48.51 40.17 27.38
N ASP D 272 -47.69 41.19 27.13
CA ASP D 272 -48.19 42.52 26.80
C ASP D 272 -48.88 42.49 25.45
N LEU D 273 -48.29 41.77 24.49
CA LEU D 273 -48.86 41.62 23.16
C LEU D 273 -50.11 40.75 23.23
N PHE D 274 -49.98 39.63 23.93
CA PHE D 274 -51.07 38.65 24.04
C PHE D 274 -52.33 39.26 24.65
N GLU D 275 -52.15 40.15 25.63
CA GLU D 275 -53.29 40.76 26.30
C GLU D 275 -54.09 41.67 25.37
N GLU D 276 -53.38 42.40 24.50
CA GLU D 276 -54.04 43.27 23.54
C GLU D 276 -54.61 42.48 22.37
N LYS D 277 -53.82 41.50 21.92
CA LYS D 277 -54.17 40.68 20.77
C LYS D 277 -55.39 39.80 21.03
N ILE D 278 -55.53 39.33 22.26
CA ILE D 278 -56.65 38.46 22.63
C ILE D 278 -57.99 39.20 22.56
N LYS D 279 -57.93 40.53 22.47
CA LYS D 279 -59.13 41.34 22.34
C LYS D 279 -59.73 41.22 20.95
N LYS D 280 -58.88 40.88 19.98
CA LYS D 280 -59.30 40.79 18.59
C LYS D 280 -59.36 39.34 18.11
N SER D 281 -58.22 38.66 18.10
CA SER D 281 -58.15 37.28 17.62
C SER D 281 -58.51 36.30 18.73
N PRO D 282 -59.57 35.50 18.51
CA PRO D 282 -60.01 34.49 19.47
C PRO D 282 -58.99 33.37 19.63
N LEU D 283 -58.98 32.72 20.80
CA LEU D 283 -58.01 31.67 21.07
C LEU D 283 -58.35 30.38 20.31
N THR D 284 -59.61 30.25 19.89
CA THR D 284 -60.04 29.06 19.14
C THR D 284 -59.25 28.91 17.84
N ILE D 285 -58.69 30.01 17.37
CA ILE D 285 -57.77 29.99 16.24
C ILE D 285 -56.60 29.05 16.53
N CYS D 286 -55.99 29.21 17.68
CA CYS D 286 -54.85 28.38 18.08
C CYS D 286 -55.29 27.04 18.66
N TYR D 287 -56.29 27.09 19.55
CA TYR D 287 -56.83 25.88 20.18
C TYR D 287 -58.34 25.80 19.94
N PRO D 288 -58.74 25.11 18.87
CA PRO D 288 -60.15 25.02 18.48
C PRO D 288 -61.02 24.31 19.51
N GLU D 289 -60.41 23.52 20.39
CA GLU D 289 -61.14 22.78 21.42
C GLU D 289 -61.40 23.62 22.66
N TYR D 290 -60.94 24.86 22.64
CA TYR D 290 -61.03 25.75 23.79
C TYR D 290 -62.45 26.30 23.97
N ALA D 291 -63.07 25.97 25.10
CA ALA D 291 -64.46 26.34 25.38
C ALA D 291 -64.62 27.58 26.26
N GLY D 292 -63.50 28.20 26.63
CA GLY D 292 -63.54 29.32 27.55
C GLY D 292 -63.79 30.68 26.93
N SER D 293 -64.01 31.67 27.80
CA SER D 293 -64.21 33.06 27.38
C SER D 293 -62.91 33.61 26.81
N ASN D 294 -62.99 34.70 26.06
CA ASN D 294 -61.76 35.34 25.63
C ASN D 294 -61.43 36.50 26.54
N THR D 295 -60.49 36.23 27.45
CA THR D 295 -59.99 37.21 28.41
C THR D 295 -58.52 36.94 28.58
N TYR D 296 -57.75 37.96 28.94
CA TYR D 296 -56.31 37.80 29.08
C TYR D 296 -55.94 36.72 30.09
N GLU D 297 -56.63 36.72 31.22
CA GLU D 297 -56.27 35.83 32.34
C GLU D 297 -56.62 34.36 32.05
N GLU D 298 -57.85 34.11 31.60
CA GLU D 298 -58.30 32.75 31.33
C GLU D 298 -57.55 32.15 30.16
N ALA D 299 -57.41 32.91 29.07
CA ALA D 299 -56.70 32.43 27.88
C ALA D 299 -55.23 32.13 28.15
N ALA D 300 -54.57 33.01 28.92
CA ALA D 300 -53.17 32.82 29.26
C ALA D 300 -52.98 31.57 30.11
N ALA D 301 -53.94 31.33 31.00
CA ALA D 301 -53.88 30.18 31.89
C ALA D 301 -54.08 28.88 31.11
N TYR D 302 -54.94 28.92 30.10
CA TYR D 302 -55.18 27.75 29.27
C TYR D 302 -53.91 27.29 28.55
N ILE D 303 -53.22 28.25 27.94
CA ILE D 303 -51.97 27.96 27.24
C ILE D 303 -50.95 27.35 28.19
N GLN D 304 -50.89 27.90 29.40
CA GLN D 304 -50.03 27.37 30.46
C GLN D 304 -50.30 25.90 30.72
N CYS D 305 -51.57 25.55 30.80
CA CYS D 305 -51.98 24.16 31.05
C CYS D 305 -51.52 23.23 29.93
N GLN D 306 -51.60 23.72 28.69
CA GLN D 306 -51.24 22.91 27.53
C GLN D 306 -49.77 22.54 27.54
N PHE D 307 -48.91 23.50 27.91
CA PHE D 307 -47.48 23.28 27.96
C PHE D 307 -47.12 22.37 29.14
N GLU D 308 -47.83 22.53 30.24
CA GLU D 308 -47.51 21.78 31.46
C GLU D 308 -48.06 20.36 31.42
N ASP D 309 -49.07 20.11 30.59
CA ASP D 309 -49.61 18.75 30.45
C ASP D 309 -48.59 17.86 29.72
N LEU D 310 -47.69 18.49 28.98
CA LEU D 310 -46.69 17.77 28.21
C LEU D 310 -45.68 17.08 29.10
N ASN D 311 -45.68 17.46 30.38
CA ASN D 311 -44.77 16.86 31.35
C ASN D 311 -45.18 15.41 31.66
N LYS D 312 -44.27 14.48 31.38
CA LYS D 312 -44.52 13.07 31.65
C LYS D 312 -43.93 12.69 33.00
N ARG D 313 -43.22 13.65 33.57
CA ARG D 313 -42.50 13.51 34.82
C ARG D 313 -43.21 14.11 36.05
N LYS D 314 -44.49 14.45 35.90
CA LYS D 314 -45.22 15.27 36.86
C LYS D 314 -44.99 14.92 38.33
N ASP D 315 -44.85 13.63 38.64
CA ASP D 315 -44.61 13.20 40.02
C ASP D 315 -43.20 13.49 40.51
N THR D 316 -42.28 13.71 39.57
CA THR D 316 -40.89 13.94 39.92
C THR D 316 -40.50 15.37 39.57
N LYS D 317 -40.53 15.68 38.28
CA LYS D 317 -40.19 17.02 37.81
C LYS D 317 -41.35 17.97 37.98
N GLU D 318 -41.03 19.23 38.28
CA GLU D 318 -42.04 20.27 38.35
C GLU D 318 -41.69 21.39 37.39
N ILE D 319 -42.70 21.90 36.68
CA ILE D 319 -42.47 23.00 35.76
C ILE D 319 -42.79 24.32 36.46
N TYR D 320 -41.77 25.15 36.63
CA TYR D 320 -41.94 26.43 37.28
C TYR D 320 -42.22 27.49 36.24
N THR D 321 -43.45 27.98 36.23
CA THR D 321 -43.95 28.81 35.14
C THR D 321 -44.04 30.28 35.52
N HIS D 322 -43.69 31.15 34.58
CA HIS D 322 -43.77 32.58 34.78
C HIS D 322 -44.35 33.25 33.55
N PHE D 323 -45.11 34.32 33.77
CA PHE D 323 -45.63 35.12 32.67
C PHE D 323 -44.85 36.40 32.59
N THR D 324 -44.03 36.52 31.55
CA THR D 324 -43.04 37.57 31.49
C THR D 324 -43.23 38.49 30.29
N CYS D 325 -42.86 39.76 30.47
CA CYS D 325 -42.67 40.68 29.36
C CYS D 325 -41.19 41.08 29.37
N SER D 326 -40.44 40.57 28.40
CA SER D 326 -38.98 40.69 28.45
C SER D 326 -38.45 42.08 28.15
N THR D 327 -39.30 42.96 27.64
CA THR D 327 -38.89 44.35 27.44
C THR D 327 -39.03 45.13 28.74
N ASP D 328 -39.76 44.57 29.70
CA ASP D 328 -39.95 45.22 30.98
C ASP D 328 -38.87 44.76 31.94
N THR D 329 -37.96 45.68 32.26
CA THR D 329 -36.82 45.36 33.11
C THR D 329 -37.27 44.99 34.53
N LYS D 330 -38.27 45.70 35.03
CA LYS D 330 -38.80 45.42 36.36
C LYS D 330 -39.43 44.03 36.45
N ASN D 331 -40.25 43.70 35.46
CA ASN D 331 -40.91 42.40 35.44
C ASN D 331 -39.90 41.27 35.31
N VAL D 332 -38.87 41.48 34.50
CA VAL D 332 -37.80 40.50 34.38
C VAL D 332 -37.06 40.36 35.69
N GLN D 333 -36.74 41.50 36.29
CA GLN D 333 -36.01 41.53 37.56
C GLN D 333 -36.71 40.72 38.65
N PHE D 334 -38.00 40.97 38.80
CA PHE D 334 -38.80 40.27 39.79
C PHE D 334 -38.82 38.77 39.50
N VAL D 335 -39.09 38.41 38.25
CA VAL D 335 -39.19 37.02 37.86
C VAL D 335 -37.86 36.30 38.02
N PHE D 336 -36.77 36.96 37.66
CA PHE D 336 -35.46 36.34 37.74
C PHE D 336 -35.03 36.15 39.19
N ASP D 337 -35.53 37.01 40.08
CA ASP D 337 -35.31 36.86 41.52
C ASP D 337 -35.99 35.60 42.04
N ALA D 338 -37.19 35.34 41.52
CA ALA D 338 -37.91 34.12 41.85
C ALA D 338 -37.23 32.90 41.25
N VAL D 339 -36.63 33.09 40.07
CA VAL D 339 -35.86 32.04 39.40
C VAL D 339 -34.67 31.62 40.26
N THR D 340 -34.00 32.61 40.84
CA THR D 340 -32.87 32.38 41.73
C THR D 340 -33.27 31.52 42.92
N ASP D 341 -34.42 31.86 43.52
CA ASP D 341 -34.92 31.15 44.69
C ASP D 341 -35.20 29.68 44.37
N VAL D 342 -35.73 29.44 43.17
CA VAL D 342 -36.02 28.08 42.72
C VAL D 342 -34.74 27.26 42.63
N ILE D 343 -33.70 27.87 42.08
CA ILE D 343 -32.39 27.24 41.94
C ILE D 343 -31.79 26.85 43.30
N ILE D 344 -31.83 27.79 44.23
CA ILE D 344 -31.29 27.57 45.58
C ILE D 344 -32.04 26.45 46.30
N LYS D 345 -33.37 26.47 46.21
CA LYS D 345 -34.20 25.46 46.85
C LYS D 345 -33.92 24.07 46.29
N ASN D 346 -33.97 23.94 44.97
CA ASN D 346 -33.81 22.65 44.31
C ASN D 346 -32.36 22.16 44.37
N ASN D 347 -31.42 23.09 44.19
CA ASN D 347 -30.01 22.75 44.28
C ASN D 347 -29.29 23.58 45.35
N LEU D 348 -28.95 22.93 46.46
CA LEU D 348 -28.08 23.53 47.47
C LEU D 348 -27.49 22.45 48.38
N SER E 1 -48.01 22.02 -14.24
CA SER E 1 -47.15 21.73 -15.39
C SER E 1 -45.71 21.44 -14.96
N ALA E 2 -45.22 22.22 -14.01
CA ALA E 2 -43.89 22.02 -13.44
C ALA E 2 -43.86 20.77 -12.55
N MET E 3 -45.00 20.45 -11.95
CA MET E 3 -45.11 19.29 -11.08
C MET E 3 -44.91 18.01 -11.89
N SER E 4 -45.34 18.04 -13.14
CA SER E 4 -45.16 16.91 -14.04
C SER E 4 -43.66 16.67 -14.26
N GLU E 5 -42.88 17.75 -14.19
CA GLU E 5 -41.44 17.69 -14.36
C GLU E 5 -40.72 17.15 -13.13
N LEU E 6 -41.26 17.41 -11.95
CA LEU E 6 -40.66 16.90 -10.72
C LEU E 6 -40.88 15.39 -10.63
N ASP E 7 -42.01 14.93 -11.16
CA ASP E 7 -42.32 13.51 -11.20
C ASP E 7 -41.38 12.78 -12.15
N GLN E 8 -41.02 13.45 -13.24
CA GLN E 8 -40.06 12.90 -14.21
C GLN E 8 -38.72 12.66 -13.53
N LEU E 9 -38.26 13.63 -12.76
CA LEU E 9 -36.99 13.53 -12.06
C LEU E 9 -37.05 12.45 -10.99
N ARG E 10 -38.24 12.26 -10.43
CA ARG E 10 -38.46 11.21 -9.45
C ARG E 10 -38.36 9.80 -10.05
N GLN E 11 -39.08 9.58 -11.14
CA GLN E 11 -39.11 8.27 -11.79
C GLN E 11 -37.76 7.88 -12.39
N GLU E 12 -37.03 8.87 -12.90
CA GLU E 12 -35.68 8.60 -13.41
C GLU E 12 -34.81 8.13 -12.25
N ALA E 13 -34.97 8.79 -11.11
CA ALA E 13 -34.24 8.43 -9.92
C ALA E 13 -34.58 7.01 -9.47
N GLU E 14 -35.86 6.64 -9.58
CA GLU E 14 -36.31 5.31 -9.20
C GLU E 14 -35.71 4.21 -10.07
N GLN E 15 -35.73 4.40 -11.39
CA GLN E 15 -35.14 3.42 -12.30
C GLN E 15 -33.64 3.32 -12.04
N LEU E 16 -32.99 4.46 -11.86
CA LEU E 16 -31.56 4.51 -11.59
C LEU E 16 -31.24 3.81 -10.27
N LYS E 17 -32.10 3.98 -9.28
CA LYS E 17 -31.93 3.28 -8.01
C LYS E 17 -32.00 1.77 -8.24
N ASN E 18 -32.95 1.36 -9.06
CA ASN E 18 -33.10 -0.06 -9.41
C ASN E 18 -31.94 -0.57 -10.26
N GLN E 19 -31.43 0.27 -11.15
CA GLN E 19 -30.31 -0.10 -12.01
C GLN E 19 -29.03 -0.31 -11.21
N ILE E 20 -28.79 0.59 -10.26
CA ILE E 20 -27.62 0.50 -9.38
C ILE E 20 -27.73 -0.72 -8.48
N ARG E 21 -28.95 -0.97 -8.00
CA ARG E 21 -29.26 -2.14 -7.18
C ARG E 21 -28.89 -3.44 -7.90
N ASP E 22 -29.23 -3.51 -9.19
CA ASP E 22 -28.94 -4.69 -10.00
C ASP E 22 -27.47 -4.79 -10.32
N ALA E 23 -26.80 -3.65 -10.45
CA ALA E 23 -25.38 -3.62 -10.73
C ALA E 23 -24.59 -4.10 -9.52
N ARG E 24 -25.06 -3.72 -8.34
CA ARG E 24 -24.43 -4.16 -7.10
C ARG E 24 -24.68 -5.66 -6.89
N LYS E 25 -25.85 -6.12 -7.31
CA LYS E 25 -26.20 -7.53 -7.22
C LYS E 25 -25.42 -8.35 -8.23
N ALA E 26 -25.20 -7.79 -9.41
CA ALA E 26 -24.40 -8.45 -10.44
C ALA E 26 -22.95 -8.58 -9.99
N CYS E 27 -22.50 -7.60 -9.22
CA CYS E 27 -21.13 -7.61 -8.71
C CYS E 27 -20.95 -8.65 -7.62
N ALA E 28 -22.04 -9.04 -6.96
CA ALA E 28 -21.88 -9.99 -5.88
C ALA E 28 -22.03 -11.41 -6.40
N ASP E 29 -20.90 -12.07 -6.56
CA ASP E 29 -20.82 -13.48 -6.87
C ASP E 29 -20.86 -14.28 -5.57
N ALA E 30 -20.21 -13.72 -4.56
CA ALA E 30 -20.11 -14.33 -3.24
C ALA E 30 -20.12 -13.23 -2.17
N THR E 31 -20.01 -13.64 -0.91
CA THR E 31 -20.02 -12.69 0.19
C THR E 31 -18.77 -12.81 1.03
N LEU E 32 -18.49 -11.78 1.84
CA LEU E 32 -17.32 -11.78 2.70
C LEU E 32 -17.40 -12.91 3.72
N SER E 33 -18.60 -13.17 4.22
CA SER E 33 -18.79 -14.24 5.20
C SER E 33 -18.57 -15.61 4.59
N GLN E 34 -18.90 -15.74 3.31
CA GLN E 34 -18.73 -17.00 2.59
C GLN E 34 -17.25 -17.31 2.36
N ILE E 35 -16.52 -16.31 1.89
CA ILE E 35 -15.13 -16.50 1.50
C ILE E 35 -14.21 -16.62 2.72
N THR E 36 -14.64 -16.08 3.86
CA THR E 36 -13.85 -16.12 5.07
C THR E 36 -14.20 -17.29 5.99
N ASN E 37 -15.11 -18.15 5.53
CA ASN E 37 -15.54 -19.30 6.34
C ASN E 37 -14.39 -20.21 6.69
N ASN E 38 -13.42 -20.34 5.78
CA ASN E 38 -12.27 -21.19 5.99
C ASN E 38 -11.18 -20.51 6.82
N ILE E 39 -11.36 -19.22 7.07
CA ILE E 39 -10.40 -18.45 7.84
C ILE E 39 -10.50 -18.79 9.33
N ASP E 40 -9.36 -19.18 9.90
CA ASP E 40 -9.28 -19.52 11.32
C ASP E 40 -9.53 -18.30 12.20
N PRO E 41 -10.51 -18.41 13.11
CA PRO E 41 -10.86 -17.32 14.04
C PRO E 41 -9.72 -16.94 14.98
N VAL E 42 -9.76 -15.72 15.48
CA VAL E 42 -8.74 -15.19 16.40
C VAL E 42 -8.74 -15.93 17.75
N GLY E 43 -9.91 -16.38 18.19
CA GLY E 43 -10.04 -16.97 19.50
C GLY E 43 -10.37 -15.92 20.54
N ARG E 44 -9.90 -16.10 21.77
CA ARG E 44 -10.14 -15.11 22.82
C ARG E 44 -8.86 -14.45 23.32
N ILE E 45 -8.65 -13.18 22.96
CA ILE E 45 -7.49 -12.44 23.43
C ILE E 45 -7.92 -11.32 24.40
N GLN E 46 -7.57 -11.47 25.67
CA GLN E 46 -7.96 -10.51 26.71
C GLN E 46 -6.95 -9.37 26.83
N MET E 47 -7.44 -8.13 26.93
CA MET E 47 -6.55 -6.99 27.12
C MET E 47 -6.77 -6.34 28.49
N ARG E 48 -5.92 -5.38 28.82
CA ARG E 48 -6.00 -4.69 30.11
C ARG E 48 -5.40 -3.28 29.99
N THR E 49 -5.86 -2.38 30.85
CA THR E 49 -5.37 -1.00 30.87
C THR E 49 -3.97 -0.86 31.46
N ARG E 50 -3.03 -0.37 30.63
CA ARG E 50 -1.66 -0.17 31.07
C ARG E 50 -1.38 1.26 31.53
N ARG E 51 -2.29 2.18 31.22
CA ARG E 51 -2.15 3.59 31.59
C ARG E 51 -3.51 4.23 31.81
N THR E 52 -3.61 5.09 32.82
CA THR E 52 -4.84 5.84 33.04
C THR E 52 -4.55 7.33 33.18
N LEU E 53 -5.02 8.11 32.21
CA LEU E 53 -4.74 9.54 32.16
C LEU E 53 -5.81 10.35 32.90
N ARG E 54 -5.39 11.06 33.94
CA ARG E 54 -6.29 11.85 34.77
C ARG E 54 -5.97 13.33 34.66
N GLY E 55 -6.92 14.18 35.07
CA GLY E 55 -6.77 15.62 34.95
C GLY E 55 -7.73 16.37 34.05
N HIS E 56 -8.59 15.66 33.31
CA HIS E 56 -9.70 16.34 32.65
C HIS E 56 -10.87 16.43 33.62
N LEU E 57 -11.49 17.61 33.70
CA LEU E 57 -12.51 17.88 34.70
C LEU E 57 -13.94 17.69 34.23
N ALA E 58 -14.12 17.37 32.96
CA ALA E 58 -15.46 17.22 32.41
C ALA E 58 -15.48 16.13 31.35
N LYS E 59 -16.59 16.04 30.62
CA LYS E 59 -16.74 15.03 29.57
C LYS E 59 -15.68 15.21 28.49
N ILE E 60 -14.97 14.12 28.18
CA ILE E 60 -14.03 14.12 27.07
C ILE E 60 -14.72 13.63 25.81
N TYR E 61 -14.86 14.53 24.83
CA TYR E 61 -15.59 14.20 23.61
C TYR E 61 -14.70 13.66 22.47
N ALA E 62 -13.39 13.81 22.59
CA ALA E 62 -12.50 13.37 21.51
C ALA E 62 -11.06 13.15 21.97
N MET E 63 -10.30 12.43 21.16
CA MET E 63 -8.86 12.28 21.35
C MET E 63 -8.19 11.96 20.02
N HIS E 64 -6.92 12.33 19.88
CA HIS E 64 -6.17 12.00 18.68
C HIS E 64 -4.70 11.68 18.98
N TRP E 65 -4.23 10.55 18.45
CA TRP E 65 -2.84 10.15 18.62
C TRP E 65 -1.88 11.01 17.80
N GLY E 66 -0.60 10.98 18.19
CA GLY E 66 0.46 11.55 17.39
C GLY E 66 0.95 10.51 16.39
N THR E 67 1.68 10.95 15.38
CA THR E 67 2.20 10.03 14.37
C THR E 67 3.36 9.21 14.92
N ASP E 68 3.90 9.63 16.07
CA ASP E 68 4.98 8.91 16.72
C ASP E 68 4.46 7.81 17.64
N SER E 69 3.13 7.66 17.68
CA SER E 69 2.48 6.66 18.52
C SER E 69 2.84 6.84 19.99
N ARG E 70 3.10 8.09 20.37
CA ARG E 70 3.46 8.43 21.73
C ARG E 70 2.57 9.55 22.26
N LEU E 71 2.69 10.73 21.65
CA LEU E 71 1.89 11.86 22.06
C LEU E 71 0.43 11.69 21.64
N LEU E 72 -0.48 12.20 22.47
CA LEU E 72 -1.89 12.22 22.12
C LEU E 72 -2.55 13.47 22.70
N VAL E 73 -3.64 13.90 22.07
CA VAL E 73 -4.40 15.05 22.54
C VAL E 73 -5.79 14.63 22.99
N SER E 74 -6.39 15.42 23.86
CA SER E 74 -7.74 15.15 24.31
C SER E 74 -8.54 16.45 24.41
N ALA E 75 -9.82 16.37 24.09
CA ALA E 75 -10.71 17.52 24.15
C ALA E 75 -11.85 17.28 25.13
N SER E 76 -11.89 18.10 26.18
CA SER E 76 -12.97 18.00 27.15
C SER E 76 -13.76 19.29 27.20
N GLN E 77 -15.00 19.20 27.68
CA GLN E 77 -15.89 20.36 27.70
C GLN E 77 -15.66 21.20 28.94
N ASP E 78 -14.64 20.84 29.72
CA ASP E 78 -14.16 21.69 30.79
C ASP E 78 -13.50 22.95 30.22
N GLY E 79 -13.30 22.95 28.90
CA GLY E 79 -12.72 24.08 28.21
C GLY E 79 -11.22 24.00 28.04
N LYS E 80 -10.68 22.80 28.12
CA LYS E 80 -9.23 22.61 28.06
C LYS E 80 -8.81 21.56 27.04
N LEU E 81 -7.71 21.84 26.34
CA LEU E 81 -7.03 20.85 25.52
C LEU E 81 -5.74 20.41 26.19
N ILE E 82 -5.52 19.10 26.27
CA ILE E 82 -4.30 18.58 26.87
C ILE E 82 -3.56 17.65 25.92
N ILE E 83 -2.31 17.98 25.63
CA ILE E 83 -1.43 17.10 24.87
C ILE E 83 -0.72 16.19 25.85
N TRP E 84 -0.85 14.88 25.67
CA TRP E 84 -0.26 13.93 26.61
C TRP E 84 0.94 13.19 26.05
N ASP E 85 1.90 12.92 26.93
CA ASP E 85 2.92 11.93 26.64
C ASP E 85 2.41 10.62 27.23
N SER E 86 2.03 9.68 26.38
CA SER E 86 1.35 8.48 26.83
C SER E 86 2.26 7.53 27.59
N TYR E 87 3.56 7.65 27.34
CA TYR E 87 4.55 6.78 27.99
C TYR E 87 4.77 7.16 29.46
N THR E 88 5.05 8.43 29.71
CA THR E 88 5.36 8.91 31.05
C THR E 88 4.13 9.47 31.75
N THR E 89 3.02 9.52 31.03
CA THR E 89 1.77 10.13 31.48
C THR E 89 1.96 11.61 31.84
N ASN E 90 2.98 12.23 31.27
CA ASN E 90 3.23 13.65 31.47
C ASN E 90 2.34 14.51 30.58
N LYS E 91 1.76 15.56 31.15
CA LYS E 91 0.99 16.51 30.36
C LYS E 91 1.94 17.45 29.65
N VAL E 92 1.91 17.44 28.32
CA VAL E 92 2.81 18.27 27.53
C VAL E 92 2.34 19.71 27.49
N HIS E 93 1.06 19.91 27.21
CA HIS E 93 0.47 21.24 27.14
C HIS E 93 -0.95 21.27 27.67
N ALA E 94 -1.35 22.42 28.21
CA ALA E 94 -2.74 22.63 28.58
C ALA E 94 -3.25 23.92 27.96
N ILE E 95 -4.19 23.79 27.02
CA ILE E 95 -4.67 24.93 26.26
C ILE E 95 -6.09 25.32 26.65
N PRO E 96 -6.26 26.51 27.25
CA PRO E 96 -7.59 27.04 27.57
C PRO E 96 -8.35 27.39 26.28
N LEU E 97 -9.62 27.01 26.22
CA LEU E 97 -10.42 27.25 25.02
C LEU E 97 -11.33 28.46 25.18
N ARG E 98 -11.43 29.25 24.11
CA ARG E 98 -12.30 30.42 24.10
C ARG E 98 -13.76 30.00 24.06
N SER E 99 -13.99 28.78 23.59
CA SER E 99 -15.32 28.19 23.63
C SER E 99 -15.27 26.85 24.36
N SER E 100 -16.02 26.75 25.45
CA SER E 100 -16.01 25.56 26.29
C SER E 100 -16.81 24.41 25.66
N TRP E 101 -17.48 24.68 24.56
CA TRP E 101 -18.28 23.65 23.91
C TRP E 101 -17.51 23.10 22.71
N VAL E 102 -17.00 21.87 22.88
CA VAL E 102 -16.09 21.29 21.90
C VAL E 102 -16.42 19.83 21.57
N MET E 103 -16.76 19.58 20.31
CA MET E 103 -17.12 18.24 19.88
C MET E 103 -16.00 17.47 19.15
N THR E 104 -14.87 18.13 18.91
CA THR E 104 -13.78 17.49 18.17
C THR E 104 -12.41 18.10 18.41
N CYS E 105 -11.37 17.33 18.13
CA CYS E 105 -10.00 17.83 18.18
C CYS E 105 -9.11 17.08 17.18
N ALA E 106 -8.01 17.71 16.77
CA ALA E 106 -7.10 17.09 15.81
C ALA E 106 -5.64 17.49 16.03
N TYR E 107 -4.73 16.55 15.74
CA TYR E 107 -3.31 16.77 15.90
C TYR E 107 -2.61 16.62 14.55
N ALA E 108 -1.98 17.69 14.08
CA ALA E 108 -1.30 17.69 12.79
C ALA E 108 -0.22 16.62 12.71
N PRO E 109 -0.10 15.96 11.54
CA PRO E 109 0.89 14.89 11.33
C PRO E 109 2.32 15.41 11.50
N SER E 110 2.51 16.69 11.19
CA SER E 110 3.81 17.32 11.35
C SER E 110 4.10 17.62 12.82
N GLY E 111 3.04 17.69 13.62
CA GLY E 111 3.17 17.98 15.04
C GLY E 111 3.31 19.45 15.36
N ASN E 112 3.23 20.30 14.34
CA ASN E 112 3.34 21.73 14.53
C ASN E 112 2.07 22.37 15.06
N TYR E 113 0.92 21.78 14.73
CA TYR E 113 -0.36 22.38 15.06
C TYR E 113 -1.35 21.40 15.69
N VAL E 114 -2.33 21.95 16.39
CA VAL E 114 -3.42 21.17 16.98
C VAL E 114 -4.72 21.96 16.80
N ALA E 115 -5.80 21.26 16.47
CA ALA E 115 -7.08 21.93 16.23
C ALA E 115 -8.17 21.42 17.17
N CYS E 116 -9.20 22.24 17.33
CA CYS E 116 -10.38 21.88 18.11
C CYS E 116 -11.58 22.70 17.65
N GLY E 117 -12.78 22.24 17.97
CA GLY E 117 -13.99 22.93 17.58
C GLY E 117 -15.24 22.34 18.19
N GLY E 118 -16.39 22.95 17.90
CA GLY E 118 -17.62 22.59 18.57
C GLY E 118 -18.77 23.52 18.22
N LEU E 119 -19.71 23.65 19.16
CA LEU E 119 -20.92 24.44 18.96
C LEU E 119 -20.65 25.92 18.68
N ASP E 120 -19.40 26.34 18.87
CA ASP E 120 -18.98 27.69 18.52
C ASP E 120 -18.87 27.89 17.01
N ASN E 121 -19.06 26.80 16.26
CA ASN E 121 -18.99 26.81 14.80
C ASN E 121 -17.65 27.27 14.27
N ILE E 122 -16.59 27.04 15.05
CA ILE E 122 -15.26 27.52 14.67
C ILE E 122 -14.21 26.44 14.89
N CYS E 123 -13.33 26.28 13.90
CA CYS E 123 -12.17 25.41 14.03
C CYS E 123 -10.96 26.27 14.36
N SER E 124 -10.43 26.12 15.57
CA SER E 124 -9.29 26.93 15.98
C SER E 124 -7.99 26.15 15.86
N ILE E 125 -7.05 26.72 15.11
CA ILE E 125 -5.75 26.10 14.92
C ILE E 125 -4.74 26.72 15.87
N TYR E 126 -4.15 25.91 16.74
CA TYR E 126 -3.20 26.41 17.73
C TYR E 126 -1.77 26.08 17.32
N ASN E 127 -0.92 27.10 17.34
CA ASN E 127 0.49 26.93 17.00
C ASN E 127 1.28 26.56 18.25
N LEU E 128 2.03 25.46 18.18
CA LEU E 128 2.73 24.94 19.35
C LEU E 128 4.17 25.44 19.45
N LYS E 129 4.58 26.27 18.49
CA LYS E 129 5.95 26.77 18.47
C LYS E 129 6.00 28.29 18.53
N GLY E 133 7.61 28.83 24.96
CA GLY E 133 6.95 28.81 26.25
C GLY E 133 5.59 28.12 26.19
N ASN E 134 4.53 28.93 26.12
CA ASN E 134 3.18 28.39 26.06
C ASN E 134 2.62 28.36 24.63
N VAL E 135 1.37 27.92 24.52
CA VAL E 135 0.75 27.72 23.21
C VAL E 135 -0.31 28.77 22.92
N ARG E 136 -0.29 29.35 21.73
CA ARG E 136 -1.30 30.31 21.32
C ARG E 136 -1.92 29.98 19.97
N VAL E 137 -3.16 30.40 19.78
CA VAL E 137 -3.90 30.14 18.54
C VAL E 137 -3.28 30.87 17.35
N SER E 138 -3.28 30.21 16.20
CA SER E 138 -2.81 30.82 14.96
C SER E 138 -4.00 31.28 14.13
N ARG E 139 -4.82 30.31 13.72
CA ARG E 139 -5.99 30.60 12.89
C ARG E 139 -7.29 30.16 13.55
N GLU E 140 -8.34 30.95 13.33
CA GLU E 140 -9.69 30.55 13.69
C GLU E 140 -10.52 30.46 12.43
N LEU E 141 -10.89 29.23 12.05
CA LEU E 141 -11.60 29.01 10.80
C LEU E 141 -13.11 28.97 11.02
N ALA E 142 -13.79 30.02 10.57
CA ALA E 142 -15.24 30.14 10.76
C ALA E 142 -15.99 30.05 9.43
N GLY E 143 -17.31 30.15 9.50
CA GLY E 143 -18.13 30.09 8.30
C GLY E 143 -19.01 28.86 8.16
N HIS E 144 -18.74 27.83 8.95
CA HIS E 144 -19.64 26.69 9.02
C HIS E 144 -20.85 27.13 9.84
N THR E 145 -22.05 26.96 9.29
CA THR E 145 -23.26 27.41 9.99
C THR E 145 -23.73 26.36 10.98
N GLY E 146 -23.21 25.14 10.86
CA GLY E 146 -23.52 24.10 11.83
C GLY E 146 -22.33 23.83 12.72
N TYR E 147 -22.54 22.99 13.73
CA TYR E 147 -21.49 22.67 14.69
C TYR E 147 -20.37 21.87 14.04
N LEU E 148 -19.17 21.95 14.60
CA LEU E 148 -18.04 21.22 14.03
C LEU E 148 -17.92 19.84 14.66
N SER E 149 -18.24 18.82 13.88
CA SER E 149 -18.24 17.45 14.35
C SER E 149 -16.86 16.78 14.30
N CYS E 150 -16.08 17.11 13.27
CA CYS E 150 -14.77 16.49 13.10
C CYS E 150 -13.82 17.31 12.23
N CYS E 151 -12.52 17.09 12.41
CA CYS E 151 -11.50 17.72 11.57
C CYS E 151 -10.21 16.90 11.51
N ARG E 152 -9.54 16.93 10.37
CA ARG E 152 -8.28 16.21 10.18
C ARG E 152 -7.29 17.02 9.35
N PHE E 153 -6.05 17.13 9.83
CA PHE E 153 -5.01 17.84 9.09
C PHE E 153 -4.46 16.98 7.95
N LEU E 154 -4.46 17.53 6.74
CA LEU E 154 -3.73 16.92 5.64
C LEU E 154 -2.24 17.22 5.82
N ASP E 155 -1.98 18.51 6.04
CA ASP E 155 -0.65 19.00 6.39
C ASP E 155 -0.84 20.32 7.13
N ASP E 156 0.26 21.06 7.31
CA ASP E 156 0.20 22.33 8.02
C ASP E 156 -0.64 23.35 7.25
N ASN E 157 -0.73 23.18 5.93
CA ASN E 157 -1.49 24.10 5.09
C ASN E 157 -2.91 23.65 4.76
N GLN E 158 -3.25 22.40 5.10
CA GLN E 158 -4.56 21.85 4.74
C GLN E 158 -5.20 21.04 5.86
N ILE E 159 -6.50 21.25 6.06
CA ILE E 159 -7.27 20.50 7.05
C ILE E 159 -8.68 20.26 6.51
N VAL E 160 -9.21 19.06 6.75
CA VAL E 160 -10.54 18.72 6.26
C VAL E 160 -11.54 18.60 7.42
N THR E 161 -12.67 19.28 7.28
CA THR E 161 -13.66 19.37 8.36
C THR E 161 -15.04 18.86 7.95
N SER E 162 -15.84 18.52 8.96
CA SER E 162 -17.24 18.14 8.75
C SER E 162 -18.11 18.96 9.70
N SER E 163 -19.35 19.22 9.32
CA SER E 163 -20.19 20.11 10.12
C SER E 163 -21.67 19.73 10.14
N GLY E 164 -22.39 20.31 11.09
CA GLY E 164 -23.82 20.08 11.24
C GLY E 164 -24.64 20.79 10.18
N ASP E 165 -23.97 21.53 9.30
CA ASP E 165 -24.64 22.23 8.21
C ASP E 165 -24.74 21.32 6.98
N THR E 166 -24.39 20.05 7.19
CA THR E 166 -24.52 18.95 6.22
C THR E 166 -23.38 18.92 5.20
N THR E 167 -22.47 19.88 5.29
CA THR E 167 -21.35 19.94 4.35
C THR E 167 -20.01 19.66 5.02
N CYS E 168 -19.12 18.99 4.30
CA CYS E 168 -17.71 18.92 4.69
C CYS E 168 -16.98 20.07 4.01
N ALA E 169 -15.69 20.22 4.32
CA ALA E 169 -14.91 21.30 3.70
C ALA E 169 -13.41 21.01 3.64
N LEU E 170 -12.77 21.53 2.59
CA LEU E 170 -11.32 21.58 2.53
C LEU E 170 -10.87 23.01 2.77
N TRP E 171 -9.94 23.19 3.72
CA TRP E 171 -9.51 24.52 4.11
C TRP E 171 -8.09 24.86 3.68
N ASP E 172 -7.89 26.13 3.31
CA ASP E 172 -6.55 26.67 3.19
C ASP E 172 -6.22 27.41 4.47
N ILE E 173 -5.32 26.84 5.26
CA ILE E 173 -5.01 27.36 6.58
C ILE E 173 -4.25 28.68 6.49
N GLU E 174 -3.37 28.77 5.49
CA GLU E 174 -2.56 29.95 5.25
C GLU E 174 -3.39 31.23 5.10
N THR E 175 -4.35 31.20 4.19
CA THR E 175 -5.24 32.34 3.99
C THR E 175 -6.36 32.39 5.03
N GLY E 176 -6.65 31.24 5.63
CA GLY E 176 -7.72 31.15 6.59
C GLY E 176 -9.08 31.01 5.89
N GLN E 177 -9.02 30.76 4.59
CA GLN E 177 -10.22 30.69 3.77
C GLN E 177 -10.48 29.26 3.27
N GLN E 178 -11.76 28.96 3.06
CA GLN E 178 -12.19 27.65 2.59
C GLN E 178 -11.83 27.41 1.12
N THR E 179 -11.12 26.31 0.86
CA THR E 179 -10.71 25.96 -0.50
C THR E 179 -11.81 25.20 -1.24
N THR E 180 -12.15 24.01 -0.76
CA THR E 180 -13.13 23.16 -1.43
C THR E 180 -14.32 22.79 -0.54
N THR E 181 -15.53 23.07 -1.02
CA THR E 181 -16.75 22.74 -0.29
C THR E 181 -17.40 21.46 -0.82
N PHE E 182 -17.71 20.54 0.09
CA PHE E 182 -18.30 19.26 -0.27
C PHE E 182 -19.78 19.21 0.10
N THR E 183 -20.64 19.11 -0.90
CA THR E 183 -22.09 19.17 -0.71
C THR E 183 -22.81 17.92 -1.22
N GLY E 184 -24.07 17.75 -0.82
CA GLY E 184 -24.84 16.57 -1.17
C GLY E 184 -25.26 15.64 -0.05
N HIS E 185 -24.80 15.87 1.17
CA HIS E 185 -25.37 15.18 2.32
C HIS E 185 -26.68 15.85 2.73
N THR E 186 -27.70 15.06 3.03
CA THR E 186 -29.02 15.60 3.37
C THR E 186 -29.22 15.75 4.88
N GLY E 187 -28.17 15.47 5.65
CA GLY E 187 -28.23 15.58 7.10
C GLY E 187 -26.89 15.99 7.68
N ASP E 188 -26.87 16.29 8.98
CA ASP E 188 -25.64 16.71 9.65
C ASP E 188 -24.55 15.66 9.52
N VAL E 189 -23.35 16.10 9.16
CA VAL E 189 -22.23 15.18 8.98
C VAL E 189 -21.42 15.03 10.27
N MET E 190 -21.51 13.85 10.87
CA MET E 190 -20.92 13.60 12.19
C MET E 190 -19.43 13.25 12.18
N SER E 191 -18.95 12.66 11.09
CA SER E 191 -17.59 12.13 11.07
C SER E 191 -16.97 12.07 9.68
N LEU E 192 -15.66 11.95 9.62
CA LEU E 192 -14.95 11.75 8.36
C LEU E 192 -13.68 10.93 8.56
N SER E 193 -13.23 10.28 7.49
CA SER E 193 -11.98 9.53 7.52
C SER E 193 -11.23 9.68 6.21
N LEU E 194 -9.96 10.05 6.29
CA LEU E 194 -9.13 10.23 5.10
C LEU E 194 -8.62 8.91 4.54
N ALA E 195 -8.43 8.87 3.22
CA ALA E 195 -7.74 7.77 2.58
C ALA E 195 -6.27 7.83 2.95
N PRO E 196 -5.57 6.67 2.92
CA PRO E 196 -4.15 6.61 3.25
C PRO E 196 -3.28 7.63 2.50
N ASP E 197 -3.61 7.87 1.23
CA ASP E 197 -2.84 8.81 0.42
C ASP E 197 -3.41 10.22 0.49
N THR E 198 -4.47 10.39 1.28
CA THR E 198 -5.18 11.66 1.45
C THR E 198 -5.73 12.17 0.11
N ARG E 199 -5.93 11.24 -0.82
CA ARG E 199 -6.56 11.56 -2.10
C ARG E 199 -8.08 11.62 -1.97
N LEU E 200 -8.64 10.74 -1.13
CA LEU E 200 -10.08 10.67 -0.94
C LEU E 200 -10.42 10.68 0.55
N PHE E 201 -11.69 10.94 0.87
CA PHE E 201 -12.17 10.79 2.23
C PHE E 201 -13.66 10.47 2.27
N VAL E 202 -14.06 9.70 3.28
CA VAL E 202 -15.45 9.29 3.44
C VAL E 202 -16.08 9.96 4.64
N SER E 203 -17.40 10.15 4.59
CA SER E 203 -18.11 10.85 5.66
C SER E 203 -19.39 10.13 6.08
N GLY E 204 -19.58 9.98 7.39
CA GLY E 204 -20.84 9.49 7.92
C GLY E 204 -21.74 10.65 8.28
N ALA E 205 -23.06 10.43 8.24
CA ALA E 205 -24.01 11.52 8.48
C ALA E 205 -25.34 11.03 9.04
N CYS E 206 -26.21 11.98 9.39
CA CYS E 206 -27.51 11.69 9.98
C CYS E 206 -28.52 11.19 8.94
N ASP E 207 -28.12 11.15 7.69
CA ASP E 207 -28.97 10.67 6.61
C ASP E 207 -28.85 9.16 6.44
N ALA E 208 -28.10 8.54 7.36
CA ALA E 208 -27.91 7.10 7.40
C ALA E 208 -27.16 6.60 6.16
N SER E 209 -26.36 7.49 5.58
CA SER E 209 -25.57 7.14 4.40
C SER E 209 -24.13 7.62 4.53
N ALA E 210 -23.22 6.90 3.89
CA ALA E 210 -21.82 7.29 3.83
C ALA E 210 -21.44 7.68 2.40
N LYS E 211 -20.58 8.68 2.25
CA LYS E 211 -20.21 9.16 0.93
C LYS E 211 -18.69 9.29 0.74
N LEU E 212 -18.19 8.71 -0.35
CA LEU E 212 -16.79 8.86 -0.71
C LEU E 212 -16.62 10.12 -1.54
N TRP E 213 -15.69 10.99 -1.12
CA TRP E 213 -15.48 12.25 -1.83
C TRP E 213 -14.13 12.30 -2.54
N ASP E 214 -14.12 13.02 -3.67
CA ASP E 214 -12.88 13.36 -4.35
C ASP E 214 -12.42 14.70 -3.79
N VAL E 215 -11.21 14.73 -3.25
CA VAL E 215 -10.68 15.95 -2.63
C VAL E 215 -10.33 16.98 -3.68
N ARG E 216 -9.64 16.55 -4.73
CA ARG E 216 -9.21 17.44 -5.79
C ARG E 216 -10.37 18.07 -6.54
N GLU E 217 -11.30 17.23 -6.98
CA GLU E 217 -12.41 17.68 -7.82
C GLU E 217 -13.60 18.18 -7.00
N GLY E 218 -13.58 17.90 -5.70
CA GLY E 218 -14.59 18.42 -4.80
C GLY E 218 -15.99 17.92 -5.08
N MET E 219 -16.13 16.60 -5.22
CA MET E 219 -17.41 16.01 -5.56
C MET E 219 -17.57 14.61 -4.96
N CYS E 220 -18.82 14.20 -4.76
CA CYS E 220 -19.13 12.86 -4.29
C CYS E 220 -19.02 11.83 -5.41
N ARG E 221 -18.29 10.75 -5.14
CA ARG E 221 -18.14 9.66 -6.10
C ARG E 221 -19.19 8.59 -5.87
N GLN E 222 -19.16 7.95 -4.70
CA GLN E 222 -20.12 6.90 -4.40
C GLN E 222 -20.95 7.23 -3.16
N THR E 223 -22.12 6.60 -3.06
CA THR E 223 -22.99 6.76 -1.90
C THR E 223 -23.42 5.40 -1.35
N PHE E 224 -23.18 5.18 -0.07
CA PHE E 224 -23.46 3.90 0.57
C PHE E 224 -24.67 3.99 1.50
N THR E 225 -25.55 2.99 1.43
CA THR E 225 -26.76 2.98 2.23
C THR E 225 -26.95 1.67 2.99
N GLY E 226 -28.12 1.54 3.63
CA GLY E 226 -28.45 0.35 4.39
C GLY E 226 -28.50 0.56 5.89
N HIS E 227 -27.91 1.65 6.36
CA HIS E 227 -27.99 2.00 7.78
C HIS E 227 -29.39 2.54 8.11
N GLU E 228 -29.92 2.16 9.25
CA GLU E 228 -31.28 2.54 9.62
C GLU E 228 -31.33 3.78 10.53
N SER E 229 -30.16 4.29 10.90
CA SER E 229 -30.10 5.49 11.73
C SER E 229 -28.83 6.28 11.48
N ASP E 230 -28.63 7.34 12.27
CA ASP E 230 -27.50 8.25 12.10
C ASP E 230 -26.16 7.52 12.18
N ILE E 231 -25.21 7.95 11.36
CA ILE E 231 -23.85 7.41 11.39
C ILE E 231 -22.94 8.35 12.16
N ASN E 232 -22.52 7.93 13.36
CA ASN E 232 -21.70 8.78 14.22
C ASN E 232 -20.20 8.64 14.00
N ALA E 233 -19.78 7.57 13.33
CA ALA E 233 -18.36 7.29 13.18
C ALA E 233 -18.06 6.59 11.87
N ILE E 234 -16.86 6.82 11.36
CA ILE E 234 -16.42 6.20 10.12
C ILE E 234 -14.90 6.04 10.14
N CYS E 235 -14.39 4.94 9.58
CA CYS E 235 -12.95 4.73 9.54
C CYS E 235 -12.54 3.91 8.31
N PHE E 236 -11.44 4.29 7.69
CA PHE E 236 -10.92 3.59 6.52
C PHE E 236 -10.19 2.32 6.91
N PHE E 237 -10.40 1.25 6.16
CA PHE E 237 -9.58 0.05 6.29
C PHE E 237 -8.17 0.42 5.83
N PRO E 238 -7.14 -0.11 6.53
CA PRO E 238 -5.74 0.27 6.31
C PRO E 238 -5.28 0.32 4.85
N ASN E 239 -5.76 -0.59 3.99
CA ASN E 239 -5.31 -0.61 2.61
C ASN E 239 -6.03 0.42 1.73
N GLY E 240 -7.08 1.03 2.28
CA GLY E 240 -7.80 2.10 1.60
C GLY E 240 -8.88 1.67 0.63
N ASN E 241 -9.18 0.37 0.59
CA ASN E 241 -10.20 -0.15 -0.31
C ASN E 241 -11.55 -0.34 0.37
N ALA E 242 -11.62 -0.05 1.66
CA ALA E 242 -12.85 -0.27 2.43
C ALA E 242 -12.93 0.66 3.64
N PHE E 243 -14.13 0.77 4.21
CA PHE E 243 -14.33 1.55 5.42
C PHE E 243 -15.46 1.01 6.27
N ALA E 244 -15.38 1.24 7.58
CA ALA E 244 -16.40 0.76 8.52
C ALA E 244 -17.11 1.93 9.18
N THR E 245 -18.42 1.76 9.43
CA THR E 245 -19.22 2.84 10.01
C THR E 245 -19.89 2.44 11.32
N GLY E 246 -19.71 3.26 12.35
CA GLY E 246 -20.47 3.13 13.58
C GLY E 246 -21.73 3.97 13.50
N SER E 247 -22.79 3.53 14.18
CA SER E 247 -24.09 4.18 14.03
C SER E 247 -24.98 4.07 15.27
N ASP E 248 -26.04 4.88 15.30
CA ASP E 248 -27.00 4.87 16.39
C ASP E 248 -27.92 3.65 16.34
N ASP E 249 -27.80 2.86 15.29
CA ASP E 249 -28.60 1.65 15.15
C ASP E 249 -27.92 0.46 15.83
N ALA E 250 -26.82 0.76 16.51
CA ALA E 250 -26.04 -0.19 17.32
C ALA E 250 -25.17 -1.12 16.47
N THR E 251 -25.25 -0.96 15.15
CA THR E 251 -24.56 -1.85 14.24
C THR E 251 -23.38 -1.20 13.53
N CYS E 252 -22.38 -2.01 13.20
CA CYS E 252 -21.30 -1.58 12.33
C CYS E 252 -21.45 -2.24 10.97
N ARG E 253 -21.26 -1.46 9.91
CA ARG E 253 -21.40 -1.98 8.56
C ARG E 253 -20.14 -1.70 7.75
N LEU E 254 -19.59 -2.76 7.15
CA LEU E 254 -18.42 -2.65 6.30
C LEU E 254 -18.83 -2.45 4.84
N PHE E 255 -18.36 -1.37 4.25
CA PHE E 255 -18.64 -1.09 2.84
C PHE E 255 -17.34 -1.21 2.03
N ASP E 256 -17.45 -1.73 0.82
CA ASP E 256 -16.30 -1.83 -0.08
C ASP E 256 -16.44 -0.84 -1.23
N LEU E 257 -15.35 -0.16 -1.55
CA LEU E 257 -15.37 0.87 -2.58
C LEU E 257 -15.50 0.29 -3.99
N ARG E 258 -14.65 -0.69 -4.31
CA ARG E 258 -14.71 -1.31 -5.63
C ARG E 258 -16.01 -2.10 -5.82
N ALA E 259 -16.49 -2.74 -4.76
CA ALA E 259 -17.71 -3.52 -4.84
C ALA E 259 -18.93 -2.62 -4.80
N ASP E 260 -18.71 -1.38 -4.37
CA ASP E 260 -19.76 -0.36 -4.29
C ASP E 260 -20.96 -0.83 -3.49
N GLN E 261 -20.72 -1.52 -2.38
CA GLN E 261 -21.80 -2.00 -1.54
C GLN E 261 -21.34 -2.43 -0.16
N GLU E 262 -22.29 -2.86 0.65
CA GLU E 262 -22.03 -3.34 2.00
C GLU E 262 -21.54 -4.79 1.98
N LEU E 263 -20.36 -5.02 2.54
CA LEU E 263 -19.81 -6.37 2.63
C LEU E 263 -20.34 -7.17 3.81
N MET E 264 -20.42 -6.53 4.97
CA MET E 264 -20.69 -7.25 6.20
C MET E 264 -21.37 -6.38 7.26
N THR E 265 -22.24 -6.99 8.06
CA THR E 265 -22.87 -6.32 9.19
C THR E 265 -22.39 -6.90 10.51
N TYR E 266 -21.91 -6.03 11.40
CA TYR E 266 -21.47 -6.46 12.72
C TYR E 266 -22.48 -6.06 13.80
N SER E 267 -23.19 -7.04 14.34
CA SER E 267 -24.15 -6.78 15.40
C SER E 267 -24.36 -8.03 16.25
N HIS E 268 -24.84 -7.83 17.47
CA HIS E 268 -25.09 -8.92 18.40
C HIS E 268 -26.37 -8.64 19.16
N ASP E 269 -27.16 -9.68 19.40
CA ASP E 269 -28.36 -9.56 20.21
C ASP E 269 -28.05 -9.03 21.61
N ASN E 270 -28.99 -8.23 22.13
CA ASN E 270 -28.91 -7.58 23.45
C ASN E 270 -28.02 -6.34 23.46
N ILE E 271 -27.31 -6.07 22.37
CA ILE E 271 -26.60 -4.80 22.29
C ILE E 271 -27.39 -3.84 21.40
N ILE E 272 -28.12 -2.93 22.04
CA ILE E 272 -28.95 -1.95 21.33
C ILE E 272 -28.39 -0.53 21.38
N CYS E 273 -27.32 -0.31 22.13
CA CYS E 273 -26.83 1.05 22.36
C CYS E 273 -26.04 1.60 21.18
N GLY E 274 -26.01 2.92 21.06
CA GLY E 274 -25.33 3.59 19.96
C GLY E 274 -23.83 3.46 19.99
N ILE E 275 -23.21 3.63 18.82
CA ILE E 275 -21.76 3.50 18.66
C ILE E 275 -21.11 4.86 18.44
N THR E 276 -20.27 5.27 19.38
CA THR E 276 -19.65 6.59 19.34
C THR E 276 -18.43 6.64 18.43
N SER E 277 -17.67 5.55 18.38
CA SER E 277 -16.39 5.57 17.67
C SER E 277 -16.01 4.21 17.09
N VAL E 278 -15.24 4.24 16.00
CA VAL E 278 -14.71 3.03 15.40
C VAL E 278 -13.23 3.19 15.03
N SER E 279 -12.46 2.13 15.22
CA SER E 279 -11.07 2.12 14.76
C SER E 279 -10.59 0.70 14.44
N PHE E 280 -9.83 0.57 13.37
CA PHE E 280 -9.20 -0.69 12.98
C PHE E 280 -7.88 -0.94 13.70
N SER E 281 -7.48 -2.21 13.79
CA SER E 281 -6.12 -2.53 14.20
C SER E 281 -5.19 -2.25 13.02
N LYS E 282 -3.88 -2.40 13.23
CA LYS E 282 -2.91 -2.06 12.20
C LYS E 282 -3.08 -2.92 10.95
N SER E 283 -3.24 -4.22 11.14
CA SER E 283 -3.43 -5.14 10.03
C SER E 283 -4.85 -5.07 9.50
N GLY E 284 -5.73 -4.45 10.26
CA GLY E 284 -7.12 -4.28 9.85
C GLY E 284 -8.01 -5.45 10.17
N ARG E 285 -7.45 -6.49 10.79
CA ARG E 285 -8.21 -7.68 11.12
C ARG E 285 -9.21 -7.42 12.25
N LEU E 286 -8.85 -6.49 13.14
CA LEU E 286 -9.71 -6.18 14.29
C LEU E 286 -10.40 -4.83 14.14
N LEU E 287 -11.71 -4.81 14.36
CA LEU E 287 -12.48 -3.58 14.34
C LEU E 287 -12.98 -3.25 15.74
N LEU E 288 -12.58 -2.08 16.24
CA LEU E 288 -12.96 -1.64 17.58
C LEU E 288 -14.09 -0.63 17.52
N ALA E 289 -15.07 -0.79 18.40
CA ALA E 289 -16.22 0.12 18.40
C ALA E 289 -16.55 0.59 19.82
N GLY E 290 -16.58 1.91 20.01
CA GLY E 290 -17.01 2.48 21.28
C GLY E 290 -18.53 2.47 21.38
N TYR E 291 -19.04 2.14 22.56
CA TYR E 291 -20.48 2.02 22.76
C TYR E 291 -21.00 2.91 23.89
N ASP E 292 -22.31 3.10 23.91
CA ASP E 292 -22.98 3.88 24.95
C ASP E 292 -23.12 3.10 26.26
N ASP E 293 -22.77 1.81 26.21
CA ASP E 293 -22.96 0.92 27.35
C ASP E 293 -21.73 0.92 28.27
N PHE E 294 -20.82 1.85 27.99
CA PHE E 294 -19.59 2.11 28.76
C PHE E 294 -18.47 1.17 28.32
N ASN E 295 -18.79 0.25 27.40
CA ASN E 295 -17.79 -0.71 26.94
C ASN E 295 -17.21 -0.36 25.58
N CYS E 296 -16.24 -1.18 25.16
CA CYS E 296 -15.71 -1.15 23.80
C CYS E 296 -15.60 -2.58 23.30
N ASN E 297 -16.37 -2.91 22.27
CA ASN E 297 -16.40 -4.29 21.79
C ASN E 297 -15.44 -4.53 20.63
N VAL E 298 -14.71 -5.63 20.71
CA VAL E 298 -13.73 -6.00 19.70
C VAL E 298 -14.32 -7.04 18.74
N TRP E 299 -14.47 -6.65 17.48
CA TRP E 299 -15.08 -7.52 16.49
C TRP E 299 -14.05 -8.18 15.57
N ASP E 300 -14.31 -9.43 15.21
CA ASP E 300 -13.55 -10.10 14.16
C ASP E 300 -14.10 -9.62 12.82
N ALA E 301 -13.25 -8.98 12.02
CA ALA E 301 -13.70 -8.36 10.79
C ALA E 301 -14.12 -9.38 9.74
N LEU E 302 -13.39 -10.48 9.65
CA LEU E 302 -13.66 -11.50 8.65
C LEU E 302 -14.79 -12.46 9.06
N LYS E 303 -14.82 -12.85 10.33
CA LYS E 303 -15.75 -13.87 10.80
C LYS E 303 -17.07 -13.29 11.34
N ALA E 304 -17.11 -11.96 11.47
CA ALA E 304 -18.28 -11.23 11.98
C ALA E 304 -18.69 -11.63 13.39
N ASP E 305 -17.74 -12.13 14.17
CA ASP E 305 -18.00 -12.48 15.57
C ASP E 305 -17.21 -11.57 16.51
N ARG E 306 -17.69 -11.40 17.73
CA ARG E 306 -16.98 -10.56 18.71
C ARG E 306 -15.77 -11.29 19.28
N ALA E 307 -14.60 -10.69 19.12
CA ALA E 307 -13.36 -11.31 19.58
C ALA E 307 -12.98 -10.88 21.01
N GLY E 308 -13.66 -9.87 21.54
CA GLY E 308 -13.33 -9.37 22.86
C GLY E 308 -14.11 -8.16 23.33
N VAL E 309 -13.75 -7.65 24.50
CA VAL E 309 -14.41 -6.48 25.08
C VAL E 309 -13.44 -5.70 25.99
N LEU E 310 -13.58 -4.38 26.00
CA LEU E 310 -12.81 -3.55 26.92
C LEU E 310 -13.74 -2.71 27.79
N ALA E 311 -13.80 -2.99 29.09
CA ALA E 311 -14.53 -2.12 29.99
C ALA E 311 -13.63 -1.57 31.09
N GLY E 312 -13.20 -0.32 30.94
CA GLY E 312 -12.49 0.39 31.98
C GLY E 312 -13.22 1.61 32.54
N HIS E 313 -14.35 1.93 31.93
CA HIS E 313 -14.97 3.25 32.16
C HIS E 313 -16.32 3.18 32.85
N ASP E 314 -16.60 4.19 33.65
CA ASP E 314 -17.88 4.30 34.36
C ASP E 314 -18.88 5.09 33.53
N ASN E 315 -18.40 5.71 32.45
CA ASN E 315 -19.26 6.41 31.51
C ASN E 315 -19.01 5.94 30.07
N ARG E 316 -19.92 6.33 29.17
CA ARG E 316 -19.87 5.88 27.78
C ARG E 316 -18.56 6.26 27.10
N VAL E 317 -18.05 5.37 26.25
CA VAL E 317 -16.81 5.65 25.54
C VAL E 317 -17.14 6.56 24.37
N SER E 318 -16.64 7.79 24.41
CA SER E 318 -16.96 8.79 23.41
C SER E 318 -16.09 8.66 22.16
N CYS E 319 -14.88 8.16 22.36
CA CYS E 319 -13.92 8.09 21.26
C CYS E 319 -12.92 6.96 21.44
N LEU E 320 -12.36 6.51 20.33
CA LEU E 320 -11.33 5.49 20.34
C LEU E 320 -10.14 5.94 19.53
N GLY E 321 -9.00 5.28 19.73
CA GLY E 321 -7.87 5.47 18.87
C GLY E 321 -6.95 4.28 18.92
N VAL E 322 -6.24 4.06 17.82
CA VAL E 322 -5.26 3.00 17.72
C VAL E 322 -3.99 3.62 17.16
N THR E 323 -2.86 3.27 17.76
CA THR E 323 -1.59 3.83 17.32
C THR E 323 -1.30 3.40 15.89
N ASP E 324 -0.52 4.21 15.18
CA ASP E 324 -0.13 3.92 13.81
C ASP E 324 0.64 2.60 13.77
N ASP E 325 1.37 2.33 14.85
CA ASP E 325 2.11 1.08 14.99
C ASP E 325 1.20 -0.05 15.45
N GLY E 326 -0.04 0.30 15.82
CA GLY E 326 -1.01 -0.68 16.27
C GLY E 326 -0.62 -1.28 17.61
N MET E 327 0.27 -0.59 18.32
CA MET E 327 0.79 -1.09 19.59
C MET E 327 -0.17 -0.89 20.75
N ALA E 328 -0.98 0.16 20.67
CA ALA E 328 -1.85 0.51 21.78
C ALA E 328 -3.21 1.00 21.31
N VAL E 329 -4.23 0.77 22.15
CA VAL E 329 -5.57 1.26 21.89
C VAL E 329 -5.94 2.30 22.94
N ALA E 330 -6.34 3.47 22.50
CA ALA E 330 -6.71 4.53 23.43
C ALA E 330 -8.21 4.78 23.43
N THR E 331 -8.78 4.78 24.63
CA THR E 331 -10.19 5.07 24.79
C THR E 331 -10.36 6.38 25.55
N GLY E 332 -11.49 7.03 25.35
CA GLY E 332 -11.81 8.25 26.07
C GLY E 332 -13.30 8.29 26.29
N SER E 333 -13.73 9.01 27.32
CA SER E 333 -15.10 8.89 27.77
C SER E 333 -15.60 10.14 28.47
N TRP E 334 -16.87 10.11 28.86
CA TRP E 334 -17.49 11.20 29.59
C TRP E 334 -17.13 11.16 31.07
N ASP E 335 -16.42 10.12 31.49
CA ASP E 335 -16.02 9.97 32.89
C ASP E 335 -14.74 10.76 33.19
N SER E 336 -14.27 11.50 32.19
CA SER E 336 -13.14 12.43 32.30
C SER E 336 -11.78 11.73 32.33
N PHE E 337 -11.78 10.40 32.25
CA PHE E 337 -10.53 9.65 32.27
C PHE E 337 -10.18 9.08 30.90
N LEU E 338 -8.89 8.99 30.63
CA LEU E 338 -8.40 8.34 29.41
C LEU E 338 -7.71 7.04 29.80
N LYS E 339 -7.89 6.00 28.99
CA LYS E 339 -7.28 4.71 29.28
C LYS E 339 -6.61 4.10 28.05
N ILE E 340 -5.35 3.72 28.21
CA ILE E 340 -4.60 3.07 27.15
C ILE E 340 -4.58 1.56 27.35
N TRP E 341 -5.14 0.82 26.39
CA TRP E 341 -5.22 -0.63 26.55
C TRP E 341 -4.12 -1.29 25.75
N ASN E 342 -3.55 -2.36 26.30
CA ASN E 342 -2.44 -3.05 25.68
C ASN E 342 -2.27 -4.44 26.28
N SER F 8 -37.71 26.50 -8.86
CA SER F 8 -37.82 26.05 -7.48
C SER F 8 -37.72 24.52 -7.45
N ILE F 9 -37.44 23.97 -6.28
CA ILE F 9 -37.16 22.53 -6.10
C ILE F 9 -36.28 21.99 -7.24
N ALA F 10 -35.35 22.80 -7.72
CA ALA F 10 -34.50 22.41 -8.84
C ALA F 10 -33.37 21.50 -8.41
N GLN F 11 -33.20 21.31 -7.11
CA GLN F 11 -32.18 20.40 -6.60
C GLN F 11 -32.55 18.96 -6.94
N ALA F 12 -33.84 18.74 -7.24
CA ALA F 12 -34.32 17.44 -7.69
C ALA F 12 -33.60 17.02 -8.97
N ARG F 13 -33.23 18.01 -9.78
CA ARG F 13 -32.49 17.78 -11.00
C ARG F 13 -31.06 17.37 -10.68
N LYS F 14 -30.48 18.06 -9.71
CA LYS F 14 -29.11 17.83 -9.29
C LYS F 14 -28.91 16.40 -8.77
N LEU F 15 -29.91 15.89 -8.04
CA LEU F 15 -29.87 14.54 -7.52
C LEU F 15 -29.83 13.51 -8.65
N VAL F 16 -30.69 13.70 -9.64
CA VAL F 16 -30.72 12.82 -10.82
C VAL F 16 -29.38 12.77 -11.53
N GLU F 17 -28.77 13.94 -11.69
CA GLU F 17 -27.46 14.06 -12.34
C GLU F 17 -26.38 13.41 -11.49
N GLN F 18 -26.48 13.56 -10.18
CA GLN F 18 -25.53 12.94 -9.27
C GLN F 18 -25.62 11.41 -9.38
N LEU F 19 -26.84 10.90 -9.52
CA LEU F 19 -27.07 9.46 -9.69
C LEU F 19 -26.41 8.94 -10.97
N LYS F 20 -26.32 9.80 -11.98
CA LYS F 20 -25.66 9.45 -13.23
C LYS F 20 -24.17 9.27 -13.00
N MET F 21 -23.61 10.13 -12.16
CA MET F 21 -22.20 10.07 -11.80
C MET F 21 -21.91 8.89 -10.87
N GLU F 22 -22.88 8.57 -10.02
CA GLU F 22 -22.80 7.39 -9.16
C GLU F 22 -22.75 6.11 -9.97
N ALA F 23 -23.41 6.12 -11.12
CA ALA F 23 -23.57 4.92 -11.93
C ALA F 23 -22.26 4.53 -12.64
N ASN F 24 -21.50 5.52 -13.10
CA ASN F 24 -20.24 5.22 -13.77
C ASN F 24 -19.07 5.20 -12.81
N ILE F 25 -18.59 3.99 -12.52
CA ILE F 25 -17.47 3.73 -11.63
C ILE F 25 -16.91 2.35 -11.97
N ASP F 26 -15.68 2.07 -11.53
CA ASP F 26 -15.14 0.74 -11.69
C ASP F 26 -15.70 -0.17 -10.60
N ARG F 27 -16.40 -1.22 -11.01
CA ARG F 27 -17.00 -2.13 -10.04
C ARG F 27 -16.40 -3.53 -10.14
N ILE F 28 -15.84 -3.98 -9.02
CA ILE F 28 -15.18 -5.28 -8.93
C ILE F 28 -16.09 -6.28 -8.22
N LYS F 29 -16.07 -7.53 -8.68
CA LYS F 29 -16.84 -8.59 -8.03
C LYS F 29 -16.40 -8.77 -6.58
N VAL F 30 -17.36 -9.02 -5.70
CA VAL F 30 -17.13 -9.06 -4.26
C VAL F 30 -16.04 -10.03 -3.83
N SER F 31 -16.08 -11.24 -4.38
CA SER F 31 -15.12 -12.28 -4.01
C SER F 31 -13.68 -11.82 -4.22
N LYS F 32 -13.47 -10.99 -5.25
CA LYS F 32 -12.16 -10.42 -5.52
C LYS F 32 -11.80 -9.34 -4.52
N ALA F 33 -12.76 -8.46 -4.24
CA ALA F 33 -12.57 -7.39 -3.24
C ALA F 33 -12.39 -7.97 -1.84
N ALA F 34 -13.10 -9.07 -1.57
CA ALA F 34 -13.03 -9.72 -0.27
C ALA F 34 -11.68 -10.39 -0.06
N ALA F 35 -11.16 -11.01 -1.12
CA ALA F 35 -9.87 -11.69 -1.08
C ALA F 35 -8.72 -10.72 -0.83
N ASP F 36 -8.79 -9.55 -1.44
CA ASP F 36 -7.74 -8.54 -1.28
C ASP F 36 -7.65 -8.06 0.17
N LEU F 37 -8.80 -7.98 0.83
CA LEU F 37 -8.85 -7.57 2.23
C LEU F 37 -8.23 -8.65 3.11
N MET F 38 -8.52 -9.90 2.77
CA MET F 38 -7.92 -11.06 3.44
C MET F 38 -6.41 -11.08 3.27
N ALA F 39 -5.96 -10.79 2.05
CA ALA F 39 -4.54 -10.80 1.72
C ALA F 39 -3.73 -9.81 2.55
N TYR F 40 -4.28 -8.62 2.73
CA TYR F 40 -3.58 -7.56 3.48
C TYR F 40 -3.45 -7.93 4.95
N CYS F 41 -4.53 -8.44 5.53
CA CYS F 41 -4.53 -8.82 6.95
C CYS F 41 -3.44 -9.83 7.26
N GLU F 42 -3.37 -10.88 6.44
CA GLU F 42 -2.38 -11.93 6.63
C GLU F 42 -0.96 -11.46 6.37
N ALA F 43 -0.82 -10.48 5.47
CA ALA F 43 0.49 -9.92 5.17
C ALA F 43 1.09 -9.27 6.41
N HIS F 44 0.29 -8.48 7.10
CA HIS F 44 0.71 -7.78 8.30
C HIS F 44 0.32 -8.51 9.58
N ALA F 45 -0.23 -9.72 9.43
CA ALA F 45 -0.69 -10.50 10.59
C ALA F 45 0.40 -10.67 11.63
N LYS F 46 1.63 -10.92 11.18
CA LYS F 46 2.74 -11.06 12.10
C LYS F 46 3.16 -9.69 12.64
N GLU F 47 2.77 -8.65 11.91
CA GLU F 47 3.16 -7.29 12.26
C GLU F 47 2.16 -6.58 13.17
N ASP F 48 1.02 -7.22 13.43
CA ASP F 48 -0.01 -6.61 14.25
C ASP F 48 0.18 -6.96 15.72
N PRO F 49 0.48 -5.94 16.56
CA PRO F 49 0.75 -6.09 17.99
C PRO F 49 -0.48 -6.51 18.78
N LEU F 50 -1.67 -6.25 18.23
CA LEU F 50 -2.90 -6.61 18.91
C LEU F 50 -3.17 -8.11 18.75
N LEU F 51 -2.78 -8.66 17.59
CA LEU F 51 -2.82 -10.09 17.38
C LEU F 51 -1.61 -10.77 18.02
N THR F 52 -0.43 -10.21 17.78
CA THR F 52 0.82 -10.77 18.31
C THR F 52 1.31 -10.06 19.57
N PRO F 53 1.42 -10.80 20.68
CA PRO F 53 1.76 -10.30 22.02
C PRO F 53 3.22 -9.86 22.22
N VAL F 54 3.52 -8.63 21.86
CA VAL F 54 4.84 -8.02 22.09
C VAL F 54 5.25 -8.11 23.56
N PRO F 55 6.53 -8.48 23.82
CA PRO F 55 7.10 -8.62 25.16
C PRO F 55 6.90 -7.41 26.06
N ALA F 56 6.48 -7.64 27.30
CA ALA F 56 6.20 -6.56 28.25
C ALA F 56 7.44 -5.80 28.71
N SER F 57 8.62 -6.39 28.52
CA SER F 57 9.87 -5.76 28.93
C SER F 57 10.21 -4.54 28.07
N GLU F 58 10.20 -4.73 26.75
CA GLU F 58 10.62 -3.70 25.82
C GLU F 58 9.51 -2.69 25.58
N ASN F 59 8.28 -3.13 25.81
CA ASN F 59 7.10 -2.32 25.50
C ASN F 59 6.92 -1.14 26.45
N PRO F 60 6.61 0.04 25.88
CA PRO F 60 6.49 1.31 26.60
C PRO F 60 5.39 1.30 27.66
N PHE F 61 4.33 0.53 27.41
CA PHE F 61 3.23 0.40 28.36
C PHE F 61 3.34 -0.93 29.09
N ARG F 62 3.73 -0.90 30.36
CA ARG F 62 3.98 -2.15 31.08
C ARG F 62 3.63 -2.02 32.56
#